data_6TS8
#
_entry.id   6TS8
#
_cell.length_a   139.047
_cell.length_b   139.047
_cell.length_c   176.091
_cell.angle_alpha   90.00
_cell.angle_beta   90.00
_cell.angle_gamma   90.00
#
_symmetry.space_group_name_H-M   'P 43'
#
_entity_poly.entity_id   1
_entity_poly.type   'polypeptide(L)'
_entity_poly.pdbx_seq_one_letter_code
;SPSINVALKAAFPSPPYLVELLETAASDNTTIYYSLLDRIAKGHFAEATTDKALYEKFLEVLRDDGHMDPEALSAFKLAL
SLRTATPRVEAHYQYYTATVEPSLSGTQEGCDQWFLIDGEQYCSPTLDTSHGKVKGEDQLRTLPFDRKFCVGSRDVILYA
DITSKSFAPFHEVAMDLAKKGKASYRVRYRRSPSHSRESLSVNGYGVELVLKRTDYIVIDDRDTGAAAKPAEENDQKPLV
GHETVLDDGEEIADIKPLEKSELAALGMKAASFVMQSEKPFEALLKLTQDFPKYSNSLGSQNVSAEFEAEHRGNREVFLP
EGSNVLWLNGLHLIDRQIQPFGLVDLLTRERKLIKSVLDLGLTGQQAVDLLGHAEVAHAKSGDDEPRRFDWRDDIEEGQV
IIWLNNLEKDKRYKSFSPSIWVLIHHFGHGLPQIRRDVFNLVVPVDLTKADDVKIVVEGLLSFVKRLIPVRFGFVPLTPT
GQAIDQAKVVYYLLENYGLAAATAYLEKSYEEQSTGQPNERIFNEVIKDKSLRPDGVELSFKDIFISEKHEKQIHLSKHW
VERLRAGGDVPTVFFDGFPIPREDNWLRVMNHRLMQDLQALQQAGYFGMLNESMWLPGFFLEKALSRRNTLIFPEDKNEL
TVLNVNKIYIENHDLMSKVPVIEASKESTRDDWAALTVVADLDDIEGQELVYYALRFRKSNDGVRLDIVHNPKDTSRSPS
VLAQRLKSREDKLLDFTRFLDLETALETGEFEPDVAYDCSLANFLASSNMKAGDNFVILNGRVLGPITSADDFKKEDFEV
FLQAERRTRILPVYKALEDLGLDDKVSGPLSAAKLTSVTALSTISDLPQGIFDNAPTVRTTLFKQWNSTYTSFEVGDAST
ATIFFVAVINPASEIGQRWVAVLKVLSELEGVHLRVFLNPTVMIEELPVKRFYRYVLSSSPSFDESGKVKALSARFTGVP
RETLLVVGMDVPPAWLVTSKVAVDDLDNLRIKDIKAKRGTEHVEAIYELEHILIEGHSREIPGAHAPRGVQLVLETENNP
HFADTIIMANLGYFQFKANPGVYNIRLKEGRSSEIFTLESVGAKGWGPIPGDDNTEVVLMDFQGTTLYPRLRRKPGMEEE
DVLEPSTKSGEESGSGARNLVSRGIKFAEGLLGRGNKAAEATKSVSKTEHAEINIFSVASGHLYERMLNIMMASVMHHTN
HTVKFWFIEQFLSPSFKDFIPHMAAEYGFKYEMVTYKWPHWLRQQKEKQREIWGYKILFLDVLFPLSLDKVIFVDADQIV
RTDMYDLVEHPLDGAPYGFAPMCDSRVEMEGYRFWKTGYWANYLKGKPYHISALYVVDLQRFRELAAGDRLRQQYHALSA
DPNSLANLDQDLPNHMQFTIPI
;
_entity_poly.pdbx_strand_id   A,B
#
# COMPACT_ATOMS: atom_id res chain seq x y z
N SER A 1 -32.10 2.96 -38.15
CA SER A 1 -30.88 3.62 -37.54
C SER A 1 -29.71 3.60 -38.54
N PRO A 2 -28.90 4.67 -38.66
CA PRO A 2 -27.75 4.64 -39.58
C PRO A 2 -26.49 4.05 -38.96
N SER A 3 -26.26 2.76 -39.16
CA SER A 3 -25.10 2.09 -38.50
C SER A 3 -24.49 0.95 -39.33
N ILE A 4 -23.23 1.14 -39.76
CA ILE A 4 -22.34 0.08 -40.27
C ILE A 4 -22.01 -0.86 -39.10
N ASN A 5 -21.95 -2.15 -39.40
CA ASN A 5 -21.61 -3.18 -38.38
C ASN A 5 -20.35 -3.94 -38.78
N VAL A 6 -19.22 -3.60 -38.16
CA VAL A 6 -17.93 -4.26 -38.54
C VAL A 6 -17.31 -5.11 -37.40
N ALA A 7 -17.21 -6.42 -37.60
CA ALA A 7 -16.55 -7.35 -36.67
C ALA A 7 -15.26 -7.92 -37.27
N LEU A 8 -14.38 -8.41 -36.42
CA LEU A 8 -13.09 -9.02 -36.89
C LEU A 8 -12.97 -10.48 -36.46
N LYS A 9 -12.71 -11.39 -37.40
CA LYS A 9 -12.72 -12.83 -37.09
C LYS A 9 -11.42 -13.51 -37.56
N ALA A 10 -10.75 -14.26 -36.67
CA ALA A 10 -9.52 -15.00 -37.01
C ALA A 10 -9.89 -16.21 -37.87
N ALA A 11 -8.99 -16.63 -38.77
CA ALA A 11 -9.22 -17.78 -39.67
C ALA A 11 -9.24 -19.06 -38.82
N PHE A 12 -8.37 -19.12 -37.81
CA PHE A 12 -8.21 -20.34 -36.99
C PHE A 12 -9.36 -20.51 -35.99
N PRO A 13 -9.82 -21.76 -35.74
CA PRO A 13 -10.94 -22.01 -34.84
C PRO A 13 -10.67 -21.73 -33.36
N SER A 14 -11.75 -21.62 -32.62
CA SER A 14 -11.79 -21.33 -31.18
C SER A 14 -11.22 -22.47 -30.34
N PRO A 15 -10.32 -22.14 -29.38
CA PRO A 15 -9.86 -23.12 -28.41
C PRO A 15 -10.92 -23.35 -27.33
N PRO A 16 -10.85 -24.45 -26.55
CA PRO A 16 -11.78 -24.68 -25.44
C PRO A 16 -11.68 -23.53 -24.44
N TYR A 17 -12.76 -23.30 -23.73
CA TYR A 17 -12.90 -22.14 -22.83
C TYR A 17 -12.18 -22.34 -21.49
N LEU A 18 -12.17 -23.54 -20.93
CA LEU A 18 -11.52 -23.84 -19.64
C LEU A 18 -10.02 -23.61 -19.77
N VAL A 19 -9.43 -24.03 -20.87
CA VAL A 19 -7.97 -23.92 -21.10
C VAL A 19 -7.60 -22.49 -21.51
N GLU A 20 -8.54 -21.67 -21.97
CA GLU A 20 -8.25 -20.23 -22.20
C GLU A 20 -8.00 -19.51 -20.87
N LEU A 21 -8.75 -19.91 -19.84
CA LEU A 21 -8.62 -19.45 -18.45
C LEU A 21 -7.28 -19.93 -17.86
N LEU A 22 -7.02 -21.21 -18.07
CA LEU A 22 -5.88 -21.99 -17.59
C LEU A 22 -4.55 -21.45 -18.13
N GLU A 23 -4.59 -20.62 -19.17
CA GLU A 23 -3.34 -20.05 -19.73
C GLU A 23 -3.19 -18.59 -19.41
N THR A 24 -4.29 -17.86 -19.20
CA THR A 24 -4.18 -16.44 -18.86
C THR A 24 -3.89 -16.33 -17.36
N ALA A 25 -4.56 -17.11 -16.55
CA ALA A 25 -4.34 -17.12 -15.09
C ALA A 25 -2.97 -17.71 -14.78
N ALA A 26 -2.70 -18.82 -15.41
CA ALA A 26 -1.43 -19.53 -15.21
C ALA A 26 -0.65 -19.40 -16.48
N SER A 27 -0.02 -18.25 -16.63
CA SER A 27 0.73 -17.87 -17.85
C SER A 27 2.18 -18.30 -17.75
N ASP A 28 2.87 -17.86 -16.71
CA ASP A 28 4.30 -18.14 -16.54
C ASP A 28 4.62 -18.80 -15.20
N ASN A 29 3.69 -18.77 -14.26
CA ASN A 29 3.89 -19.40 -12.95
C ASN A 29 3.90 -20.91 -13.11
N THR A 30 5.09 -21.49 -12.99
CA THR A 30 5.34 -22.93 -13.01
C THR A 30 4.48 -23.66 -11.97
N THR A 31 4.21 -22.98 -10.87
CA THR A 31 3.38 -23.50 -9.78
C THR A 31 1.91 -23.41 -10.14
N ILE A 32 1.44 -22.25 -10.57
CA ILE A 32 0.02 -21.89 -10.80
C ILE A 32 -0.58 -22.60 -12.02
N TYR A 33 0.27 -23.06 -12.93
CA TYR A 33 -0.15 -23.83 -14.11
C TYR A 33 -0.64 -25.21 -13.70
N TYR A 34 0.16 -25.98 -12.97
CA TYR A 34 -0.22 -27.33 -12.54
C TYR A 34 -1.26 -27.33 -11.43
N SER A 35 -1.45 -26.25 -10.68
CA SER A 35 -2.47 -26.12 -9.63
C SER A 35 -3.85 -25.98 -10.30
N LEU A 36 -4.01 -25.09 -11.27
CA LEU A 36 -5.31 -24.92 -11.95
C LEU A 36 -5.68 -26.12 -12.79
N LEU A 37 -4.79 -27.11 -12.89
CA LEU A 37 -4.99 -28.36 -13.61
C LEU A 37 -5.41 -29.45 -12.64
N ASP A 38 -5.60 -29.13 -11.36
CA ASP A 38 -5.98 -30.12 -10.32
C ASP A 38 -7.46 -29.98 -9.96
N ARG A 39 -7.99 -28.75 -9.94
CA ARG A 39 -9.39 -28.49 -9.56
C ARG A 39 -10.38 -29.03 -10.58
N ILE A 40 -9.91 -29.29 -11.80
CA ILE A 40 -10.77 -29.93 -12.83
C ILE A 40 -10.77 -31.45 -12.63
N ALA A 41 -9.65 -31.99 -12.19
CA ALA A 41 -9.51 -33.43 -11.89
C ALA A 41 -9.87 -33.72 -10.45
N LYS A 42 -10.57 -32.79 -9.80
CA LYS A 42 -11.08 -32.84 -8.42
C LYS A 42 -12.60 -32.76 -8.43
N GLY A 43 -13.15 -31.88 -9.24
CA GLY A 43 -14.59 -31.76 -9.44
C GLY A 43 -14.97 -30.32 -9.70
N HIS A 44 -14.33 -29.41 -8.99
CA HIS A 44 -14.66 -27.96 -9.03
C HIS A 44 -14.92 -27.43 -10.44
N PHE A 45 -13.92 -27.53 -11.29
CA PHE A 45 -14.03 -26.97 -12.65
C PHE A 45 -14.83 -27.90 -13.58
N ALA A 46 -14.72 -29.22 -13.39
CA ALA A 46 -15.45 -30.18 -14.26
C ALA A 46 -16.94 -30.18 -13.91
N GLU A 47 -17.38 -29.24 -13.07
CA GLU A 47 -18.78 -29.16 -12.63
C GLU A 47 -19.60 -28.20 -13.50
N ALA A 48 -18.94 -27.19 -14.06
CA ALA A 48 -19.57 -26.07 -14.79
C ALA A 48 -20.61 -26.51 -15.83
N THR A 49 -21.57 -25.62 -16.09
CA THR A 49 -22.68 -25.86 -17.04
C THR A 49 -22.44 -25.18 -18.40
N THR A 50 -22.24 -23.86 -18.40
CA THR A 50 -21.98 -23.10 -19.64
C THR A 50 -20.59 -22.46 -19.59
N ASP A 51 -20.29 -21.56 -20.51
CA ASP A 51 -18.92 -20.94 -20.56
C ASP A 51 -18.77 -19.76 -19.60
N LYS A 52 -19.90 -19.18 -19.22
CA LYS A 52 -19.96 -18.12 -18.20
C LYS A 52 -19.55 -18.69 -16.85
N ALA A 53 -20.13 -19.83 -16.51
CA ALA A 53 -20.03 -20.52 -15.20
C ALA A 53 -18.78 -21.37 -15.04
N LEU A 54 -17.82 -21.19 -15.94
CA LEU A 54 -16.50 -21.81 -15.86
C LEU A 54 -15.45 -20.76 -15.53
N TYR A 55 -15.56 -19.58 -16.13
CA TYR A 55 -14.69 -18.44 -15.83
C TYR A 55 -14.91 -18.01 -14.39
N GLU A 56 -16.18 -17.97 -13.97
CA GLU A 56 -16.63 -17.57 -12.64
C GLU A 56 -15.90 -18.26 -11.51
N LYS A 57 -15.75 -19.58 -11.59
CA LYS A 57 -15.07 -20.35 -10.54
C LYS A 57 -13.62 -19.93 -10.42
N PHE A 58 -12.93 -19.72 -11.54
CA PHE A 58 -11.54 -19.21 -11.57
C PHE A 58 -11.34 -17.98 -10.68
N LEU A 59 -11.98 -16.85 -10.95
CA LEU A 59 -11.83 -15.57 -10.26
C LEU A 59 -11.80 -15.68 -8.73
N GLU A 60 -12.82 -16.30 -8.12
CA GLU A 60 -12.91 -16.40 -6.65
C GLU A 60 -11.85 -17.38 -6.11
N VAL A 61 -11.41 -18.35 -6.92
CA VAL A 61 -10.23 -19.20 -6.57
C VAL A 61 -8.95 -18.36 -6.66
N LEU A 62 -8.75 -17.66 -7.76
CA LEU A 62 -7.54 -16.85 -8.01
C LEU A 62 -7.55 -15.54 -7.24
N ARG A 63 -8.26 -15.48 -6.11
CA ARG A 63 -8.25 -14.25 -5.27
C ARG A 63 -8.15 -14.60 -3.79
N ASP A 64 -9.09 -15.40 -3.28
CA ASP A 64 -9.16 -15.73 -1.84
C ASP A 64 -8.16 -16.85 -1.50
N ASP A 65 -7.92 -17.75 -2.45
CA ASP A 65 -7.18 -18.99 -2.21
C ASP A 65 -5.67 -18.70 -2.15
N GLY A 66 -5.15 -17.95 -3.12
CA GLY A 66 -3.75 -17.49 -3.06
C GLY A 66 -3.03 -17.46 -4.40
N HIS A 67 -3.73 -17.03 -5.46
CA HIS A 67 -3.13 -16.94 -6.83
C HIS A 67 -2.74 -15.50 -7.17
N MET A 68 -3.71 -14.64 -7.38
CA MET A 68 -3.41 -13.28 -7.87
C MET A 68 -4.22 -12.26 -7.07
N ASP A 69 -3.59 -11.10 -6.99
CA ASP A 69 -4.14 -9.91 -6.30
C ASP A 69 -5.27 -9.28 -7.15
N PRO A 70 -6.21 -8.56 -6.52
CA PRO A 70 -7.34 -7.96 -7.23
C PRO A 70 -6.95 -6.86 -8.21
N GLU A 71 -5.79 -6.20 -8.02
CA GLU A 71 -5.30 -5.19 -8.99
C GLU A 71 -4.60 -5.90 -10.14
N ALA A 72 -5.21 -7.02 -10.58
CA ALA A 72 -4.80 -7.83 -11.72
C ALA A 72 -5.89 -8.84 -12.09
N LEU A 73 -6.95 -8.93 -11.29
CA LEU A 73 -8.14 -9.73 -11.58
C LEU A 73 -8.88 -9.13 -12.77
N SER A 74 -9.04 -7.81 -12.74
CA SER A 74 -9.67 -7.07 -13.85
C SER A 74 -8.79 -7.17 -15.08
N ALA A 75 -7.46 -7.19 -14.91
CA ALA A 75 -6.49 -7.34 -16.01
C ALA A 75 -6.57 -8.75 -16.56
N PHE A 76 -6.90 -9.74 -15.72
CA PHE A 76 -7.13 -11.13 -16.17
C PHE A 76 -8.38 -11.16 -17.05
N LYS A 77 -9.45 -10.53 -16.55
CA LYS A 77 -10.76 -10.38 -17.21
C LYS A 77 -10.55 -9.68 -18.54
N LEU A 78 -9.70 -8.65 -18.55
CA LEU A 78 -9.43 -7.83 -19.76
C LEU A 78 -8.74 -8.68 -20.84
N ALA A 79 -7.65 -9.38 -20.50
CA ALA A 79 -6.92 -10.21 -21.46
C ALA A 79 -7.83 -11.33 -21.97
N LEU A 80 -8.77 -11.75 -21.13
CA LEU A 80 -9.75 -12.83 -21.43
C LEU A 80 -10.81 -12.31 -22.38
N SER A 81 -11.16 -11.04 -22.29
CA SER A 81 -12.10 -10.39 -23.24
C SER A 81 -11.44 -10.18 -24.59
N LEU A 82 -10.17 -9.84 -24.55
CA LEU A 82 -9.33 -9.66 -25.75
C LEU A 82 -8.80 -10.97 -26.30
N ARG A 83 -9.05 -12.09 -25.63
CA ARG A 83 -8.70 -13.46 -26.06
C ARG A 83 -7.21 -13.54 -26.36
N THR A 84 -6.38 -12.81 -25.61
CA THR A 84 -4.92 -12.66 -25.88
C THR A 84 -4.19 -14.01 -25.95
N ALA A 85 -4.44 -14.89 -25.00
CA ALA A 85 -3.72 -16.17 -24.90
C ALA A 85 -4.31 -17.25 -25.84
N THR A 86 -5.25 -16.91 -26.71
CA THR A 86 -5.97 -17.88 -27.57
C THR A 86 -5.02 -18.46 -28.63
N PRO A 87 -4.14 -17.69 -29.31
CA PRO A 87 -3.22 -18.27 -30.31
C PRO A 87 -2.22 -19.25 -29.68
N ARG A 88 -1.89 -19.07 -28.39
CA ARG A 88 -1.01 -19.97 -27.62
C ARG A 88 -1.56 -21.39 -27.61
N VAL A 89 -2.88 -21.56 -27.50
CA VAL A 89 -3.57 -22.86 -27.48
C VAL A 89 -3.49 -23.47 -28.88
N GLU A 90 -3.48 -22.67 -29.94
CA GLU A 90 -3.43 -23.22 -31.32
C GLU A 90 -2.04 -23.74 -31.66
N ALA A 91 -1.02 -23.51 -30.82
CA ALA A 91 0.30 -24.06 -31.04
C ALA A 91 0.31 -25.54 -30.68
N HIS A 92 -0.58 -25.98 -29.81
CA HIS A 92 -0.70 -27.38 -29.41
C HIS A 92 -1.57 -28.13 -30.43
N TYR A 93 -2.57 -27.43 -30.94
CA TYR A 93 -3.45 -27.88 -32.03
C TYR A 93 -2.61 -28.15 -33.26
N GLN A 94 -1.65 -27.26 -33.54
CA GLN A 94 -0.76 -27.36 -34.70
C GLN A 94 0.36 -28.32 -34.44
N TYR A 95 0.98 -28.33 -33.27
CA TYR A 95 2.08 -29.29 -33.01
C TYR A 95 1.60 -30.72 -33.15
N TYR A 96 0.37 -30.97 -32.75
CA TYR A 96 -0.30 -32.29 -32.88
C TYR A 96 -0.48 -32.68 -34.35
N THR A 97 -0.99 -31.77 -35.17
CA THR A 97 -1.31 -32.03 -36.59
C THR A 97 -0.05 -32.08 -37.46
N ALA A 98 1.04 -31.40 -37.10
CA ALA A 98 2.23 -31.31 -37.94
C ALA A 98 3.45 -32.01 -37.35
N THR A 99 3.41 -32.52 -36.13
CA THR A 99 4.59 -33.20 -35.55
C THR A 99 4.18 -34.40 -34.70
N VAL A 100 3.09 -34.31 -33.93
CA VAL A 100 2.65 -35.41 -33.04
C VAL A 100 2.07 -36.52 -33.91
N GLU A 101 1.27 -36.17 -34.92
CA GLU A 101 0.61 -37.18 -35.80
C GLU A 101 1.64 -37.97 -36.62
N PRO A 102 2.66 -37.35 -37.28
CA PRO A 102 3.65 -38.14 -38.02
C PRO A 102 4.41 -39.21 -37.23
N SER A 103 4.36 -39.14 -35.90
CA SER A 103 5.00 -40.15 -35.01
C SER A 103 3.97 -41.21 -34.57
N LEU A 104 2.76 -40.72 -34.36
CA LEU A 104 1.55 -41.47 -33.98
C LEU A 104 1.19 -42.49 -35.06
N SER A 105 1.81 -43.65 -35.01
CA SER A 105 1.62 -44.68 -36.05
C SER A 105 0.89 -45.88 -35.43
N GLY A 106 -0.34 -45.69 -35.03
CA GLY A 106 -1.11 -46.75 -34.35
C GLY A 106 -2.58 -46.52 -34.45
N THR A 107 -3.38 -47.11 -33.54
CA THR A 107 -4.84 -46.91 -33.47
C THR A 107 -5.20 -46.28 -32.12
N GLN A 108 -6.03 -45.23 -32.14
CA GLN A 108 -6.60 -44.67 -30.91
C GLN A 108 -7.84 -45.51 -30.58
N GLU A 109 -7.62 -46.56 -29.78
CA GLU A 109 -8.67 -47.49 -29.30
C GLU A 109 -9.74 -46.70 -28.54
N GLY A 110 -9.30 -45.72 -27.76
CA GLY A 110 -10.13 -44.92 -26.85
C GLY A 110 -9.33 -44.33 -25.71
N CYS A 111 -8.00 -44.35 -25.83
CA CYS A 111 -7.04 -43.82 -24.84
C CYS A 111 -6.84 -42.32 -25.08
N ASP A 112 -7.84 -41.55 -24.68
CA ASP A 112 -7.95 -40.09 -24.86
C ASP A 112 -6.62 -39.41 -24.53
N GLN A 113 -6.03 -39.73 -23.39
CA GLN A 113 -4.73 -39.18 -22.99
C GLN A 113 -3.69 -40.28 -23.11
N TRP A 114 -3.25 -40.55 -24.33
CA TRP A 114 -2.15 -41.52 -24.55
C TRP A 114 -0.84 -40.93 -24.02
N PHE A 115 -0.11 -41.76 -23.29
CA PHE A 115 1.08 -41.30 -22.58
C PHE A 115 2.25 -41.30 -23.55
N LEU A 116 3.24 -40.49 -23.26
CA LEU A 116 4.52 -40.53 -24.03
C LEU A 116 5.66 -40.80 -23.07
N ILE A 117 6.22 -42.00 -23.06
CA ILE A 117 7.29 -42.34 -22.10
C ILE A 117 8.35 -43.12 -22.88
N ASP A 118 9.62 -42.73 -22.77
CA ASP A 118 10.78 -43.52 -23.27
C ASP A 118 10.59 -43.93 -24.75
N GLY A 119 10.23 -42.96 -25.59
CA GLY A 119 10.05 -43.17 -27.02
C GLY A 119 9.03 -44.25 -27.29
N GLU A 120 8.10 -44.48 -26.36
CA GLU A 120 7.05 -45.49 -26.59
C GLU A 120 5.70 -44.94 -26.16
N GLN A 121 4.66 -45.42 -26.81
CA GLN A 121 3.26 -44.99 -26.51
C GLN A 121 2.55 -46.04 -25.63
N TYR A 122 1.90 -45.60 -24.57
CA TYR A 122 1.15 -46.53 -23.68
C TYR A 122 -0.27 -46.00 -23.47
N CYS A 123 -1.28 -46.60 -24.11
CA CYS A 123 -2.69 -46.24 -23.86
C CYS A 123 -3.03 -46.55 -22.40
N SER A 124 -2.64 -47.74 -21.94
CA SER A 124 -2.83 -48.17 -20.53
C SER A 124 -2.13 -47.20 -19.56
N PRO A 125 -2.74 -46.86 -18.39
CA PRO A 125 -2.14 -45.91 -17.48
C PRO A 125 -1.09 -46.51 -16.53
N THR A 126 -0.86 -47.82 -16.52
CA THR A 126 0.06 -48.44 -15.53
C THR A 126 1.44 -48.71 -16.16
N LEU A 127 1.52 -48.74 -17.48
CA LEU A 127 2.77 -48.81 -18.31
C LEU A 127 3.50 -50.16 -18.17
N ASP A 128 3.61 -50.83 -19.34
CA ASP A 128 4.29 -52.09 -19.71
C ASP A 128 3.40 -52.90 -20.68
N THR A 129 2.46 -52.24 -21.36
CA THR A 129 1.60 -52.80 -22.41
C THR A 129 1.41 -51.67 -23.42
N SER A 130 2.19 -51.66 -24.51
CA SER A 130 2.24 -50.54 -25.49
C SER A 130 1.03 -50.49 -26.42
N HIS A 131 1.12 -49.57 -27.40
CA HIS A 131 0.08 -49.37 -28.43
C HIS A 131 0.62 -48.78 -29.71
N GLY A 132 1.85 -48.25 -29.70
CA GLY A 132 2.42 -47.59 -30.88
C GLY A 132 3.92 -47.39 -30.84
N LYS A 133 4.43 -46.41 -31.60
CA LYS A 133 5.87 -46.13 -31.65
C LYS A 133 6.18 -44.67 -32.00
N VAL A 134 7.29 -44.16 -31.49
CA VAL A 134 7.75 -42.77 -31.72
C VAL A 134 8.82 -42.74 -32.80
N LYS A 135 8.64 -41.84 -33.74
CA LYS A 135 9.55 -41.66 -34.91
C LYS A 135 10.51 -40.48 -34.72
N GLY A 136 11.03 -40.02 -35.86
CA GLY A 136 12.14 -39.06 -36.04
C GLY A 136 12.32 -37.95 -35.02
N GLU A 137 11.91 -36.73 -35.37
CA GLU A 137 12.11 -35.51 -34.55
C GLU A 137 11.24 -35.62 -33.28
N ASP A 138 11.78 -36.33 -32.30
CA ASP A 138 11.13 -36.64 -31.00
C ASP A 138 10.40 -35.43 -30.41
N GLN A 139 9.26 -35.73 -29.86
CA GLN A 139 8.36 -34.74 -29.22
C GLN A 139 8.95 -34.18 -27.95
N LEU A 140 9.97 -34.82 -27.41
CA LEU A 140 10.65 -34.48 -26.17
C LEU A 140 11.46 -33.18 -26.30
N ARG A 141 11.29 -32.47 -27.40
CA ARG A 141 11.80 -31.10 -27.51
C ARG A 141 11.11 -30.24 -26.46
N THR A 142 11.86 -29.54 -25.62
CA THR A 142 11.25 -28.74 -24.54
C THR A 142 10.60 -27.50 -25.13
N LEU A 143 9.36 -27.67 -25.57
CA LEU A 143 8.60 -26.53 -26.10
C LEU A 143 8.17 -25.67 -24.91
N PRO A 144 8.26 -24.32 -24.97
CA PRO A 144 7.92 -23.50 -23.80
C PRO A 144 6.43 -23.32 -23.47
N PHE A 145 5.59 -24.31 -23.77
CA PHE A 145 4.19 -24.30 -23.32
C PHE A 145 3.72 -25.62 -22.72
N ASP A 146 4.66 -26.42 -22.25
CA ASP A 146 4.44 -27.69 -21.54
C ASP A 146 5.45 -27.71 -20.42
N ARG A 147 5.22 -26.83 -19.44
CA ARG A 147 6.26 -26.44 -18.45
C ARG A 147 6.74 -27.62 -17.61
N LYS A 148 7.83 -27.38 -16.88
CA LYS A 148 8.52 -28.51 -16.21
C LYS A 148 8.03 -28.79 -14.79
N PHE A 149 7.39 -29.93 -14.71
CA PHE A 149 6.92 -30.55 -13.48
C PHE A 149 8.09 -31.32 -12.89
N CYS A 150 8.91 -30.62 -12.13
CA CYS A 150 10.12 -31.19 -11.51
C CYS A 150 11.12 -31.70 -12.57
N VAL A 151 11.89 -32.76 -12.24
CA VAL A 151 12.88 -33.44 -13.15
C VAL A 151 13.15 -34.89 -12.75
N GLY A 152 13.82 -35.64 -13.64
CA GLY A 152 14.12 -37.05 -13.43
C GLY A 152 14.99 -37.64 -14.49
N SER A 153 15.39 -38.89 -14.31
CA SER A 153 16.33 -39.60 -15.20
C SER A 153 15.73 -39.84 -16.60
N ARG A 154 14.42 -39.95 -16.68
CA ARG A 154 13.74 -40.09 -18.00
C ARG A 154 12.67 -39.03 -18.20
N ASP A 155 12.64 -38.43 -19.39
CA ASP A 155 11.70 -37.33 -19.67
C ASP A 155 10.40 -37.95 -20.16
N VAL A 156 9.28 -37.51 -19.58
CA VAL A 156 7.94 -38.03 -19.91
C VAL A 156 6.99 -36.90 -20.35
N ILE A 157 6.07 -37.18 -21.27
CA ILE A 157 5.06 -36.21 -21.76
C ILE A 157 3.67 -36.90 -21.76
N LEU A 158 2.63 -36.10 -21.62
CA LEU A 158 1.23 -36.55 -21.74
C LEU A 158 0.51 -35.48 -22.57
N TYR A 159 -0.50 -35.89 -23.33
CA TYR A 159 -1.34 -34.99 -24.17
C TYR A 159 -2.77 -35.04 -23.71
N ALA A 160 -3.02 -34.41 -22.57
CA ALA A 160 -4.36 -34.34 -21.96
C ALA A 160 -5.35 -33.47 -22.73
N ASP A 161 -6.61 -33.92 -22.82
CA ASP A 161 -7.70 -33.14 -23.41
C ASP A 161 -8.73 -32.91 -22.30
N ILE A 162 -8.70 -31.71 -21.77
CA ILE A 162 -9.49 -31.38 -20.55
C ILE A 162 -10.98 -31.29 -20.87
N THR A 163 -11.40 -30.98 -22.10
CA THR A 163 -12.82 -30.98 -22.50
C THR A 163 -13.46 -32.33 -22.17
N SER A 164 -12.75 -33.43 -22.36
CA SER A 164 -13.24 -34.80 -22.02
C SER A 164 -12.88 -35.17 -20.57
N LYS A 165 -13.78 -35.83 -19.84
CA LYS A 165 -13.58 -36.04 -18.39
C LYS A 165 -12.57 -37.19 -18.17
N SER A 166 -12.23 -37.97 -19.18
CA SER A 166 -11.29 -39.09 -19.05
C SER A 166 -9.89 -38.62 -18.68
N PHE A 167 -9.64 -37.31 -18.74
CA PHE A 167 -8.35 -36.70 -18.39
C PHE A 167 -8.08 -36.77 -16.87
N ALA A 168 -9.12 -36.63 -16.05
CA ALA A 168 -9.08 -36.63 -14.55
C ALA A 168 -8.10 -37.65 -13.97
N PRO A 169 -8.17 -38.99 -14.23
CA PRO A 169 -7.20 -39.94 -13.65
C PRO A 169 -5.83 -39.96 -14.36
N PHE A 170 -5.83 -39.96 -15.71
CA PHE A 170 -4.61 -40.07 -16.55
C PHE A 170 -3.65 -38.94 -16.22
N HIS A 171 -4.17 -37.75 -15.91
CA HIS A 171 -3.39 -36.59 -15.47
C HIS A 171 -2.71 -36.90 -14.13
N GLU A 172 -3.46 -37.44 -13.19
CA GLU A 172 -2.96 -37.80 -11.84
C GLU A 172 -1.95 -38.94 -11.88
N VAL A 173 -1.90 -39.70 -12.95
CA VAL A 173 -0.96 -40.83 -13.08
C VAL A 173 0.48 -40.33 -12.95
N ALA A 174 0.84 -39.33 -13.74
CA ALA A 174 2.20 -38.77 -13.76
C ALA A 174 2.36 -37.60 -12.80
N MET A 175 1.36 -37.35 -11.96
CA MET A 175 1.47 -36.34 -10.89
C MET A 175 2.37 -36.89 -9.80
N ASP A 176 2.26 -38.18 -9.51
CA ASP A 176 3.06 -38.85 -8.47
C ASP A 176 4.46 -39.14 -9.03
N LEU A 177 4.55 -39.38 -10.32
CA LEU A 177 5.80 -39.68 -11.07
C LEU A 177 6.96 -38.73 -10.69
N ALA A 178 6.75 -37.42 -10.82
CA ALA A 178 7.78 -36.42 -10.53
C ALA A 178 7.87 -36.17 -9.02
N LYS A 179 6.76 -36.28 -8.29
CA LYS A 179 6.70 -36.05 -6.81
C LYS A 179 7.84 -36.76 -6.05
N LYS A 180 7.98 -38.07 -6.24
CA LYS A 180 9.03 -38.84 -5.54
C LYS A 180 10.38 -38.71 -6.23
N GLY A 181 10.60 -37.63 -6.97
CA GLY A 181 11.90 -37.35 -7.61
C GLY A 181 12.35 -38.50 -8.50
N LYS A 182 11.44 -39.08 -9.27
CA LYS A 182 11.75 -40.27 -10.13
C LYS A 182 11.82 -39.87 -11.59
N ALA A 183 10.92 -39.00 -12.09
CA ALA A 183 10.94 -38.64 -13.53
C ALA A 183 10.44 -37.20 -13.79
N SER A 184 10.75 -36.61 -14.93
CA SER A 184 10.30 -35.26 -15.32
C SER A 184 8.98 -35.38 -16.09
N TYR A 185 8.06 -34.44 -15.86
CA TYR A 185 6.72 -34.40 -16.50
C TYR A 185 6.47 -33.03 -17.12
N ARG A 186 5.65 -33.01 -18.16
CA ARG A 186 5.21 -31.75 -18.82
C ARG A 186 3.86 -31.96 -19.53
N VAL A 187 2.93 -31.01 -19.43
CA VAL A 187 1.58 -31.23 -20.03
C VAL A 187 1.43 -30.35 -21.28
N ARG A 188 1.37 -30.99 -22.44
CA ARG A 188 1.01 -30.35 -23.72
C ARG A 188 -0.46 -30.63 -23.94
N TYR A 189 -1.24 -29.60 -24.23
CA TYR A 189 -2.70 -29.76 -24.46
C TYR A 189 -3.00 -30.48 -25.77
N ARG A 190 -4.18 -31.07 -25.78
CA ARG A 190 -4.66 -31.87 -26.92
C ARG A 190 -5.82 -31.17 -27.67
N ARG A 191 -5.85 -31.41 -28.98
CA ARG A 191 -6.95 -30.97 -29.86
C ARG A 191 -8.22 -31.71 -29.44
N SER A 192 -9.20 -30.97 -28.96
CA SER A 192 -10.55 -31.53 -28.71
C SER A 192 -11.33 -31.50 -30.02
N PRO A 193 -11.45 -32.63 -30.74
CA PRO A 193 -12.16 -32.64 -32.03
C PRO A 193 -13.69 -32.44 -31.99
N SER A 194 -14.30 -32.66 -30.82
CA SER A 194 -15.74 -32.44 -30.54
C SER A 194 -16.13 -30.97 -30.73
N HIS A 195 -15.13 -30.10 -30.85
CA HIS A 195 -15.29 -28.65 -31.10
C HIS A 195 -15.99 -28.40 -32.43
N SER A 196 -16.57 -27.22 -32.54
CA SER A 196 -17.21 -26.75 -33.78
C SER A 196 -16.26 -25.84 -34.54
N ARG A 197 -16.66 -25.37 -35.71
CA ARG A 197 -15.93 -24.30 -36.44
C ARG A 197 -16.24 -22.94 -35.82
N GLU A 198 -16.21 -22.88 -34.49
CA GLU A 198 -16.49 -21.63 -33.76
C GLU A 198 -15.38 -20.65 -34.12
N SER A 199 -15.72 -19.55 -34.77
CA SER A 199 -14.66 -18.58 -35.16
C SER A 199 -14.11 -17.82 -33.95
N LEU A 200 -12.81 -17.51 -33.99
CA LEU A 200 -12.17 -16.77 -32.91
C LEU A 200 -12.31 -15.30 -33.23
N SER A 201 -13.38 -14.68 -32.76
CA SER A 201 -13.73 -13.28 -33.14
C SER A 201 -12.77 -12.28 -32.52
N VAL A 202 -11.59 -12.14 -33.12
CA VAL A 202 -10.52 -11.26 -32.59
C VAL A 202 -10.99 -9.80 -32.44
N ASN A 203 -10.41 -9.09 -31.47
CA ASN A 203 -10.66 -7.64 -31.24
C ASN A 203 -9.33 -6.89 -31.29
N GLY A 204 -9.16 -5.84 -30.49
CA GLY A 204 -7.90 -5.11 -30.46
C GLY A 204 -7.64 -4.39 -31.77
N TYR A 205 -8.70 -4.04 -32.48
CA TYR A 205 -8.61 -3.39 -33.80
C TYR A 205 -9.37 -2.08 -33.78
N GLY A 206 -9.02 -1.18 -34.70
CA GLY A 206 -9.74 0.06 -34.95
C GLY A 206 -10.41 0.05 -36.29
N VAL A 207 -11.43 0.87 -36.43
CA VAL A 207 -12.21 0.97 -37.70
C VAL A 207 -12.08 2.37 -38.28
N GLU A 208 -11.26 2.49 -39.32
CA GLU A 208 -11.08 3.80 -39.97
C GLU A 208 -12.12 3.96 -41.08
N LEU A 209 -12.74 5.13 -41.11
CA LEU A 209 -13.73 5.53 -42.12
C LEU A 209 -13.29 6.88 -42.67
N VAL A 210 -12.25 6.85 -43.50
CA VAL A 210 -11.62 8.06 -44.09
C VAL A 210 -12.60 8.78 -45.04
N LEU A 211 -12.36 10.07 -45.28
CA LEU A 211 -13.21 10.86 -46.21
C LEU A 211 -12.47 11.20 -47.50
N LYS A 212 -12.96 10.64 -48.59
CA LYS A 212 -12.37 10.85 -49.95
C LYS A 212 -12.50 12.32 -50.37
N ARG A 213 -13.64 12.92 -50.01
CA ARG A 213 -13.95 14.35 -50.28
C ARG A 213 -13.65 15.22 -49.07
N THR A 214 -12.46 15.03 -48.50
CA THR A 214 -12.01 15.71 -47.27
C THR A 214 -11.67 17.18 -47.60
N ASP A 215 -11.42 17.50 -48.87
CA ASP A 215 -10.84 18.79 -49.27
C ASP A 215 -11.89 19.83 -49.70
N TYR A 216 -13.06 19.92 -49.05
CA TYR A 216 -13.90 21.12 -49.31
C TYR A 216 -13.56 22.19 -48.27
N ALA A 265 -7.61 27.24 -35.52
CA ALA A 265 -8.37 27.68 -34.32
C ALA A 265 -9.32 26.60 -33.80
N LEU A 266 -9.64 25.61 -34.64
CA LEU A 266 -10.61 24.55 -34.32
C LEU A 266 -10.06 23.66 -33.23
N GLY A 267 -8.77 23.33 -33.32
CA GLY A 267 -8.08 22.55 -32.29
C GLY A 267 -7.79 23.34 -31.03
N MET A 268 -8.54 24.41 -30.83
CA MET A 268 -8.52 25.21 -29.59
C MET A 268 -9.93 25.40 -29.06
N LYS A 269 -10.92 25.54 -29.93
CA LYS A 269 -12.35 25.65 -29.57
C LYS A 269 -12.76 24.31 -28.96
N ALA A 270 -12.43 23.21 -29.63
CA ALA A 270 -12.69 21.84 -29.15
C ALA A 270 -11.83 21.55 -27.93
N ALA A 271 -10.59 22.05 -27.93
CA ALA A 271 -9.66 21.84 -26.78
C ALA A 271 -10.28 22.43 -25.49
N SER A 272 -10.79 23.66 -25.56
CA SER A 272 -11.40 24.35 -24.41
C SER A 272 -12.81 23.80 -24.13
N PHE A 273 -13.38 23.01 -25.05
CA PHE A 273 -14.76 22.50 -24.98
C PHE A 273 -14.83 21.25 -24.11
N VAL A 274 -13.75 20.49 -23.87
CA VAL A 274 -13.82 19.29 -23.00
C VAL A 274 -13.83 19.73 -21.55
N MET A 275 -13.16 20.83 -21.21
CA MET A 275 -13.21 21.43 -19.87
C MET A 275 -14.36 22.41 -19.83
N GLN A 276 -15.46 22.05 -20.49
CA GLN A 276 -16.71 22.80 -20.55
C GLN A 276 -17.90 21.85 -20.59
N SER A 277 -17.72 20.58 -20.92
CA SER A 277 -18.78 19.57 -20.87
C SER A 277 -18.78 18.79 -19.53
N GLU A 278 -17.88 19.16 -18.61
CA GLU A 278 -17.62 18.64 -17.23
C GLU A 278 -17.59 17.11 -17.16
N LYS A 279 -17.09 16.46 -18.19
CA LYS A 279 -16.79 15.03 -18.14
C LYS A 279 -15.38 14.91 -18.68
N PRO A 280 -14.41 14.88 -17.77
CA PRO A 280 -13.01 14.92 -18.16
C PRO A 280 -12.47 13.74 -18.99
N PHE A 281 -12.85 12.48 -18.76
CA PHE A 281 -12.30 11.38 -19.57
C PHE A 281 -13.35 10.73 -20.44
N GLU A 282 -14.61 10.77 -20.01
CA GLU A 282 -15.68 10.18 -20.83
C GLU A 282 -16.02 11.05 -22.03
N ALA A 283 -15.98 12.37 -21.91
CA ALA A 283 -16.34 13.26 -23.02
C ALA A 283 -15.16 13.65 -23.91
N LEU A 284 -13.94 13.34 -23.51
CA LEU A 284 -12.75 13.59 -24.34
C LEU A 284 -12.77 12.67 -25.53
N LEU A 285 -13.14 11.42 -25.28
CA LEU A 285 -13.27 10.36 -26.27
C LEU A 285 -14.49 10.59 -27.13
N LYS A 286 -15.58 11.13 -26.57
CA LYS A 286 -16.80 11.35 -27.34
C LYS A 286 -16.67 12.41 -28.45
N LEU A 287 -15.47 12.92 -28.64
CA LEU A 287 -15.10 13.79 -29.77
C LEU A 287 -14.13 13.07 -30.69
N THR A 288 -13.22 12.32 -30.08
CA THR A 288 -12.12 11.56 -30.69
C THR A 288 -12.61 10.57 -31.76
N GLN A 289 -13.82 10.06 -31.65
CA GLN A 289 -14.37 9.07 -32.64
C GLN A 289 -15.02 9.75 -33.86
N ASP A 290 -15.90 10.72 -33.64
CA ASP A 290 -16.63 11.40 -34.73
C ASP A 290 -16.24 12.86 -34.86
N PHE A 291 -14.96 13.18 -34.85
CA PHE A 291 -14.49 14.59 -34.96
C PHE A 291 -14.85 15.19 -36.34
N PRO A 292 -14.66 14.46 -37.48
CA PRO A 292 -14.94 15.05 -38.79
C PRO A 292 -16.41 15.49 -38.89
N LYS A 293 -17.31 14.78 -38.20
CA LYS A 293 -18.73 15.19 -38.18
C LYS A 293 -18.94 16.35 -37.19
N TYR A 294 -18.42 16.22 -35.97
CA TYR A 294 -18.64 17.25 -34.91
C TYR A 294 -17.61 18.38 -35.03
N SER A 295 -17.77 19.21 -36.06
CA SER A 295 -16.96 20.41 -36.37
C SER A 295 -17.87 21.64 -36.35
N ASN A 296 -19.16 21.46 -36.63
CA ASN A 296 -20.14 22.58 -36.69
C ASN A 296 -20.51 22.99 -35.25
N SER A 297 -20.67 22.02 -34.35
CA SER A 297 -20.97 22.26 -32.92
C SER A 297 -19.90 23.18 -32.29
N LEU A 298 -18.72 23.23 -32.91
CA LEU A 298 -17.62 24.14 -32.54
C LEU A 298 -17.90 25.53 -33.07
N GLY A 299 -19.12 25.99 -32.82
CA GLY A 299 -19.65 27.26 -33.31
C GLY A 299 -21.01 27.54 -32.70
N SER A 300 -21.27 26.95 -31.54
CA SER A 300 -22.59 26.91 -30.89
C SER A 300 -22.38 26.75 -29.38
N GLN A 301 -22.92 27.66 -28.55
CA GLN A 301 -22.81 27.67 -27.06
C GLN A 301 -21.36 27.85 -26.61
N ASN A 302 -20.91 29.12 -26.55
CA ASN A 302 -19.59 29.62 -26.04
C ASN A 302 -18.51 28.54 -26.08
N VAL A 303 -18.37 27.85 -27.23
CA VAL A 303 -17.38 26.74 -27.46
C VAL A 303 -15.96 27.29 -27.25
N SER A 304 -15.69 28.53 -27.67
CA SER A 304 -14.37 29.19 -27.51
C SER A 304 -14.11 29.33 -26.00
N ALA A 305 -14.56 30.43 -25.38
CA ALA A 305 -14.37 30.74 -23.93
C ALA A 305 -12.97 30.37 -23.45
N GLU A 306 -12.03 31.24 -23.79
CA GLU A 306 -10.59 30.95 -23.58
C GLU A 306 -10.20 31.11 -22.12
N PHE A 307 -10.39 30.05 -21.36
CA PHE A 307 -10.02 30.01 -19.94
C PHE A 307 -8.65 29.34 -19.85
N GLU A 308 -8.45 28.26 -20.60
CA GLU A 308 -7.15 27.60 -20.73
C GLU A 308 -6.24 28.44 -21.64
N ALA A 309 -6.40 29.76 -21.62
CA ALA A 309 -5.52 30.73 -22.31
C ALA A 309 -4.32 30.99 -21.43
N GLU A 310 -4.54 31.32 -20.16
CA GLU A 310 -3.41 31.49 -19.23
C GLU A 310 -2.67 30.19 -18.99
N HIS A 311 -3.32 29.06 -19.27
CA HIS A 311 -2.73 27.71 -19.22
C HIS A 311 -1.81 27.45 -20.40
N ARG A 312 -1.23 28.50 -20.98
CA ARG A 312 -0.20 28.32 -22.01
C ARG A 312 1.16 28.58 -21.39
N GLY A 313 1.39 27.91 -20.26
CA GLY A 313 2.72 27.76 -19.68
C GLY A 313 3.11 26.31 -19.69
N ASN A 314 2.84 25.66 -20.81
CA ASN A 314 2.98 24.21 -21.02
C ASN A 314 4.09 23.91 -22.03
N ARG A 315 4.00 24.39 -23.27
CA ARG A 315 5.03 24.15 -24.31
C ARG A 315 6.34 24.85 -23.94
N GLU A 316 6.29 26.15 -23.62
CA GLU A 316 7.47 27.02 -23.29
C GLU A 316 8.14 26.64 -21.97
N VAL A 317 7.68 25.56 -21.34
CA VAL A 317 8.32 24.98 -20.12
C VAL A 317 8.69 23.50 -20.26
N PHE A 318 7.84 22.68 -20.86
CA PHE A 318 8.12 21.22 -20.98
C PHE A 318 8.19 20.68 -22.42
N LEU A 319 7.13 20.74 -23.26
CA LEU A 319 7.12 20.06 -24.59
C LEU A 319 6.45 20.83 -25.73
N PRO A 320 7.16 20.94 -26.87
CA PRO A 320 6.62 21.56 -28.07
C PRO A 320 5.25 21.10 -28.62
N GLU A 321 4.89 21.70 -29.73
CA GLU A 321 3.59 21.49 -30.40
C GLU A 321 3.69 20.31 -31.38
N GLY A 322 2.55 19.67 -31.55
CA GLY A 322 2.35 18.58 -32.53
C GLY A 322 3.00 17.25 -32.19
N SER A 323 2.98 16.88 -30.90
CA SER A 323 3.57 15.60 -30.45
C SER A 323 3.03 15.14 -29.10
N ASN A 324 3.01 13.82 -28.93
CA ASN A 324 2.45 13.15 -27.73
C ASN A 324 3.45 12.14 -27.15
N VAL A 325 4.36 12.59 -26.30
CA VAL A 325 5.37 11.71 -25.67
C VAL A 325 4.68 11.02 -24.50
N LEU A 326 4.04 9.86 -24.73
CA LEU A 326 3.27 9.20 -23.66
C LEU A 326 4.28 8.60 -22.69
N TRP A 327 4.12 8.97 -21.43
CA TRP A 327 5.03 8.59 -20.33
C TRP A 327 4.47 7.35 -19.67
N LEU A 328 5.37 6.45 -19.27
CA LEU A 328 4.95 5.26 -18.52
C LEU A 328 5.83 5.10 -17.29
N ASN A 329 5.38 5.66 -16.16
CA ASN A 329 6.06 5.60 -14.85
C ASN A 329 7.43 6.28 -14.84
N GLY A 330 7.89 6.80 -15.97
CA GLY A 330 9.24 7.38 -16.04
C GLY A 330 9.85 7.25 -17.43
N LEU A 331 9.45 6.21 -18.16
CA LEU A 331 10.02 5.94 -19.51
C LEU A 331 9.14 6.46 -20.64
N HIS A 332 9.82 6.71 -21.75
CA HIS A 332 9.22 7.23 -23.00
C HIS A 332 8.72 6.10 -23.89
N LEU A 333 7.55 6.29 -24.50
CA LEU A 333 6.99 5.29 -25.42
C LEU A 333 6.88 5.82 -26.86
N ILE A 334 6.76 4.88 -27.81
CA ILE A 334 6.57 5.20 -29.26
C ILE A 334 5.28 4.57 -29.79
N ASP A 335 5.04 4.67 -31.10
CA ASP A 335 3.80 4.16 -31.74
C ASP A 335 3.72 2.62 -31.64
N ARG A 336 4.81 1.95 -32.00
CA ARG A 336 4.89 0.50 -32.03
C ARG A 336 4.76 -0.08 -30.61
N GLN A 337 4.86 0.77 -29.58
CA GLN A 337 4.66 0.44 -28.16
C GLN A 337 3.25 0.81 -27.65
N ILE A 338 2.65 1.92 -28.09
CA ILE A 338 1.29 2.33 -27.61
C ILE A 338 0.15 1.88 -28.56
N GLN A 339 -0.47 0.74 -28.20
CA GLN A 339 -1.59 0.10 -28.96
C GLN A 339 -2.25 -0.96 -28.09
N PRO A 340 -3.13 -1.86 -28.61
CA PRO A 340 -3.74 -2.86 -27.75
C PRO A 340 -2.88 -4.05 -27.32
N PHE A 341 -2.67 -5.00 -28.22
CA PHE A 341 -1.93 -6.24 -27.93
C PHE A 341 -0.47 -5.99 -27.64
N GLY A 342 0.08 -4.88 -28.11
CA GLY A 342 1.50 -4.58 -27.90
C GLY A 342 1.68 -3.73 -26.69
N LEU A 343 0.70 -3.65 -25.78
CA LEU A 343 0.90 -2.82 -24.59
C LEU A 343 0.76 -3.61 -23.28
N VAL A 344 -0.23 -4.48 -23.16
CA VAL A 344 -0.41 -5.36 -21.99
C VAL A 344 0.75 -6.33 -21.86
N ASP A 345 1.41 -6.68 -22.96
CA ASP A 345 2.63 -7.49 -22.93
C ASP A 345 3.79 -6.75 -22.29
N LEU A 346 3.55 -5.59 -21.69
CA LEU A 346 4.53 -4.68 -21.05
C LEU A 346 4.00 -4.07 -19.75
N LEU A 347 2.73 -4.28 -19.42
CA LEU A 347 2.14 -3.71 -18.18
C LEU A 347 2.32 -4.63 -16.99
N THR A 348 2.88 -5.82 -17.16
CA THR A 348 3.02 -6.79 -16.06
C THR A 348 4.42 -6.82 -15.46
N ARG A 349 5.48 -6.59 -16.25
CA ARG A 349 6.87 -6.60 -15.73
C ARG A 349 7.11 -5.37 -14.87
N GLU A 350 6.45 -4.25 -15.17
CA GLU A 350 6.47 -3.04 -14.32
C GLU A 350 5.74 -3.27 -13.00
N ARG A 351 4.58 -3.92 -13.05
CA ARG A 351 3.79 -4.35 -11.88
C ARG A 351 4.68 -5.14 -10.91
N LYS A 352 5.45 -6.08 -11.45
CA LYS A 352 6.34 -6.99 -10.68
C LYS A 352 7.45 -6.18 -10.02
N LEU A 353 8.00 -5.22 -10.77
CA LEU A 353 9.08 -4.31 -10.38
C LEU A 353 8.65 -3.44 -9.20
N ILE A 354 7.50 -2.81 -9.32
CA ILE A 354 7.00 -1.82 -8.30
C ILE A 354 6.77 -2.49 -6.93
N LYS A 355 5.94 -3.52 -6.89
CA LYS A 355 5.54 -4.18 -5.61
C LYS A 355 6.75 -4.80 -4.94
N SER A 356 7.79 -5.09 -5.70
CA SER A 356 9.07 -5.61 -5.21
C SER A 356 9.59 -4.79 -4.03
N VAL A 357 9.24 -3.52 -3.97
CA VAL A 357 9.75 -2.61 -2.94
C VAL A 357 8.63 -2.12 -2.04
N LEU A 358 7.36 -2.19 -2.45
CA LEU A 358 6.29 -1.83 -1.49
C LEU A 358 6.21 -2.84 -0.34
N ASP A 359 6.91 -3.97 -0.48
CA ASP A 359 7.14 -4.94 0.63
C ASP A 359 8.30 -4.47 1.52
N LEU A 360 9.35 -3.97 0.89
CA LEU A 360 10.54 -3.43 1.60
C LEU A 360 10.11 -2.24 2.46
N GLY A 361 9.17 -1.43 1.96
CA GLY A 361 8.47 -0.42 2.76
C GLY A 361 8.27 0.90 2.05
N LEU A 362 7.79 0.86 0.81
CA LEU A 362 7.53 2.11 0.03
C LEU A 362 6.15 2.09 -0.66
N THR A 363 5.83 3.16 -1.39
CA THR A 363 4.53 3.35 -2.09
C THR A 363 4.72 3.63 -3.58
N GLY A 364 3.62 3.63 -4.31
CA GLY A 364 3.64 3.75 -5.77
C GLY A 364 4.01 5.16 -6.17
N GLN A 365 3.62 6.17 -5.40
CA GLN A 365 4.10 7.56 -5.63
C GLN A 365 5.60 7.63 -5.31
N GLN A 366 6.04 7.07 -4.19
CA GLN A 366 7.46 7.10 -3.78
C GLN A 366 8.29 6.07 -4.54
N ALA A 367 7.79 5.54 -5.64
CA ALA A 367 8.46 4.59 -6.53
C ALA A 367 8.60 5.20 -7.92
N VAL A 368 7.58 5.96 -8.37
CA VAL A 368 7.65 6.73 -9.65
C VAL A 368 8.67 7.87 -9.51
N ASP A 369 8.73 8.54 -8.36
CA ASP A 369 9.71 9.62 -8.09
C ASP A 369 11.08 9.03 -7.74
N LEU A 370 11.15 7.72 -7.50
CA LEU A 370 12.39 6.99 -7.15
C LEU A 370 12.99 6.39 -8.43
N LEU A 371 12.15 5.90 -9.34
CA LEU A 371 12.63 5.37 -10.64
C LEU A 371 12.88 6.52 -11.64
N GLY A 372 11.94 7.45 -11.71
CA GLY A 372 12.11 8.66 -12.53
C GLY A 372 12.90 9.69 -11.76
N HIS A 373 14.15 9.34 -11.41
CA HIS A 373 15.04 10.12 -10.53
C HIS A 373 16.29 10.57 -11.31
N ALA A 374 16.98 11.52 -10.70
CA ALA A 374 18.28 12.07 -11.18
C ALA A 374 19.36 10.99 -11.17
N GLU A 375 19.37 10.12 -10.15
CA GLU A 375 20.40 9.06 -10.04
C GLU A 375 20.09 7.88 -10.96
N VAL A 376 18.87 7.73 -11.47
CA VAL A 376 18.55 6.59 -12.38
C VAL A 376 19.01 6.92 -13.79
N ALA A 377 19.35 8.17 -14.10
CA ALA A 377 19.99 8.58 -15.37
C ALA A 377 21.48 8.26 -15.29
N HIS A 378 21.78 7.09 -14.72
CA HIS A 378 23.10 6.45 -14.57
C HIS A 378 22.96 4.95 -14.81
N ALA A 379 21.75 4.40 -14.77
CA ALA A 379 21.43 3.04 -15.20
C ALA A 379 21.81 2.83 -16.66
N LYS A 380 21.71 3.88 -17.47
CA LYS A 380 22.12 3.89 -18.88
C LYS A 380 23.36 4.75 -19.10
N SER A 381 23.45 5.94 -18.51
CA SER A 381 24.62 6.82 -18.66
C SER A 381 25.76 6.42 -17.71
N GLY A 382 26.45 5.32 -18.01
CA GLY A 382 27.49 4.79 -17.12
C GLY A 382 28.23 3.61 -17.65
N ASP A 383 27.52 2.59 -18.09
CA ASP A 383 28.15 1.38 -18.66
C ASP A 383 28.79 1.62 -20.01
N ASP A 384 28.25 2.56 -20.77
CA ASP A 384 28.78 2.86 -22.11
C ASP A 384 30.12 3.58 -21.92
N GLU A 385 30.23 4.43 -20.89
CA GLU A 385 31.50 5.10 -20.48
C GLU A 385 32.41 4.07 -19.82
N PRO A 386 33.53 3.65 -20.47
CA PRO A 386 34.29 2.50 -20.03
C PRO A 386 35.37 2.75 -18.97
N ARG A 387 35.94 1.66 -18.47
CA ARG A 387 37.06 1.64 -17.51
C ARG A 387 38.37 1.69 -18.27
N ARG A 388 39.39 2.14 -17.56
CA ARG A 388 40.76 2.18 -18.07
C ARG A 388 41.34 0.77 -18.11
N PHE A 389 42.17 0.47 -19.10
CA PHE A 389 42.79 -0.87 -19.24
C PHE A 389 44.29 -0.79 -19.47
N ASP A 390 44.97 -1.91 -19.25
CA ASP A 390 46.44 -2.03 -19.44
C ASP A 390 46.81 -2.88 -20.65
N TRP A 391 47.62 -2.31 -21.54
CA TRP A 391 48.09 -2.93 -22.79
C TRP A 391 49.60 -3.07 -22.85
N ARG A 392 50.28 -2.70 -21.78
CA ARG A 392 51.75 -2.71 -21.77
C ARG A 392 52.26 -4.13 -22.01
N ASP A 393 53.21 -4.26 -22.93
CA ASP A 393 53.73 -5.56 -23.41
C ASP A 393 54.67 -6.13 -22.37
N ASP A 394 55.14 -5.35 -21.39
CA ASP A 394 56.19 -5.75 -20.43
C ASP A 394 55.69 -6.77 -19.43
N ILE A 395 54.43 -7.20 -19.51
CA ILE A 395 53.84 -8.31 -18.74
C ILE A 395 54.05 -9.64 -19.50
N GLU A 396 54.01 -9.61 -20.82
CA GLU A 396 54.42 -10.75 -21.71
C GLU A 396 55.95 -10.85 -21.71
N GLU A 397 56.56 -9.66 -21.87
CA GLU A 397 58.01 -9.34 -21.82
C GLU A 397 58.47 -8.52 -23.06
N GLY A 398 57.71 -7.50 -23.44
CA GLY A 398 58.04 -6.60 -24.57
C GLY A 398 57.91 -7.19 -25.95
N GLN A 399 57.40 -8.42 -26.06
CA GLN A 399 57.33 -9.16 -27.34
C GLN A 399 55.88 -9.41 -27.76
N VAL A 400 55.24 -8.45 -28.44
CA VAL A 400 53.91 -8.65 -29.07
C VAL A 400 53.53 -7.50 -29.99
N ILE A 401 53.31 -6.29 -29.48
CA ILE A 401 52.89 -5.13 -30.33
C ILE A 401 54.07 -4.74 -31.20
N ILE A 402 53.76 -4.41 -32.44
CA ILE A 402 54.77 -3.99 -33.43
C ILE A 402 54.34 -2.63 -33.95
N TRP A 403 55.26 -1.66 -33.93
CA TRP A 403 55.01 -0.20 -34.03
C TRP A 403 55.41 0.37 -35.39
N LEU A 404 54.58 1.27 -35.90
CA LEU A 404 54.85 2.06 -37.13
C LEU A 404 55.35 3.43 -36.68
N ASN A 405 54.55 4.10 -35.86
CA ASN A 405 54.97 5.38 -35.24
C ASN A 405 55.92 5.11 -34.09
N ASN A 406 56.86 6.02 -33.94
CA ASN A 406 57.81 5.97 -32.82
C ASN A 406 58.08 7.43 -32.46
N LEU A 407 57.01 8.15 -32.13
CA LEU A 407 56.93 9.64 -32.01
C LEU A 407 58.21 10.32 -31.46
N GLU A 408 58.79 9.85 -30.35
CA GLU A 408 59.99 10.47 -29.71
C GLU A 408 61.27 10.29 -30.54
N LYS A 409 61.55 9.05 -30.90
CA LYS A 409 62.75 8.65 -31.65
C LYS A 409 62.32 8.32 -33.08
N ASP A 410 62.10 9.34 -33.92
CA ASP A 410 61.45 9.05 -35.23
C ASP A 410 62.25 9.60 -36.41
N LYS A 411 63.09 10.60 -36.17
CA LYS A 411 63.84 11.32 -37.22
C LYS A 411 62.91 11.85 -38.30
N ARG A 412 61.62 12.01 -37.98
CA ARG A 412 60.64 12.68 -38.87
C ARG A 412 59.74 13.67 -38.11
N TYR A 413 59.89 13.77 -36.79
CA TYR A 413 59.06 14.63 -35.94
C TYR A 413 59.93 15.65 -35.21
N LYS A 414 61.25 15.66 -35.42
CA LYS A 414 62.21 16.54 -34.75
C LYS A 414 61.77 18.00 -34.78
N SER A 415 60.99 18.39 -35.78
CA SER A 415 60.46 19.74 -35.98
C SER A 415 59.70 20.25 -34.77
N PHE A 416 59.28 19.39 -33.86
CA PHE A 416 58.63 19.79 -32.59
C PHE A 416 59.53 19.60 -31.36
N SER A 417 59.19 20.37 -30.33
CA SER A 417 59.91 20.38 -29.05
C SER A 417 59.51 19.17 -28.21
N PRO A 418 60.51 18.51 -27.61
CA PRO A 418 60.22 17.36 -26.75
C PRO A 418 59.70 17.59 -25.33
N SER A 419 59.30 18.81 -25.00
CA SER A 419 58.76 19.16 -23.68
C SER A 419 57.25 18.95 -23.62
N ILE A 420 56.82 18.67 -22.41
CA ILE A 420 55.41 18.37 -22.08
C ILE A 420 54.53 19.60 -22.27
N TRP A 421 55.03 20.80 -21.99
CA TRP A 421 54.16 22.00 -21.92
C TRP A 421 53.62 22.38 -23.28
N VAL A 422 54.06 21.75 -24.36
CA VAL A 422 53.62 22.04 -25.73
C VAL A 422 52.12 21.84 -25.82
N LEU A 423 51.64 20.73 -25.30
CA LEU A 423 50.20 20.41 -25.34
C LEU A 423 49.43 21.24 -24.34
N ILE A 424 50.04 21.51 -23.19
CA ILE A 424 49.35 22.27 -22.12
C ILE A 424 48.77 23.58 -22.69
N HIS A 425 49.56 24.27 -23.51
CA HIS A 425 49.15 25.49 -24.24
C HIS A 425 49.01 25.15 -25.71
N HIS A 426 47.83 24.76 -26.12
CA HIS A 426 47.55 24.32 -27.50
C HIS A 426 46.18 24.82 -27.89
N PHE A 427 46.06 25.25 -29.14
CA PHE A 427 44.81 25.86 -29.67
C PHE A 427 44.54 25.38 -31.09
N GLY A 428 43.27 25.10 -31.31
CA GLY A 428 42.69 24.71 -32.60
C GLY A 428 41.82 23.47 -32.52
N HIS A 429 40.90 23.33 -33.48
CA HIS A 429 40.05 22.12 -33.62
C HIS A 429 40.91 20.88 -33.93
N GLY A 430 42.04 21.09 -34.59
CA GLY A 430 43.01 20.04 -34.90
C GLY A 430 43.80 19.58 -33.70
N LEU A 431 44.87 18.88 -33.99
CA LEU A 431 45.66 18.14 -32.97
C LEU A 431 46.96 18.84 -32.55
N PRO A 432 47.35 18.72 -31.26
CA PRO A 432 48.60 19.32 -30.79
C PRO A 432 49.83 18.58 -31.29
N GLN A 433 50.47 19.22 -32.26
CA GLN A 433 51.71 18.67 -32.83
C GLN A 433 52.80 18.60 -31.76
N ILE A 434 53.39 17.44 -31.55
CA ILE A 434 54.47 17.30 -30.56
C ILE A 434 55.28 16.05 -30.85
N ARG A 435 56.48 16.03 -30.31
CA ARG A 435 57.48 14.93 -30.48
C ARG A 435 57.46 13.95 -29.29
N ARG A 436 56.34 13.73 -28.60
CA ARG A 436 56.33 12.88 -27.39
C ARG A 436 55.08 12.00 -27.41
N ASP A 437 55.23 10.80 -26.84
CA ASP A 437 54.18 9.75 -26.91
C ASP A 437 53.22 10.05 -25.80
N VAL A 438 51.98 10.30 -26.21
CA VAL A 438 50.84 10.54 -25.27
C VAL A 438 49.68 9.58 -25.53
N PHE A 439 49.42 9.29 -26.81
CA PHE A 439 48.27 8.48 -27.26
C PHE A 439 48.82 7.24 -27.91
N ASN A 440 48.16 6.13 -27.64
CA ASN A 440 48.55 4.83 -28.22
C ASN A 440 47.32 4.15 -28.80
N LEU A 441 47.50 3.48 -29.95
CA LEU A 441 46.42 2.64 -30.51
C LEU A 441 46.99 1.29 -30.92
N VAL A 442 46.25 0.23 -30.63
CA VAL A 442 46.68 -1.15 -30.98
C VAL A 442 45.54 -1.77 -31.78
N VAL A 443 45.83 -2.23 -32.97
CA VAL A 443 44.76 -2.81 -33.83
C VAL A 443 45.08 -4.26 -34.18
N PRO A 444 44.30 -5.29 -33.79
CA PRO A 444 44.54 -6.66 -34.28
C PRO A 444 44.26 -6.89 -35.77
N VAL A 445 45.04 -7.77 -36.38
CA VAL A 445 44.97 -8.02 -37.86
C VAL A 445 44.89 -9.52 -38.20
N ASP A 446 43.79 -9.96 -38.86
CA ASP A 446 43.66 -11.35 -39.37
C ASP A 446 44.39 -11.38 -40.71
N LEU A 447 45.59 -11.97 -40.74
CA LEU A 447 46.48 -11.91 -41.93
C LEU A 447 45.97 -12.71 -43.16
N THR A 448 45.09 -13.68 -42.98
CA THR A 448 44.58 -14.53 -44.09
C THR A 448 43.50 -13.74 -44.86
N LYS A 449 42.58 -13.10 -44.16
CA LYS A 449 41.50 -12.30 -44.76
C LYS A 449 42.12 -10.97 -45.17
N ALA A 450 41.60 -10.38 -46.22
CA ALA A 450 42.10 -9.09 -46.77
C ALA A 450 41.48 -7.83 -46.14
N ASP A 451 40.40 -8.00 -45.38
CA ASP A 451 39.68 -6.85 -44.79
C ASP A 451 40.48 -6.21 -43.64
N ASP A 452 41.07 -7.04 -42.78
CA ASP A 452 41.86 -6.56 -41.63
C ASP A 452 43.29 -6.17 -42.02
N VAL A 453 43.88 -6.86 -42.98
CA VAL A 453 45.26 -6.56 -43.46
C VAL A 453 45.24 -5.19 -44.14
N LYS A 454 44.23 -4.93 -44.96
CA LYS A 454 43.97 -3.65 -45.67
C LYS A 454 44.12 -2.45 -44.74
N ILE A 455 43.87 -2.61 -43.46
CA ILE A 455 43.89 -1.51 -42.46
C ILE A 455 45.30 -1.05 -42.13
N VAL A 456 46.24 -1.97 -41.89
CA VAL A 456 47.64 -1.54 -41.67
C VAL A 456 48.20 -1.01 -42.99
N VAL A 457 48.03 -1.82 -44.02
CA VAL A 457 48.42 -1.55 -45.42
C VAL A 457 47.99 -0.17 -45.86
N GLU A 458 46.85 0.31 -45.37
CA GLU A 458 46.33 1.64 -45.76
C GLU A 458 46.01 2.55 -44.58
N GLY A 459 44.90 2.28 -43.91
CA GLY A 459 44.43 2.97 -42.71
C GLY A 459 45.49 3.50 -41.79
N LEU A 460 46.33 2.66 -41.24
CA LEU A 460 47.40 3.08 -40.31
C LEU A 460 48.49 3.89 -41.03
N LEU A 461 49.02 3.36 -42.14
CA LEU A 461 50.12 4.02 -42.87
C LEU A 461 49.70 5.36 -43.48
N SER A 462 48.43 5.73 -43.39
CA SER A 462 47.90 7.01 -43.85
C SER A 462 48.03 8.00 -42.72
N PHE A 463 47.67 7.59 -41.51
CA PHE A 463 47.79 8.47 -40.32
C PHE A 463 49.25 8.76 -39.99
N VAL A 464 50.14 7.80 -40.20
CA VAL A 464 51.59 7.95 -40.03
C VAL A 464 52.13 8.91 -41.07
N LYS A 465 51.73 8.75 -42.33
CA LYS A 465 52.09 9.59 -43.48
C LYS A 465 51.57 11.01 -43.35
N ARG A 466 50.43 11.19 -42.67
CA ARG A 466 49.76 12.49 -42.43
C ARG A 466 50.07 13.15 -41.08
N LEU A 467 51.24 12.89 -40.52
CA LEU A 467 51.76 13.53 -39.27
C LEU A 467 50.71 13.68 -38.16
N ILE A 468 50.16 12.57 -37.66
CA ILE A 468 49.24 12.64 -36.48
C ILE A 468 50.09 12.40 -35.23
N PRO A 469 50.03 13.27 -34.17
CA PRO A 469 50.82 13.07 -32.96
C PRO A 469 50.27 11.97 -32.03
N VAL A 470 49.87 10.88 -32.64
CA VAL A 470 49.36 9.64 -31.99
C VAL A 470 50.22 8.48 -32.45
N ARG A 471 50.59 7.57 -31.55
CA ARG A 471 51.35 6.35 -31.93
C ARG A 471 50.41 5.21 -32.31
N PHE A 472 50.44 4.79 -33.57
CA PHE A 472 49.61 3.68 -34.09
C PHE A 472 50.44 2.40 -34.14
N GLY A 473 49.91 1.29 -33.64
CA GLY A 473 50.51 -0.02 -33.89
C GLY A 473 49.54 -1.19 -33.91
N PHE A 474 50.06 -2.38 -33.90
CA PHE A 474 49.21 -3.57 -34.08
C PHE A 474 49.92 -4.84 -33.69
N VAL A 475 49.14 -5.91 -33.60
CA VAL A 475 49.56 -7.29 -33.23
C VAL A 475 49.18 -8.22 -34.36
N PRO A 476 50.10 -9.10 -34.80
CA PRO A 476 49.74 -10.09 -35.80
C PRO A 476 48.93 -11.23 -35.17
N LEU A 477 47.63 -11.18 -35.40
CA LEU A 477 46.66 -12.15 -34.86
C LEU A 477 47.11 -13.56 -35.22
N THR A 478 46.82 -14.47 -34.32
CA THR A 478 47.27 -15.86 -34.46
C THR A 478 46.13 -16.83 -34.16
N PRO A 479 44.98 -16.74 -34.87
CA PRO A 479 43.83 -17.59 -34.57
C PRO A 479 43.49 -18.71 -35.55
N THR A 480 42.88 -18.38 -36.69
CA THR A 480 42.48 -19.36 -37.72
C THR A 480 43.66 -19.77 -38.58
N GLY A 481 44.26 -20.89 -38.22
CA GLY A 481 45.34 -21.57 -38.97
C GLY A 481 46.42 -20.72 -39.64
N GLN A 482 46.18 -20.35 -40.91
CA GLN A 482 47.14 -19.71 -41.83
C GLN A 482 47.68 -18.37 -41.35
N ALA A 483 46.92 -17.54 -40.64
CA ALA A 483 47.39 -16.23 -40.15
C ALA A 483 48.53 -16.39 -39.13
N ILE A 484 48.68 -17.57 -38.55
CA ILE A 484 49.81 -17.92 -37.64
C ILE A 484 51.05 -18.13 -38.51
N ASP A 485 50.92 -18.93 -39.56
CA ASP A 485 52.01 -19.23 -40.51
C ASP A 485 52.50 -17.98 -41.24
N GLN A 486 51.68 -16.91 -41.28
CA GLN A 486 51.99 -15.64 -41.97
C GLN A 486 52.35 -14.51 -41.01
N ALA A 487 52.52 -14.81 -39.74
CA ALA A 487 52.86 -13.89 -38.66
C ALA A 487 54.38 -13.97 -38.36
N LYS A 488 55.00 -15.13 -38.59
CA LYS A 488 56.43 -15.39 -38.31
C LYS A 488 57.29 -14.57 -39.29
N VAL A 489 56.85 -14.48 -40.54
CA VAL A 489 57.54 -13.71 -41.60
C VAL A 489 57.53 -12.25 -41.21
N VAL A 490 56.46 -11.76 -40.60
CA VAL A 490 56.38 -10.37 -40.09
C VAL A 490 57.44 -10.11 -39.01
N TYR A 491 57.66 -11.03 -38.08
CA TYR A 491 58.67 -10.89 -37.01
C TYR A 491 60.09 -11.13 -37.53
N TYR A 492 60.24 -12.05 -38.49
CA TYR A 492 61.53 -12.36 -39.14
C TYR A 492 62.06 -11.10 -39.82
N LEU A 493 61.19 -10.44 -40.58
CA LEU A 493 61.50 -9.21 -41.33
C LEU A 493 61.76 -8.00 -40.43
N LEU A 494 61.12 -7.85 -39.28
CA LEU A 494 61.30 -6.63 -38.48
C LEU A 494 62.50 -6.78 -37.55
N GLU A 495 62.69 -7.92 -36.90
CA GLU A 495 63.82 -8.07 -35.92
C GLU A 495 65.12 -8.22 -36.71
N ASN A 496 65.08 -9.03 -37.75
CA ASN A 496 66.29 -9.43 -38.53
C ASN A 496 66.58 -8.54 -39.74
N TYR A 497 65.70 -7.61 -40.15
CA TYR A 497 65.95 -6.78 -41.34
C TYR A 497 65.60 -5.30 -41.13
N GLY A 498 64.56 -5.02 -40.35
CA GLY A 498 64.12 -3.62 -40.14
C GLY A 498 62.65 -3.41 -40.49
N LEU A 499 62.09 -2.26 -40.08
CA LEU A 499 60.66 -1.95 -40.22
C LEU A 499 60.30 -1.96 -41.69
N ALA A 500 61.19 -1.48 -42.56
CA ALA A 500 60.94 -1.45 -44.02
C ALA A 500 60.38 -2.77 -44.56
N ALA A 501 61.15 -3.84 -44.44
CA ALA A 501 60.87 -5.14 -45.08
C ALA A 501 59.53 -5.73 -44.63
N ALA A 502 59.20 -5.71 -43.35
CA ALA A 502 57.99 -6.35 -42.81
C ALA A 502 56.78 -5.65 -43.40
N THR A 503 56.75 -4.33 -43.32
CA THR A 503 55.67 -3.52 -43.87
C THR A 503 55.64 -3.68 -45.38
N ALA A 504 56.81 -3.75 -45.99
CA ALA A 504 56.91 -3.87 -47.44
C ALA A 504 56.19 -5.12 -47.93
N TYR A 505 56.47 -6.27 -47.29
CA TYR A 505 55.82 -7.55 -47.65
C TYR A 505 54.31 -7.42 -47.52
N LEU A 506 53.88 -6.81 -46.44
CA LEU A 506 52.45 -6.63 -46.11
C LEU A 506 51.76 -5.89 -47.26
N GLU A 507 52.26 -4.69 -47.60
CA GLU A 507 51.77 -3.90 -48.75
C GLU A 507 51.90 -4.74 -50.01
N LYS A 508 53.13 -5.18 -50.34
CA LYS A 508 53.44 -5.86 -51.63
C LYS A 508 52.72 -7.21 -51.70
N SER A 509 52.35 -7.80 -50.56
CA SER A 509 51.47 -8.99 -50.51
C SER A 509 50.06 -8.59 -50.97
N TYR A 510 49.53 -7.51 -50.38
CA TYR A 510 48.17 -7.00 -50.67
C TYR A 510 48.10 -6.52 -52.14
N GLU A 511 49.10 -5.74 -52.60
CA GLU A 511 49.07 -5.08 -53.93
C GLU A 511 49.09 -6.16 -55.03
N GLU A 512 49.98 -7.15 -54.93
CA GLU A 512 50.17 -8.20 -55.96
C GLU A 512 48.93 -9.11 -55.97
N GLN A 513 48.76 -9.93 -54.93
CA GLN A 513 47.70 -11.00 -54.86
C GLN A 513 46.91 -10.84 -53.55
N SER A 514 47.57 -11.11 -52.41
CA SER A 514 46.99 -11.26 -51.04
C SER A 514 47.16 -12.72 -50.61
N THR A 515 48.38 -13.07 -50.19
CA THR A 515 48.85 -14.47 -49.94
C THR A 515 47.99 -15.11 -48.85
N GLY A 516 47.11 -16.04 -49.21
CA GLY A 516 46.42 -16.91 -48.26
C GLY A 516 47.44 -17.65 -47.41
N GLN A 517 48.21 -18.54 -48.05
CA GLN A 517 49.38 -19.24 -47.45
C GLN A 517 50.62 -18.41 -47.76
N PRO A 518 51.50 -18.09 -46.77
CA PRO A 518 52.65 -17.24 -47.00
C PRO A 518 53.46 -17.63 -48.25
N ASN A 519 53.68 -16.67 -49.16
CA ASN A 519 54.38 -16.88 -50.45
C ASN A 519 55.89 -16.62 -50.24
N GLU A 520 56.73 -17.45 -50.86
CA GLU A 520 58.20 -17.51 -50.65
C GLU A 520 58.93 -16.69 -51.73
N ARG A 521 58.53 -16.86 -52.99
CA ARG A 521 59.17 -16.21 -54.16
C ARG A 521 58.94 -14.70 -54.12
N ILE A 522 57.77 -14.26 -53.62
CA ILE A 522 57.48 -12.82 -53.36
C ILE A 522 58.23 -12.38 -52.10
N PHE A 523 58.61 -13.33 -51.23
CA PHE A 523 59.42 -13.09 -50.01
C PHE A 523 60.90 -12.97 -50.38
N ASN A 524 61.38 -13.71 -51.39
CA ASN A 524 62.77 -13.62 -51.92
C ASN A 524 63.02 -12.22 -52.47
N GLU A 525 62.02 -11.65 -53.15
CA GLU A 525 62.02 -10.26 -53.66
C GLU A 525 62.31 -9.33 -52.48
N VAL A 526 61.43 -9.35 -51.47
CA VAL A 526 61.52 -8.48 -50.25
C VAL A 526 62.90 -8.64 -49.62
N ILE A 527 63.48 -9.85 -49.65
CA ILE A 527 64.85 -10.13 -49.10
C ILE A 527 65.89 -9.43 -49.98
N LYS A 528 65.87 -9.67 -51.29
CA LYS A 528 66.92 -9.19 -52.22
C LYS A 528 66.64 -7.74 -52.63
N ASP A 529 65.71 -7.05 -51.96
CA ASP A 529 65.41 -5.60 -52.18
C ASP A 529 65.83 -4.80 -50.93
N LYS A 530 65.64 -5.35 -49.73
CA LYS A 530 66.10 -4.75 -48.45
C LYS A 530 66.74 -5.87 -47.60
N SER A 531 67.97 -6.28 -47.94
CA SER A 531 68.80 -7.28 -47.21
C SER A 531 69.90 -6.59 -46.41
N LEU A 532 70.03 -5.27 -46.55
CA LEU A 532 71.00 -4.41 -45.81
C LEU A 532 70.42 -4.07 -44.42
N ARG A 533 71.30 -3.76 -43.45
CA ARG A 533 70.98 -3.24 -42.09
C ARG A 533 70.31 -4.30 -41.20
N PRO A 534 70.75 -5.57 -41.23
CA PRO A 534 70.15 -6.60 -40.37
C PRO A 534 70.61 -6.42 -38.91
N ASP A 535 69.80 -5.75 -38.09
CA ASP A 535 70.16 -5.38 -36.68
C ASP A 535 69.64 -6.44 -35.70
N GLY A 536 70.29 -6.57 -34.55
CA GLY A 536 69.99 -7.56 -33.50
C GLY A 536 70.56 -8.93 -33.83
N VAL A 537 69.81 -9.70 -34.64
CA VAL A 537 70.18 -11.06 -35.14
C VAL A 537 70.17 -11.03 -36.67
N GLU A 538 71.06 -11.80 -37.33
CA GLU A 538 71.24 -11.85 -38.80
C GLU A 538 70.50 -13.06 -39.39
N LEU A 539 70.48 -13.16 -40.74
CA LEU A 539 69.60 -14.00 -41.61
C LEU A 539 69.35 -15.43 -41.11
N SER A 540 68.27 -16.03 -41.59
CA SER A 540 67.88 -17.47 -41.43
C SER A 540 67.41 -18.05 -42.78
N PHE A 541 66.45 -17.38 -43.44
CA PHE A 541 66.02 -17.54 -44.86
C PHE A 541 64.97 -18.65 -45.03
N LYS A 542 63.94 -18.34 -45.84
CA LYS A 542 62.92 -19.24 -46.44
C LYS A 542 62.15 -20.04 -45.38
N ASP A 543 62.74 -21.07 -44.78
CA ASP A 543 62.05 -21.95 -43.80
C ASP A 543 62.20 -21.37 -42.39
N ILE A 544 61.19 -20.62 -41.93
CA ILE A 544 61.10 -20.10 -40.53
C ILE A 544 60.37 -21.14 -39.69
N PHE A 545 61.04 -21.61 -38.63
CA PHE A 545 60.54 -22.65 -37.69
C PHE A 545 61.58 -22.87 -36.59
N ILE A 546 62.13 -21.77 -36.07
CA ILE A 546 63.26 -21.74 -35.07
C ILE A 546 62.72 -21.56 -33.62
N SER A 547 63.61 -21.20 -32.68
CA SER A 547 63.26 -21.04 -31.25
C SER A 547 62.82 -19.62 -30.87
N GLU A 548 62.73 -18.67 -31.82
CA GLU A 548 62.35 -17.26 -31.51
C GLU A 548 61.35 -16.67 -32.52
N LYS A 549 61.74 -16.49 -33.78
CA LYS A 549 60.85 -15.95 -34.84
C LYS A 549 59.56 -16.76 -34.90
N HIS A 550 59.69 -18.05 -34.65
CA HIS A 550 58.56 -19.00 -34.64
C HIS A 550 57.93 -19.04 -33.25
N GLU A 551 58.77 -19.37 -32.29
CA GLU A 551 58.31 -19.57 -30.89
C GLU A 551 57.89 -18.29 -30.14
N LYS A 552 58.77 -17.71 -29.30
CA LYS A 552 58.48 -16.62 -28.33
C LYS A 552 57.38 -15.65 -28.78
N GLN A 553 57.54 -15.07 -29.96
CA GLN A 553 56.69 -14.00 -30.52
C GLN A 553 55.27 -14.48 -30.80
N ILE A 554 55.08 -15.67 -31.35
CA ILE A 554 53.73 -16.19 -31.66
C ILE A 554 53.03 -16.61 -30.39
N HIS A 555 53.75 -17.24 -29.47
CA HIS A 555 53.12 -17.66 -28.19
C HIS A 555 52.60 -16.41 -27.43
N LEU A 556 53.45 -15.40 -27.33
CA LEU A 556 53.14 -14.15 -26.59
C LEU A 556 52.20 -13.28 -27.42
N SER A 557 52.10 -13.47 -28.72
CA SER A 557 51.05 -12.85 -29.57
C SER A 557 49.68 -13.31 -29.11
N LYS A 558 49.52 -14.58 -28.73
CA LYS A 558 48.24 -15.11 -28.22
C LYS A 558 48.10 -14.75 -26.75
N HIS A 559 49.18 -14.68 -25.99
CA HIS A 559 49.10 -14.32 -24.55
C HIS A 559 48.44 -12.95 -24.31
N TRP A 560 48.83 -11.98 -25.13
CA TRP A 560 48.40 -10.56 -25.01
C TRP A 560 46.97 -10.33 -25.49
N VAL A 561 46.53 -10.98 -26.58
CA VAL A 561 45.16 -10.87 -27.13
C VAL A 561 44.17 -11.54 -26.19
N GLU A 562 44.51 -12.65 -25.55
CA GLU A 562 43.70 -13.35 -24.56
C GLU A 562 43.58 -12.55 -23.27
N ARG A 563 44.60 -11.82 -22.87
CA ARG A 563 44.59 -10.96 -21.66
C ARG A 563 43.61 -9.80 -21.82
N LEU A 564 43.22 -9.45 -23.06
CA LEU A 564 42.31 -8.32 -23.32
C LEU A 564 41.19 -8.68 -24.31
N ARG A 565 40.86 -9.97 -24.39
CA ARG A 565 39.88 -10.60 -25.30
C ARG A 565 39.52 -9.76 -26.52
N ALA A 566 40.19 -10.01 -27.64
CA ALA A 566 39.89 -9.33 -28.92
C ALA A 566 39.49 -10.35 -29.98
N GLY A 567 40.24 -11.44 -30.06
CA GLY A 567 40.00 -12.50 -31.05
C GLY A 567 38.67 -13.19 -30.85
N GLY A 568 37.70 -12.77 -31.63
CA GLY A 568 36.35 -13.36 -31.62
C GLY A 568 35.36 -12.60 -32.48
N ASP A 569 34.07 -12.70 -32.12
CA ASP A 569 32.94 -12.04 -32.82
C ASP A 569 33.25 -10.55 -33.00
N VAL A 570 34.01 -10.00 -32.06
CA VAL A 570 34.44 -8.57 -32.11
C VAL A 570 35.97 -8.49 -32.10
N PRO A 571 36.63 -8.29 -33.26
CA PRO A 571 38.08 -8.08 -33.28
C PRO A 571 38.42 -6.70 -32.71
N THR A 572 38.56 -6.63 -31.38
CA THR A 572 38.54 -5.40 -30.55
C THR A 572 39.85 -4.60 -30.69
N VAL A 573 39.71 -3.32 -30.98
CA VAL A 573 40.85 -2.37 -31.07
C VAL A 573 41.07 -1.69 -29.73
N PHE A 574 42.22 -1.07 -29.52
CA PHE A 574 42.53 -0.37 -28.26
C PHE A 574 43.02 1.03 -28.51
N PHE A 575 42.94 1.83 -27.45
CA PHE A 575 43.35 3.24 -27.50
C PHE A 575 43.43 3.79 -26.09
N ASP A 576 44.64 4.07 -25.61
CA ASP A 576 44.95 4.60 -24.26
C ASP A 576 44.01 3.94 -23.22
N GLY A 577 44.08 2.63 -23.13
CA GLY A 577 43.17 1.83 -22.28
C GLY A 577 41.91 1.53 -23.04
N PHE A 578 40.79 1.97 -22.48
CA PHE A 578 39.41 1.83 -22.98
C PHE A 578 39.28 0.98 -24.24
N PRO A 579 38.29 0.06 -24.28
CA PRO A 579 38.10 -0.79 -25.45
C PRO A 579 37.45 -0.09 -26.65
N ILE A 580 37.45 -0.80 -27.79
CA ILE A 580 36.92 -0.31 -29.09
C ILE A 580 36.34 -1.46 -29.94
N PRO A 581 35.01 -1.53 -30.15
CA PRO A 581 34.47 -2.61 -30.97
C PRO A 581 34.66 -2.47 -32.49
N ARG A 582 35.18 -3.54 -33.13
CA ARG A 582 35.32 -3.59 -34.60
C ARG A 582 34.43 -4.67 -35.17
N GLU A 583 33.14 -4.53 -34.90
CA GLU A 583 32.09 -5.45 -35.41
C GLU A 583 31.30 -4.84 -36.58
N ASP A 584 31.63 -3.61 -37.02
CA ASP A 584 30.93 -2.91 -38.14
C ASP A 584 31.63 -1.61 -38.59
N ASN A 585 31.87 -0.62 -37.70
CA ASN A 585 32.52 0.66 -38.09
C ASN A 585 33.26 1.26 -36.89
N TRP A 586 34.55 0.97 -36.84
CA TRP A 586 35.49 1.34 -35.77
C TRP A 586 35.85 2.81 -35.83
N LEU A 587 35.84 3.37 -37.03
CA LEU A 587 36.45 4.69 -37.33
C LEU A 587 35.84 5.77 -36.46
N ARG A 588 34.54 5.69 -36.16
CA ARG A 588 33.80 6.70 -35.39
C ARG A 588 34.19 6.73 -33.89
N VAL A 589 34.20 5.57 -33.24
CA VAL A 589 34.27 5.46 -31.75
C VAL A 589 35.62 5.93 -31.20
N MET A 590 36.75 5.55 -31.79
CA MET A 590 38.07 5.96 -31.30
C MET A 590 38.36 7.39 -31.70
N ASN A 591 37.79 7.92 -32.77
CA ASN A 591 38.04 9.28 -33.26
C ASN A 591 37.35 10.36 -32.44
N HIS A 592 36.12 10.17 -32.03
CA HIS A 592 35.42 11.09 -31.13
C HIS A 592 36.14 11.16 -29.79
N ARG A 593 36.60 10.02 -29.27
CA ARG A 593 37.37 9.94 -28.03
C ARG A 593 38.76 10.52 -28.19
N LEU A 594 39.37 10.40 -29.37
CA LEU A 594 40.68 10.97 -29.71
C LEU A 594 40.78 12.45 -29.33
N MET A 595 39.78 13.27 -29.68
CA MET A 595 39.78 14.70 -29.30
C MET A 595 39.58 14.86 -27.80
N GLN A 596 38.75 14.01 -27.16
CA GLN A 596 38.48 14.08 -25.73
C GLN A 596 39.64 13.63 -24.83
N ASP A 597 40.72 13.00 -25.33
CA ASP A 597 41.85 12.60 -24.47
C ASP A 597 42.74 13.80 -24.19
N LEU A 598 43.05 14.61 -25.20
CA LEU A 598 44.03 15.71 -25.07
C LEU A 598 43.49 16.77 -24.10
N GLN A 599 42.19 17.10 -24.15
CA GLN A 599 41.63 18.15 -23.27
C GLN A 599 41.40 17.57 -21.87
N ALA A 600 41.32 16.26 -21.69
CA ALA A 600 41.21 15.67 -20.35
C ALA A 600 42.59 15.79 -19.63
N LEU A 601 43.64 15.49 -20.38
CA LEU A 601 45.03 15.56 -19.88
C LEU A 601 45.42 17.02 -19.63
N GLN A 602 44.93 17.95 -20.43
CA GLN A 602 45.18 19.40 -20.31
C GLN A 602 44.72 19.86 -18.93
N GLN A 603 43.71 19.26 -18.32
CA GLN A 603 43.28 19.70 -16.96
C GLN A 603 44.36 19.41 -15.90
N ALA A 604 45.06 18.29 -16.03
CA ALA A 604 46.18 17.89 -15.16
C ALA A 604 47.32 18.85 -15.43
N GLY A 605 47.55 19.26 -16.67
CA GLY A 605 48.55 20.29 -17.00
C GLY A 605 48.25 21.63 -16.38
N TYR A 606 46.98 22.06 -16.52
CA TYR A 606 46.44 23.34 -15.97
C TYR A 606 46.80 23.46 -14.48
N PHE A 607 46.80 22.31 -13.81
CA PHE A 607 47.03 22.25 -12.35
C PHE A 607 48.45 21.88 -12.00
N GLY A 608 49.31 21.59 -12.97
CA GLY A 608 50.70 21.25 -12.71
C GLY A 608 50.92 19.88 -12.10
N MET A 609 49.90 19.07 -11.85
CA MET A 609 50.12 17.73 -11.24
C MET A 609 50.99 16.89 -12.17
N LEU A 610 50.90 17.12 -13.48
CA LEU A 610 51.81 16.47 -14.45
C LEU A 610 53.20 17.06 -14.26
N ASN A 611 54.10 16.32 -13.61
CA ASN A 611 55.52 16.72 -13.46
C ASN A 611 56.25 16.54 -14.80
N GLU A 612 57.35 17.26 -15.04
CA GLU A 612 58.20 17.01 -16.25
C GLU A 612 58.73 15.57 -16.24
N SER A 613 59.04 15.07 -15.03
CA SER A 613 59.31 13.64 -14.79
C SER A 613 57.98 12.89 -14.70
N MET A 614 57.37 12.66 -15.85
CA MET A 614 56.17 11.78 -15.96
C MET A 614 55.96 11.29 -17.41
N TRP A 615 55.82 9.95 -17.57
CA TRP A 615 55.66 9.23 -18.85
C TRP A 615 54.25 9.48 -19.33
N LEU A 616 54.09 10.13 -20.48
CA LEU A 616 52.76 10.52 -20.96
C LEU A 616 51.91 9.35 -21.49
N PRO A 617 52.43 8.22 -22.05
CA PRO A 617 51.57 7.10 -22.42
C PRO A 617 50.99 6.41 -21.17
N GLY A 618 51.80 6.27 -20.12
CA GLY A 618 51.41 5.61 -18.87
C GLY A 618 50.78 6.67 -17.96
N PHE A 619 49.72 7.29 -18.49
CA PHE A 619 48.92 8.30 -17.78
C PHE A 619 47.46 7.81 -17.70
N PHE A 620 46.90 7.45 -18.86
CA PHE A 620 45.56 6.83 -18.91
C PHE A 620 45.61 5.42 -18.36
N LEU A 621 46.80 4.86 -18.15
CA LEU A 621 47.02 3.50 -17.61
C LEU A 621 47.51 3.57 -16.16
N GLU A 622 46.79 4.31 -15.33
CA GLU A 622 47.08 4.47 -13.88
C GLU A 622 46.05 3.69 -13.07
N LYS A 623 44.77 3.96 -13.32
CA LYS A 623 43.63 3.15 -12.84
C LYS A 623 43.78 1.72 -13.39
N ALA A 624 43.94 1.63 -14.70
CA ALA A 624 43.98 0.43 -15.57
C ALA A 624 44.05 -0.88 -14.81
N LEU A 625 43.29 -1.86 -15.29
CA LEU A 625 43.22 -3.22 -14.75
C LEU A 625 43.86 -4.16 -15.73
N SER A 626 44.30 -5.27 -15.16
CA SER A 626 45.02 -6.33 -15.91
C SER A 626 44.21 -6.94 -17.06
N ARG A 627 43.19 -7.74 -16.73
CA ARG A 627 42.43 -8.56 -17.72
C ARG A 627 40.97 -8.13 -17.95
N ARG A 628 40.65 -7.63 -19.15
CA ARG A 628 39.28 -7.17 -19.49
C ARG A 628 38.28 -8.33 -19.41
N ASN A 629 37.46 -8.34 -18.37
CA ASN A 629 36.44 -9.41 -18.20
C ASN A 629 35.23 -8.93 -18.96
N THR A 630 35.04 -9.39 -20.20
CA THR A 630 33.98 -8.96 -21.15
C THR A 630 32.59 -9.20 -20.57
N LEU A 631 32.47 -10.11 -19.63
CA LEU A 631 31.19 -10.39 -19.00
C LEU A 631 30.78 -9.21 -18.16
N ILE A 632 31.75 -8.50 -17.57
CA ILE A 632 31.48 -7.28 -16.78
C ILE A 632 31.31 -6.05 -17.68
N PHE A 633 32.28 -5.87 -18.57
CA PHE A 633 32.30 -4.77 -19.54
C PHE A 633 32.07 -5.28 -20.95
N PRO A 634 30.80 -5.44 -21.37
CA PRO A 634 30.51 -6.01 -22.66
C PRO A 634 31.07 -5.29 -23.87
N GLU A 635 30.79 -5.90 -25.00
CA GLU A 635 31.22 -5.37 -26.31
C GLU A 635 30.28 -4.21 -26.58
N ASP A 636 29.01 -4.55 -26.68
CA ASP A 636 27.94 -3.56 -26.75
C ASP A 636 27.71 -3.08 -25.34
N LYS A 637 28.09 -1.84 -25.05
CA LYS A 637 28.11 -1.34 -23.67
C LYS A 637 26.69 -1.09 -23.16
N ASN A 638 25.69 -1.01 -24.06
CA ASN A 638 24.26 -0.88 -23.71
C ASN A 638 23.53 -2.20 -23.91
N GLU A 639 23.63 -3.04 -22.90
CA GLU A 639 23.01 -4.38 -22.90
C GLU A 639 23.25 -5.11 -21.57
N LEU A 640 22.56 -4.76 -20.49
CA LEU A 640 22.78 -5.43 -19.18
C LEU A 640 21.71 -6.46 -18.92
N THR A 641 22.09 -7.73 -19.05
CA THR A 641 21.15 -8.84 -18.91
C THR A 641 20.88 -9.07 -17.43
N VAL A 642 19.83 -8.44 -16.94
CA VAL A 642 19.47 -8.56 -15.50
C VAL A 642 18.02 -9.00 -15.30
N LEU A 643 17.86 -10.12 -14.59
CA LEU A 643 16.54 -10.61 -14.21
C LEU A 643 16.38 -10.43 -12.70
N ASN A 644 15.56 -9.45 -12.31
CA ASN A 644 15.22 -9.01 -10.94
C ASN A 644 15.50 -10.12 -9.92
N VAL A 645 16.50 -9.88 -9.09
CA VAL A 645 16.88 -10.84 -8.00
C VAL A 645 15.75 -10.98 -6.99
N ASN A 646 14.91 -9.97 -6.79
CA ASN A 646 13.82 -10.06 -5.81
C ASN A 646 12.71 -11.00 -6.28
N LYS A 647 12.48 -11.01 -7.57
CA LYS A 647 11.51 -11.88 -8.27
C LYS A 647 11.95 -13.33 -8.16
N ILE A 648 13.25 -13.62 -8.09
CA ILE A 648 13.80 -15.01 -7.98
C ILE A 648 13.59 -15.64 -6.61
N TYR A 649 14.27 -15.13 -5.57
CA TYR A 649 14.22 -15.72 -4.22
C TYR A 649 12.97 -15.23 -3.47
N ILE A 650 11.77 -15.66 -3.88
CA ILE A 650 10.52 -15.19 -3.25
C ILE A 650 9.38 -16.15 -3.54
N GLU A 651 9.35 -16.87 -4.66
CA GLU A 651 8.30 -17.89 -4.88
C GLU A 651 8.90 -19.27 -5.08
N ASN A 652 10.01 -19.55 -4.41
CA ASN A 652 10.69 -20.86 -4.48
C ASN A 652 11.16 -21.26 -3.08
N HIS A 653 10.17 -21.58 -2.23
CA HIS A 653 10.32 -21.78 -0.76
C HIS A 653 11.36 -22.80 -0.33
N ASP A 654 11.72 -23.77 -1.18
CA ASP A 654 12.70 -24.81 -0.80
C ASP A 654 14.06 -24.41 -1.37
N LEU A 655 14.16 -24.04 -2.64
CA LEU A 655 15.46 -23.79 -3.30
C LEU A 655 16.13 -22.56 -2.71
N MET A 656 15.38 -21.53 -2.30
CA MET A 656 15.97 -20.29 -1.77
C MET A 656 16.23 -20.36 -0.26
N SER A 657 15.98 -21.50 0.37
CA SER A 657 16.22 -21.70 1.82
C SER A 657 17.30 -22.78 2.03
N LYS A 658 17.20 -23.87 1.27
CA LYS A 658 18.18 -24.99 1.31
C LYS A 658 19.51 -24.62 0.61
N VAL A 659 19.88 -23.33 0.59
CA VAL A 659 21.13 -22.87 -0.06
C VAL A 659 22.14 -22.53 1.05
N PRO A 660 23.41 -23.00 0.95
CA PRO A 660 24.43 -22.65 1.95
C PRO A 660 24.80 -21.18 1.81
N VAL A 661 24.10 -20.32 2.52
CA VAL A 661 24.25 -18.85 2.50
C VAL A 661 25.26 -18.39 3.57
N ILE A 662 25.98 -17.34 3.25
CA ILE A 662 26.85 -16.63 4.23
C ILE A 662 26.45 -15.19 4.23
N GLU A 663 25.70 -14.78 5.24
CA GLU A 663 25.21 -13.41 5.34
C GLU A 663 26.35 -12.42 5.44
N ALA A 664 26.06 -11.23 4.98
CA ALA A 664 27.02 -10.12 5.06
C ALA A 664 27.02 -9.56 6.48
N SER A 665 27.78 -10.19 7.38
CA SER A 665 27.85 -9.90 8.84
C SER A 665 27.64 -8.44 9.17
N LYS A 666 26.95 -8.20 10.28
CA LYS A 666 26.61 -6.83 10.69
C LYS A 666 27.81 -6.16 11.34
N GLU A 667 29.02 -6.67 11.09
CA GLU A 667 30.30 -6.11 11.59
C GLU A 667 30.71 -4.89 10.78
N SER A 668 30.24 -4.76 9.54
CA SER A 668 30.62 -3.65 8.64
C SER A 668 29.43 -2.78 8.22
N THR A 669 29.69 -1.74 7.43
CA THR A 669 28.71 -0.71 7.01
C THR A 669 27.72 -1.21 5.93
N ARG A 670 26.93 -0.28 5.39
CA ARG A 670 25.75 -0.50 4.48
C ARG A 670 26.11 -0.73 3.02
N ASP A 671 26.97 0.09 2.43
CA ASP A 671 27.25 0.03 0.99
C ASP A 671 28.10 -1.19 0.63
N ASP A 672 28.69 -1.87 1.61
CA ASP A 672 29.42 -3.14 1.34
C ASP A 672 28.43 -4.25 0.93
N TRP A 673 27.30 -4.29 1.65
CA TRP A 673 26.22 -5.31 1.52
C TRP A 673 25.81 -5.55 0.06
N ALA A 674 25.97 -6.78 -0.43
CA ALA A 674 25.54 -7.17 -1.79
C ALA A 674 25.44 -8.68 -1.89
N ALA A 675 24.44 -9.19 -2.61
CA ALA A 675 24.13 -10.64 -2.65
C ALA A 675 24.72 -11.31 -3.89
N LEU A 676 26.00 -11.65 -3.83
CA LEU A 676 26.69 -12.31 -4.96
C LEU A 676 26.10 -13.72 -5.07
N THR A 677 25.20 -13.90 -6.02
CA THR A 677 24.59 -15.22 -6.33
C THR A 677 25.64 -16.03 -7.09
N VAL A 678 25.99 -17.22 -6.61
CA VAL A 678 26.95 -18.08 -7.34
C VAL A 678 26.22 -19.39 -7.68
N VAL A 679 25.56 -19.45 -8.83
CA VAL A 679 24.90 -20.71 -9.28
C VAL A 679 25.84 -21.47 -10.21
N ALA A 680 26.44 -22.57 -9.73
CA ALA A 680 27.46 -23.34 -10.47
C ALA A 680 27.39 -24.87 -10.24
N ASP A 681 27.96 -25.60 -11.18
CA ASP A 681 27.99 -27.08 -11.18
C ASP A 681 29.17 -27.52 -10.35
N LEU A 682 28.91 -27.94 -9.12
CA LEU A 682 29.94 -28.33 -8.14
C LEU A 682 30.46 -29.75 -8.43
N ASP A 683 29.96 -30.43 -9.46
CA ASP A 683 30.46 -31.79 -9.81
C ASP A 683 31.31 -31.67 -11.08
N ASP A 684 32.17 -30.67 -11.13
CA ASP A 684 33.08 -30.40 -12.26
C ASP A 684 34.22 -29.53 -11.76
N ILE A 685 35.42 -29.72 -12.31
CA ILE A 685 36.62 -29.00 -11.79
C ILE A 685 36.59 -27.52 -12.20
N GLU A 686 35.73 -27.11 -13.14
CA GLU A 686 35.61 -25.70 -13.55
C GLU A 686 34.20 -25.19 -13.20
N GLY A 687 33.75 -25.53 -11.99
CA GLY A 687 32.48 -25.05 -11.46
C GLY A 687 32.52 -25.00 -9.94
N GLN A 688 33.09 -26.03 -9.31
CA GLN A 688 33.32 -26.04 -7.85
C GLN A 688 34.51 -25.17 -7.47
N GLU A 689 35.40 -24.84 -8.42
CA GLU A 689 36.62 -24.04 -8.17
C GLU A 689 36.19 -22.59 -8.00
N LEU A 690 35.19 -22.12 -8.76
CA LEU A 690 34.65 -20.75 -8.58
C LEU A 690 33.95 -20.61 -7.24
N VAL A 691 33.27 -21.67 -6.76
CA VAL A 691 32.61 -21.66 -5.43
C VAL A 691 33.61 -21.32 -4.31
N TYR A 692 34.81 -21.90 -4.36
CA TYR A 692 35.86 -21.64 -3.35
C TYR A 692 36.48 -20.26 -3.54
N TYR A 693 36.61 -19.72 -4.73
CA TYR A 693 37.21 -18.37 -4.93
C TYR A 693 36.21 -17.30 -4.51
N ALA A 694 34.92 -17.56 -4.69
CA ALA A 694 33.86 -16.63 -4.24
C ALA A 694 33.79 -16.66 -2.71
N LEU A 695 33.99 -17.84 -2.11
CA LEU A 695 34.09 -18.02 -0.66
C LEU A 695 35.27 -17.21 -0.11
N ARG A 696 36.43 -17.29 -0.75
CA ARG A 696 37.65 -16.54 -0.46
C ARG A 696 37.45 -15.04 -0.62
N PHE A 697 36.59 -14.64 -1.52
CA PHE A 697 36.24 -13.25 -1.78
C PHE A 697 35.41 -12.68 -0.63
N ARG A 698 34.52 -13.54 -0.09
CA ARG A 698 33.69 -13.19 1.10
C ARG A 698 34.58 -12.97 2.33
N LYS A 699 35.61 -13.79 2.54
CA LYS A 699 36.62 -13.65 3.62
C LYS A 699 37.16 -12.22 3.67
N SER A 700 37.47 -11.67 2.50
CA SER A 700 38.12 -10.34 2.35
C SER A 700 37.12 -9.23 2.61
N ASN A 701 35.89 -9.37 2.08
CA ASN A 701 34.85 -8.33 2.31
C ASN A 701 33.62 -8.88 3.07
N ASP A 702 33.28 -8.19 4.16
CA ASP A 702 32.11 -8.54 5.03
C ASP A 702 30.81 -7.97 4.46
N GLY A 703 30.78 -7.65 3.17
CA GLY A 703 29.58 -7.16 2.49
C GLY A 703 29.11 -8.14 1.43
N VAL A 704 29.29 -9.45 1.67
CA VAL A 704 28.93 -10.48 0.64
C VAL A 704 27.87 -11.43 1.18
N ARG A 705 26.66 -11.44 0.61
CA ARG A 705 25.62 -12.42 0.97
C ARG A 705 25.80 -13.60 0.03
N LEU A 706 26.73 -14.53 0.30
CA LEU A 706 27.02 -15.63 -0.66
C LEU A 706 25.83 -16.59 -0.85
N ASP A 707 25.76 -17.20 -2.02
CA ASP A 707 24.74 -18.21 -2.38
C ASP A 707 25.42 -19.31 -3.18
N ILE A 708 25.30 -20.57 -2.75
CA ILE A 708 25.88 -21.69 -3.52
C ILE A 708 24.79 -22.69 -3.87
N VAL A 709 23.93 -22.30 -4.80
CA VAL A 709 22.90 -23.18 -5.38
C VAL A 709 23.64 -24.14 -6.28
N HIS A 710 23.50 -25.41 -6.01
CA HIS A 710 24.08 -26.43 -6.90
C HIS A 710 23.30 -26.45 -8.21
N ASN A 711 24.04 -26.37 -9.30
CA ASN A 711 23.48 -26.45 -10.66
C ASN A 711 24.02 -27.73 -11.28
N PRO A 712 23.42 -28.92 -11.02
CA PRO A 712 24.01 -30.18 -11.45
C PRO A 712 24.01 -30.45 -12.98
N LYS A 713 25.06 -31.11 -13.45
CA LYS A 713 25.14 -31.61 -14.85
C LYS A 713 24.23 -32.83 -14.98
N ASP A 714 24.33 -33.74 -14.02
CA ASP A 714 23.65 -35.05 -14.08
C ASP A 714 22.24 -34.86 -13.53
N THR A 715 21.25 -35.21 -14.33
CA THR A 715 19.81 -34.99 -13.98
C THR A 715 19.28 -36.08 -13.03
N SER A 716 19.70 -37.34 -13.19
CA SER A 716 19.26 -38.45 -12.33
C SER A 716 19.90 -38.30 -10.95
N ARG A 717 21.13 -37.80 -10.92
CA ARG A 717 21.86 -37.43 -9.69
C ARG A 717 21.11 -36.29 -9.03
N SER A 718 20.18 -36.62 -8.13
CA SER A 718 19.29 -35.62 -7.48
C SER A 718 20.12 -34.55 -6.81
N PRO A 719 20.05 -33.29 -7.27
CA PRO A 719 20.90 -32.23 -6.74
C PRO A 719 21.09 -32.13 -5.21
N SER A 720 19.98 -32.24 -4.48
CA SER A 720 19.86 -32.03 -3.03
C SER A 720 20.99 -32.62 -2.19
N VAL A 721 21.52 -33.80 -2.46
CA VAL A 721 22.55 -34.42 -1.60
C VAL A 721 23.87 -33.67 -1.81
N LEU A 722 24.17 -33.21 -3.03
CA LEU A 722 25.38 -32.37 -3.30
C LEU A 722 25.28 -31.03 -2.58
N ALA A 723 24.10 -30.44 -2.54
CA ALA A 723 23.84 -29.17 -1.84
C ALA A 723 23.95 -29.39 -0.32
N GLN A 724 23.50 -30.54 0.13
CA GLN A 724 23.56 -31.00 1.54
C GLN A 724 25.01 -31.27 1.97
N ARG A 725 25.93 -31.55 1.06
CA ARG A 725 27.37 -31.70 1.39
C ARG A 725 27.96 -30.37 1.80
N LEU A 726 27.40 -29.24 1.42
CA LEU A 726 27.81 -27.86 1.71
C LEU A 726 26.84 -27.21 2.70
N LYS A 727 25.62 -27.74 2.81
CA LYS A 727 24.63 -27.25 3.78
C LYS A 727 24.82 -27.91 5.15
N SER A 728 25.48 -29.07 5.18
CA SER A 728 25.75 -29.81 6.41
C SER A 728 26.88 -29.08 7.15
N ARG A 729 27.86 -28.62 6.40
CA ARG A 729 29.04 -27.89 6.92
C ARG A 729 28.95 -26.41 6.55
N GLU A 730 27.74 -25.86 6.65
CA GLU A 730 27.41 -24.46 6.30
C GLU A 730 27.71 -23.53 7.47
N ASP A 731 27.63 -24.02 8.71
CA ASP A 731 27.84 -23.25 9.95
C ASP A 731 29.24 -22.62 9.97
N LYS A 732 30.25 -23.42 9.69
CA LYS A 732 31.65 -22.98 9.66
C LYS A 732 32.14 -22.85 8.22
N LEU A 733 31.47 -22.02 7.45
CA LEU A 733 31.83 -21.84 6.02
C LEU A 733 32.98 -20.84 5.83
N LEU A 734 33.53 -20.90 4.62
CA LEU A 734 34.76 -20.22 4.10
C LEU A 734 35.89 -20.16 5.13
N ASP A 735 36.08 -21.23 5.89
CA ASP A 735 37.19 -21.32 6.87
C ASP A 735 38.19 -22.37 6.39
N PHE A 736 38.52 -22.31 5.11
CA PHE A 736 39.25 -23.40 4.44
C PHE A 736 40.51 -22.79 3.81
N THR A 737 41.62 -23.36 4.20
CA THR A 737 42.97 -22.84 3.88
C THR A 737 43.24 -23.07 2.41
N ARG A 738 42.85 -24.23 1.88
CA ARG A 738 43.12 -24.61 0.48
C ARG A 738 41.84 -25.10 -0.22
N PHE A 739 41.96 -25.27 -1.52
CA PHE A 739 40.88 -25.81 -2.38
C PHE A 739 40.62 -27.26 -1.98
N LEU A 740 41.66 -28.01 -1.60
CA LEU A 740 41.53 -29.42 -1.17
C LEU A 740 40.59 -29.58 0.01
N ASP A 741 40.43 -28.58 0.85
CA ASP A 741 39.52 -28.66 2.02
C ASP A 741 38.07 -28.71 1.52
N LEU A 742 37.74 -27.89 0.50
CA LEU A 742 36.42 -27.87 -0.13
C LEU A 742 36.20 -29.16 -0.93
N GLU A 743 37.24 -29.70 -1.57
CA GLU A 743 37.13 -30.91 -2.43
C GLU A 743 36.94 -32.19 -1.61
N THR A 744 37.35 -32.23 -0.34
CA THR A 744 37.12 -33.39 0.55
C THR A 744 35.73 -33.34 1.20
N ALA A 745 35.07 -32.20 1.23
CA ALA A 745 33.72 -32.07 1.83
C ALA A 745 32.64 -32.51 0.86
N LEU A 746 32.94 -32.54 -0.44
CA LEU A 746 31.98 -32.96 -1.49
C LEU A 746 31.97 -34.48 -1.69
N GLU A 747 32.76 -35.22 -0.93
CA GLU A 747 32.74 -36.70 -0.91
C GLU A 747 32.11 -37.19 0.40
N THR A 748 32.49 -36.57 1.51
CA THR A 748 31.96 -36.88 2.86
C THR A 748 30.58 -36.24 2.97
N GLY A 749 29.52 -37.02 2.81
CA GLY A 749 28.15 -36.51 2.95
C GLY A 749 27.17 -37.18 2.01
N GLU A 750 27.00 -38.48 2.15
CA GLU A 750 26.05 -39.25 1.31
C GLU A 750 24.65 -39.11 1.87
N PHE A 751 24.10 -37.91 1.76
CA PHE A 751 22.78 -37.56 2.33
C PHE A 751 21.67 -38.28 1.57
N GLU A 752 20.49 -38.17 2.15
CA GLU A 752 19.25 -38.74 1.58
C GLU A 752 18.78 -37.87 0.41
N PRO A 753 18.37 -38.46 -0.73
CA PRO A 753 17.89 -37.67 -1.88
C PRO A 753 16.60 -36.90 -1.62
N ASP A 754 16.76 -35.61 -1.33
CA ASP A 754 15.63 -34.69 -1.08
C ASP A 754 15.06 -34.29 -2.43
N VAL A 755 14.06 -35.03 -2.86
CA VAL A 755 13.45 -34.90 -4.21
C VAL A 755 12.62 -33.62 -4.28
N ALA A 756 12.20 -33.06 -3.14
CA ALA A 756 11.44 -31.81 -3.06
C ALA A 756 12.37 -30.66 -3.45
N TYR A 757 13.68 -30.76 -3.26
CA TYR A 757 14.66 -29.70 -3.57
C TYR A 757 14.78 -29.54 -5.09
N ASP A 758 14.82 -30.65 -5.83
CA ASP A 758 15.07 -30.70 -7.28
C ASP A 758 13.87 -30.16 -8.08
N CYS A 759 12.69 -30.04 -7.50
CA CYS A 759 11.46 -29.63 -8.22
C CYS A 759 11.30 -28.11 -8.17
N SER A 760 11.72 -27.47 -7.08
CA SER A 760 11.68 -25.98 -6.99
C SER A 760 12.76 -25.34 -7.86
N LEU A 761 13.85 -26.06 -8.11
CA LEU A 761 14.93 -25.67 -9.03
C LEU A 761 14.35 -25.66 -10.44
N ALA A 762 13.57 -26.67 -10.79
CA ALA A 762 12.82 -26.82 -12.06
C ALA A 762 11.78 -25.72 -12.28
N ASN A 763 11.61 -24.80 -11.33
CA ASN A 763 10.69 -23.64 -11.40
C ASN A 763 11.50 -22.35 -11.48
N PHE A 764 12.75 -22.37 -11.00
CA PHE A 764 13.69 -21.23 -10.98
C PHE A 764 14.52 -21.14 -12.24
N LEU A 765 15.14 -22.24 -12.68
CA LEU A 765 16.02 -22.26 -13.84
C LEU A 765 15.26 -21.85 -15.09
N ALA A 766 14.00 -22.25 -15.21
CA ALA A 766 13.15 -21.96 -16.38
C ALA A 766 12.81 -20.46 -16.41
N SER A 767 12.49 -19.89 -15.26
CA SER A 767 12.13 -18.47 -15.08
C SER A 767 13.35 -17.62 -15.36
N SER A 768 14.52 -18.06 -14.88
CA SER A 768 15.74 -17.26 -15.04
C SER A 768 16.50 -17.57 -16.34
N ASN A 769 16.04 -18.57 -17.10
CA ASN A 769 16.67 -18.99 -18.38
C ASN A 769 18.12 -19.35 -18.12
N MET A 770 18.37 -20.52 -17.55
CA MET A 770 19.75 -20.91 -17.19
C MET A 770 20.06 -22.29 -17.74
N LYS A 771 21.35 -22.53 -17.96
CA LYS A 771 21.91 -23.79 -18.47
C LYS A 771 22.56 -24.59 -17.33
N ALA A 772 22.70 -25.90 -17.51
CA ALA A 772 23.34 -26.80 -16.53
C ALA A 772 24.74 -27.19 -17.03
N GLY A 773 25.65 -27.33 -16.10
CA GLY A 773 27.05 -27.67 -16.39
C GLY A 773 27.88 -26.41 -16.61
N ASP A 774 27.53 -25.64 -17.64
CA ASP A 774 28.08 -24.29 -17.90
C ASP A 774 27.61 -23.42 -16.74
N ASN A 775 28.40 -22.42 -16.41
CA ASN A 775 28.16 -21.61 -15.17
C ASN A 775 27.89 -20.12 -15.46
N PHE A 776 27.33 -19.44 -14.46
CA PHE A 776 26.98 -18.01 -14.52
C PHE A 776 27.21 -17.38 -13.15
N VAL A 777 28.10 -16.41 -13.02
CA VAL A 777 28.29 -15.69 -11.74
C VAL A 777 27.30 -14.52 -11.71
N ILE A 778 26.66 -14.33 -10.56
CA ILE A 778 25.63 -13.25 -10.39
C ILE A 778 25.96 -12.34 -9.19
N LEU A 779 25.59 -11.10 -9.29
CA LEU A 779 25.72 -10.16 -8.15
C LEU A 779 24.57 -9.18 -8.20
N ASN A 780 23.67 -9.25 -7.23
CA ASN A 780 22.46 -8.42 -7.13
C ASN A 780 21.49 -8.64 -8.28
N GLY A 781 21.79 -9.55 -9.21
CA GLY A 781 20.90 -9.85 -10.33
C GLY A 781 21.61 -9.87 -11.67
N ARG A 782 22.88 -9.45 -11.72
CA ARG A 782 23.63 -9.31 -12.98
C ARG A 782 24.32 -10.64 -13.35
N VAL A 783 23.84 -11.27 -14.41
CA VAL A 783 24.35 -12.54 -14.95
C VAL A 783 25.61 -12.30 -15.78
N LEU A 784 26.61 -13.19 -15.65
CA LEU A 784 27.76 -13.23 -16.59
C LEU A 784 27.83 -14.63 -17.19
N GLY A 785 27.79 -14.74 -18.50
CA GLY A 785 27.69 -16.06 -19.14
C GLY A 785 28.22 -16.11 -20.56
N PRO A 786 28.68 -17.30 -21.07
CA PRO A 786 28.76 -18.57 -20.31
C PRO A 786 30.12 -18.75 -19.66
N ILE A 787 30.15 -18.81 -18.32
CA ILE A 787 31.43 -18.97 -17.57
C ILE A 787 31.96 -20.37 -17.92
N THR A 788 32.81 -20.46 -18.93
CA THR A 788 33.29 -21.78 -19.42
C THR A 788 34.12 -22.43 -18.30
N SER A 789 35.16 -21.73 -17.84
CA SER A 789 36.03 -22.22 -16.74
C SER A 789 36.14 -21.22 -15.59
N ALA A 790 36.68 -21.69 -14.47
CA ALA A 790 36.96 -20.84 -13.27
C ALA A 790 38.08 -19.84 -13.52
N ASP A 791 38.68 -19.87 -14.71
CA ASP A 791 39.76 -18.92 -15.09
C ASP A 791 39.19 -17.61 -15.62
N ASP A 792 38.03 -17.68 -16.28
CA ASP A 792 37.28 -16.53 -16.81
C ASP A 792 36.88 -15.58 -15.69
N PHE A 793 36.70 -16.08 -14.46
CA PHE A 793 36.30 -15.24 -13.32
C PHE A 793 37.03 -15.65 -12.05
N LYS A 794 38.36 -15.54 -12.04
CA LYS A 794 39.16 -15.83 -10.84
C LYS A 794 38.77 -14.87 -9.70
N LYS A 795 39.33 -15.04 -8.49
CA LYS A 795 39.07 -14.12 -7.36
C LYS A 795 39.51 -12.70 -7.73
N GLU A 796 40.57 -12.55 -8.53
CA GLU A 796 41.09 -11.23 -8.95
C GLU A 796 40.17 -10.55 -9.96
N ASP A 797 38.98 -11.11 -10.18
CA ASP A 797 37.91 -10.55 -11.02
C ASP A 797 36.61 -10.38 -10.23
N PHE A 798 36.49 -11.01 -9.07
CA PHE A 798 35.34 -10.81 -8.18
C PHE A 798 35.37 -9.39 -7.62
N GLU A 799 36.55 -8.83 -7.36
CA GLU A 799 36.68 -7.42 -6.93
C GLU A 799 36.37 -6.44 -8.07
N VAL A 800 36.80 -6.78 -9.27
CA VAL A 800 36.65 -5.95 -10.48
C VAL A 800 35.16 -5.79 -10.79
N PHE A 801 34.40 -6.86 -10.62
CA PHE A 801 32.92 -6.86 -10.78
C PHE A 801 32.27 -6.02 -9.68
N LEU A 802 32.78 -6.13 -8.47
CA LEU A 802 32.29 -5.29 -7.36
C LEU A 802 32.59 -3.80 -7.55
N GLN A 803 33.63 -3.50 -8.30
CA GLN A 803 34.07 -2.13 -8.59
C GLN A 803 33.05 -1.47 -9.55
N ALA A 804 32.88 -2.05 -10.74
CA ALA A 804 31.95 -1.59 -11.78
C ALA A 804 30.52 -1.59 -11.28
N GLU A 805 30.11 -2.60 -10.55
CA GLU A 805 28.70 -2.72 -10.11
C GLU A 805 28.42 -1.75 -8.99
N ARG A 806 29.38 -1.55 -8.10
CA ARG A 806 29.28 -0.48 -7.09
C ARG A 806 29.18 0.90 -7.73
N ARG A 807 30.08 1.11 -8.67
CA ARG A 807 30.20 2.32 -9.51
C ARG A 807 28.90 2.72 -10.19
N THR A 808 28.36 1.84 -11.00
CA THR A 808 27.23 2.10 -11.91
C THR A 808 25.89 1.95 -11.19
N ARG A 809 25.69 0.95 -10.36
CA ARG A 809 24.31 0.64 -9.82
C ARG A 809 24.26 0.62 -8.28
N ILE A 810 25.18 -0.07 -7.60
CA ILE A 810 25.10 -0.19 -6.10
C ILE A 810 25.04 1.19 -5.44
N LEU A 811 26.06 2.05 -5.58
CA LEU A 811 26.08 3.32 -4.78
C LEU A 811 24.91 4.24 -5.10
N PRO A 812 24.59 4.52 -6.38
CA PRO A 812 23.50 5.43 -6.69
C PRO A 812 22.10 4.99 -6.26
N VAL A 813 21.94 3.71 -5.99
CA VAL A 813 20.67 3.21 -5.42
C VAL A 813 20.38 3.75 -4.03
N TYR A 814 21.41 4.09 -3.27
CA TYR A 814 21.27 4.65 -1.93
C TYR A 814 21.14 6.16 -2.00
N LYS A 815 21.74 6.79 -3.01
CA LYS A 815 21.75 8.26 -3.18
C LYS A 815 20.38 8.76 -3.64
N ALA A 816 19.72 8.04 -4.54
CA ALA A 816 18.34 8.32 -4.97
C ALA A 816 17.36 8.31 -3.79
N LEU A 817 17.66 7.47 -2.81
CA LEU A 817 16.82 7.23 -1.62
C LEU A 817 17.17 8.21 -0.48
N GLU A 818 18.40 8.71 -0.44
CA GLU A 818 18.91 9.64 0.60
C GLU A 818 18.21 11.01 0.46
N ASP A 819 18.00 11.47 -0.76
CA ASP A 819 17.32 12.75 -1.06
C ASP A 819 15.90 12.36 -1.48
N LEU A 820 15.20 11.62 -0.61
CA LEU A 820 13.84 11.10 -0.90
C LEU A 820 13.04 10.95 0.40
N GLY A 821 13.65 10.31 1.39
CA GLY A 821 13.08 10.20 2.73
C GLY A 821 12.76 8.79 3.17
N LEU A 822 13.25 7.78 2.47
CA LEU A 822 12.97 6.36 2.81
C LEU A 822 14.26 5.52 2.83
N ASP A 823 15.29 6.01 3.53
CA ASP A 823 16.61 5.33 3.67
C ASP A 823 16.61 4.22 4.72
N ASP A 824 15.46 3.84 5.29
CA ASP A 824 15.44 2.79 6.33
C ASP A 824 14.92 1.47 5.75
N LYS A 825 14.69 1.40 4.45
CA LYS A 825 14.20 0.15 3.78
C LYS A 825 15.30 -0.52 2.95
N VAL A 826 16.54 -0.40 3.42
CA VAL A 826 17.73 -0.99 2.77
C VAL A 826 18.28 -2.07 3.71
N SER A 827 17.41 -2.99 4.10
CA SER A 827 17.75 -4.12 5.01
C SER A 827 18.84 -5.00 4.40
N GLY A 828 20.08 -4.78 4.81
CA GLY A 828 21.22 -5.62 4.40
C GLY A 828 21.44 -5.68 2.89
N PRO A 829 22.13 -6.75 2.40
CA PRO A 829 22.29 -6.92 0.96
C PRO A 829 20.98 -7.11 0.22
N LEU A 830 20.06 -7.81 0.88
CA LEU A 830 18.69 -8.14 0.44
C LEU A 830 18.01 -6.99 -0.29
N SER A 831 17.52 -5.96 0.40
CA SER A 831 16.89 -4.81 -0.25
C SER A 831 17.77 -4.22 -1.36
N ALA A 832 19.03 -3.93 -1.08
CA ALA A 832 19.97 -3.30 -2.04
C ALA A 832 20.10 -4.09 -3.35
N ALA A 833 19.92 -5.40 -3.33
CA ALA A 833 19.96 -6.27 -4.53
C ALA A 833 18.64 -6.24 -5.29
N LYS A 834 17.52 -6.04 -4.60
CA LYS A 834 16.17 -5.89 -5.15
C LYS A 834 16.08 -4.54 -5.84
N LEU A 835 16.69 -3.53 -5.24
CA LEU A 835 16.71 -2.14 -5.77
C LEU A 835 17.58 -2.08 -7.02
N THR A 836 18.80 -2.61 -6.97
CA THR A 836 19.74 -2.64 -8.11
C THR A 836 19.27 -3.60 -9.21
N SER A 837 18.13 -4.26 -9.05
CA SER A 837 17.53 -5.13 -10.07
C SER A 837 16.23 -4.55 -10.60
N VAL A 838 15.57 -3.70 -9.81
CA VAL A 838 14.37 -2.95 -10.26
C VAL A 838 14.82 -1.84 -11.22
N THR A 839 15.88 -1.11 -10.84
CA THR A 839 16.45 0.00 -11.65
C THR A 839 17.17 -0.50 -12.90
N ALA A 840 17.48 -1.80 -12.98
CA ALA A 840 18.10 -2.40 -14.19
C ALA A 840 16.99 -2.69 -15.21
N LEU A 841 15.75 -2.99 -14.79
CA LEU A 841 14.67 -3.16 -15.76
C LEU A 841 14.18 -1.83 -16.33
N SER A 842 14.70 -0.71 -15.84
CA SER A 842 14.38 0.65 -16.36
C SER A 842 15.23 1.01 -17.59
N THR A 843 16.51 0.69 -17.51
CA THR A 843 17.48 0.93 -18.61
C THR A 843 17.43 -0.17 -19.67
N ILE A 844 16.70 -1.27 -19.46
CA ILE A 844 16.50 -2.32 -20.50
C ILE A 844 15.36 -1.92 -21.43
N SER A 845 15.70 -1.49 -22.64
CA SER A 845 14.67 -1.26 -23.67
C SER A 845 14.08 -2.57 -24.17
N ASP A 846 12.76 -2.59 -24.40
CA ASP A 846 12.10 -3.76 -24.99
C ASP A 846 12.57 -4.00 -26.42
N LEU A 847 13.12 -2.99 -27.07
CA LEU A 847 13.55 -3.03 -28.48
C LEU A 847 15.00 -2.57 -28.61
N PRO A 848 15.87 -3.45 -29.15
CA PRO A 848 17.28 -3.12 -29.26
C PRO A 848 17.56 -1.89 -30.11
N GLN A 849 18.38 -1.01 -29.57
CA GLN A 849 18.66 0.32 -30.16
C GLN A 849 19.28 0.21 -31.56
N GLY A 850 18.41 0.36 -32.57
CA GLY A 850 18.84 0.38 -33.98
C GLY A 850 18.02 -0.47 -34.93
N ILE A 851 16.81 -0.89 -34.55
CA ILE A 851 15.94 -1.59 -35.55
C ILE A 851 14.67 -0.80 -35.93
N PHE A 852 13.66 -0.77 -35.06
CA PHE A 852 12.33 -0.22 -35.36
C PHE A 852 12.44 1.29 -35.56
N ASP A 853 13.10 1.91 -34.59
CA ASP A 853 13.56 3.32 -34.59
C ASP A 853 13.88 3.74 -33.16
N ASN A 854 15.16 3.64 -32.81
CA ASN A 854 15.81 4.02 -31.51
C ASN A 854 15.18 3.41 -30.22
N ALA A 855 14.07 3.98 -29.76
CA ALA A 855 13.39 3.61 -28.50
C ALA A 855 14.35 3.62 -27.31
N PRO A 856 15.00 4.76 -26.97
CA PRO A 856 15.95 4.79 -25.86
C PRO A 856 15.23 5.03 -24.54
N THR A 857 15.11 3.98 -23.72
CA THR A 857 14.42 4.04 -22.40
C THR A 857 15.20 4.93 -21.43
N VAL A 858 14.59 6.05 -21.06
CA VAL A 858 15.22 7.05 -20.17
C VAL A 858 14.21 7.41 -19.08
N ARG A 859 14.62 7.23 -17.84
CA ARG A 859 13.70 7.51 -16.70
C ARG A 859 13.99 8.87 -16.06
N THR A 860 13.21 9.91 -16.39
CA THR A 860 13.45 11.26 -15.86
C THR A 860 12.25 11.75 -15.03
N THR A 861 12.34 12.99 -14.58
CA THR A 861 11.35 13.60 -13.66
C THR A 861 10.82 14.93 -14.20
N LEU A 862 10.35 14.96 -15.44
CA LEU A 862 9.72 16.18 -16.02
C LEU A 862 8.25 15.96 -16.43
N PHE A 863 7.79 14.73 -16.46
CA PHE A 863 6.41 14.37 -16.87
C PHE A 863 5.35 15.12 -16.05
N LYS A 864 5.57 15.19 -14.74
CA LYS A 864 4.62 15.82 -13.80
C LYS A 864 4.98 17.29 -13.57
N GLN A 865 5.82 17.88 -14.40
CA GLN A 865 6.21 19.29 -14.22
C GLN A 865 5.51 20.11 -15.31
N TRP A 866 4.45 20.79 -14.89
CA TRP A 866 3.47 21.52 -15.74
C TRP A 866 2.35 21.96 -14.81
N ASN A 867 2.00 23.25 -14.80
CA ASN A 867 0.90 23.73 -13.92
C ASN A 867 -0.42 23.03 -14.24
N SER A 868 -0.87 22.19 -13.31
CA SER A 868 -1.97 21.22 -13.52
C SER A 868 -3.34 21.78 -13.09
N THR A 869 -4.10 22.37 -14.01
CA THR A 869 -5.42 22.97 -13.68
C THR A 869 -6.41 22.87 -14.82
N TYR A 870 -6.39 23.82 -15.76
CA TYR A 870 -7.38 23.93 -16.87
C TYR A 870 -7.42 22.63 -17.69
N THR A 871 -6.35 22.32 -18.42
CA THR A 871 -6.29 21.10 -19.26
C THR A 871 -5.67 19.94 -18.51
N SER A 872 -5.79 19.95 -17.19
CA SER A 872 -5.12 18.94 -16.36
C SER A 872 -5.97 18.41 -15.22
N PHE A 873 -5.78 17.10 -14.96
CA PHE A 873 -6.56 16.36 -13.95
C PHE A 873 -6.01 14.94 -13.82
N GLU A 874 -6.48 14.21 -12.81
CA GLU A 874 -5.99 12.83 -12.56
C GLU A 874 -7.12 11.85 -12.26
N VAL A 875 -7.85 11.46 -13.30
CA VAL A 875 -8.97 10.49 -13.18
C VAL A 875 -8.44 9.13 -12.73
N GLY A 876 -9.22 8.45 -11.89
CA GLY A 876 -8.94 7.11 -11.40
C GLY A 876 -8.28 7.10 -10.03
N ASP A 877 -7.96 5.91 -9.60
CA ASP A 877 -7.22 5.65 -8.33
C ASP A 877 -5.81 6.25 -8.41
N ALA A 878 -5.47 7.00 -7.37
CA ALA A 878 -4.23 7.81 -7.32
C ALA A 878 -3.17 7.34 -6.31
N SER A 879 -3.41 7.51 -5.00
CA SER A 879 -2.37 7.20 -3.99
C SER A 879 -2.18 5.69 -3.87
N THR A 880 -3.27 4.94 -3.88
CA THR A 880 -3.25 3.47 -3.81
C THR A 880 -3.24 2.93 -5.24
N ALA A 881 -2.25 3.33 -6.04
CA ALA A 881 -2.15 2.97 -7.47
C ALA A 881 -0.96 2.07 -7.79
N THR A 882 -1.10 1.36 -8.89
CA THR A 882 -0.08 0.39 -9.37
C THR A 882 0.62 0.87 -10.63
N ILE A 883 -0.15 1.16 -11.67
CA ILE A 883 0.39 1.65 -12.95
C ILE A 883 0.14 3.16 -13.07
N PHE A 884 1.17 3.87 -13.48
CA PHE A 884 1.15 5.36 -13.47
C PHE A 884 1.34 5.98 -14.85
N PHE A 885 0.23 6.15 -15.57
CA PHE A 885 0.29 6.73 -16.92
C PHE A 885 0.15 8.25 -16.86
N VAL A 886 1.23 8.92 -16.50
CA VAL A 886 1.21 10.41 -16.49
C VAL A 886 1.33 10.83 -17.94
N ALA A 887 0.22 11.19 -18.55
CA ALA A 887 0.11 11.40 -20.01
C ALA A 887 0.02 12.87 -20.41
N VAL A 888 0.28 13.12 -21.70
CA VAL A 888 0.38 14.46 -22.34
C VAL A 888 -0.07 14.31 -23.79
N ILE A 889 -1.35 14.46 -24.05
CA ILE A 889 -1.88 14.24 -25.42
C ILE A 889 -2.53 15.51 -25.98
N ASN A 890 -2.34 15.71 -27.28
CA ASN A 890 -2.92 16.81 -28.07
C ASN A 890 -4.17 16.26 -28.78
N PRO A 891 -5.34 16.94 -28.73
CA PRO A 891 -6.56 16.43 -29.38
C PRO A 891 -6.53 16.41 -30.92
N ALA A 892 -5.66 17.21 -31.53
CA ALA A 892 -5.54 17.31 -33.01
C ALA A 892 -4.42 16.39 -33.51
N SER A 893 -4.68 15.11 -33.67
CA SER A 893 -3.65 14.11 -34.06
C SER A 893 -4.27 12.94 -34.83
N GLU A 894 -3.47 12.31 -35.69
CA GLU A 894 -3.94 11.25 -36.62
C GLU A 894 -4.17 9.94 -35.85
N ILE A 895 -3.37 9.66 -34.81
CA ILE A 895 -3.51 8.43 -34.00
C ILE A 895 -3.81 8.78 -32.54
N GLY A 896 -3.82 10.06 -32.17
CA GLY A 896 -4.12 10.50 -30.83
C GLY A 896 -5.50 10.05 -30.40
N GLN A 897 -6.43 9.85 -31.34
CA GLN A 897 -7.79 9.32 -31.05
C GLN A 897 -7.68 7.88 -30.59
N ARG A 898 -6.83 7.09 -31.25
CA ARG A 898 -6.57 5.66 -30.96
C ARG A 898 -6.03 5.53 -29.54
N TRP A 899 -5.15 6.43 -29.11
CA TRP A 899 -4.52 6.38 -27.78
C TRP A 899 -5.55 6.82 -26.74
N VAL A 900 -6.44 7.75 -27.06
CA VAL A 900 -7.54 8.17 -26.15
C VAL A 900 -8.41 6.95 -25.82
N ALA A 901 -8.63 6.06 -26.80
CA ALA A 901 -9.49 4.86 -26.67
C ALA A 901 -8.76 3.65 -26.12
N VAL A 902 -7.46 3.50 -26.42
CA VAL A 902 -6.61 2.43 -25.87
C VAL A 902 -6.40 2.69 -24.37
N LEU A 903 -5.97 3.88 -24.01
CA LEU A 903 -5.74 4.30 -22.60
C LEU A 903 -7.04 4.40 -21.84
N LYS A 904 -8.21 4.51 -22.49
CA LYS A 904 -9.52 4.44 -21.83
C LYS A 904 -9.69 3.05 -21.18
N VAL A 905 -9.36 2.02 -21.95
CA VAL A 905 -9.48 0.60 -21.54
C VAL A 905 -8.40 0.25 -20.51
N LEU A 906 -7.22 0.84 -20.59
CA LEU A 906 -6.12 0.63 -19.62
C LEU A 906 -6.41 1.39 -18.34
N SER A 907 -7.24 2.45 -18.37
CA SER A 907 -7.67 3.23 -17.21
C SER A 907 -8.59 2.36 -16.34
N GLU A 908 -9.41 1.54 -16.97
CA GLU A 908 -10.39 0.67 -16.28
C GLU A 908 -9.69 -0.39 -15.43
N LEU A 909 -8.37 -0.49 -15.50
CA LEU A 909 -7.55 -1.38 -14.62
C LEU A 909 -7.57 -0.86 -13.19
N GLU A 910 -7.64 -1.79 -12.25
CA GLU A 910 -7.76 -1.45 -10.82
C GLU A 910 -6.45 -0.88 -10.30
N GLY A 911 -6.49 0.34 -9.77
CA GLY A 911 -5.30 1.00 -9.26
C GLY A 911 -4.46 1.54 -10.41
N VAL A 912 -4.99 2.53 -11.14
CA VAL A 912 -4.21 3.22 -12.20
C VAL A 912 -4.33 4.72 -12.01
N HIS A 913 -3.20 5.44 -11.95
CA HIS A 913 -3.21 6.91 -11.83
C HIS A 913 -2.98 7.51 -13.21
N LEU A 914 -3.91 7.27 -14.12
CA LEU A 914 -3.81 7.79 -15.50
C LEU A 914 -4.03 9.31 -15.50
N ARG A 915 -2.99 10.10 -15.19
CA ARG A 915 -3.10 11.58 -15.26
C ARG A 915 -3.32 12.00 -16.71
N VAL A 916 -4.20 12.97 -16.97
CA VAL A 916 -4.40 13.38 -18.40
C VAL A 916 -4.08 14.87 -18.59
N PHE A 917 -3.31 15.20 -19.64
CA PHE A 917 -3.05 16.59 -20.06
C PHE A 917 -3.68 16.90 -21.42
N LEU A 918 -3.50 18.15 -21.85
CA LEU A 918 -4.07 18.59 -23.16
C LEU A 918 -3.35 19.81 -23.73
N ASN A 919 -2.39 19.57 -24.63
CA ASN A 919 -1.63 20.69 -25.25
C ASN A 919 -2.39 21.10 -26.51
N PRO A 920 -2.87 22.36 -26.62
CA PRO A 920 -3.63 22.76 -27.80
C PRO A 920 -2.76 23.19 -29.00
N THR A 921 -2.61 22.31 -29.99
CA THR A 921 -1.79 22.58 -31.20
C THR A 921 -2.57 23.52 -32.14
N VAL A 922 -1.85 24.29 -32.93
CA VAL A 922 -2.45 25.28 -33.86
C VAL A 922 -2.07 24.97 -35.30
N MET A 923 -0.99 24.21 -35.52
CA MET A 923 -0.39 23.98 -36.87
C MET A 923 -1.25 23.04 -37.72
N ILE A 924 -2.25 23.59 -38.41
CA ILE A 924 -3.10 22.82 -39.35
C ILE A 924 -3.73 23.79 -40.35
N GLU A 925 -3.73 23.40 -41.64
CA GLU A 925 -4.36 24.26 -42.68
C GLU A 925 -5.64 23.59 -43.19
N GLU A 926 -5.59 22.27 -43.40
CA GLU A 926 -6.74 21.44 -43.81
C GLU A 926 -7.26 20.60 -42.62
N LEU A 927 -8.19 19.68 -42.88
CA LEU A 927 -8.85 18.85 -41.81
C LEU A 927 -7.81 18.04 -41.02
N PRO A 928 -7.65 18.20 -39.68
CA PRO A 928 -6.69 17.38 -38.93
C PRO A 928 -7.08 15.89 -38.87
N VAL A 929 -8.30 15.63 -38.38
CA VAL A 929 -8.84 14.24 -38.30
C VAL A 929 -9.68 13.93 -39.55
N LYS A 930 -9.13 13.17 -40.50
CA LYS A 930 -9.84 12.84 -41.74
C LYS A 930 -10.54 11.49 -41.62
N ARG A 931 -10.76 10.97 -40.40
CA ARG A 931 -11.24 9.57 -40.22
C ARG A 931 -12.16 9.38 -39.00
N PHE A 932 -13.03 8.37 -39.06
CA PHE A 932 -13.98 8.02 -37.98
C PHE A 932 -13.55 6.74 -37.25
N TYR A 933 -13.06 6.91 -36.03
CA TYR A 933 -12.51 5.82 -35.20
C TYR A 933 -13.62 5.25 -34.31
N ARG A 934 -13.28 4.15 -33.71
CA ARG A 934 -14.11 3.37 -32.76
C ARG A 934 -13.19 2.25 -32.35
N TYR A 935 -12.79 2.17 -31.09
CA TYR A 935 -11.82 1.15 -30.69
C TYR A 935 -12.53 0.02 -29.96
N VAL A 936 -12.18 -1.18 -30.40
CA VAL A 936 -12.81 -2.45 -29.91
C VAL A 936 -11.92 -3.09 -28.86
N LEU A 937 -12.17 -2.73 -27.59
CA LEU A 937 -11.40 -3.24 -26.43
C LEU A 937 -12.31 -3.28 -25.20
N SER A 938 -12.43 -4.44 -24.53
CA SER A 938 -13.38 -4.62 -23.42
C SER A 938 -12.66 -5.21 -22.20
N SER A 939 -13.10 -4.83 -21.01
CA SER A 939 -12.47 -5.25 -19.72
C SER A 939 -13.15 -6.50 -19.15
N SER A 940 -14.40 -6.38 -18.69
CA SER A 940 -15.21 -7.55 -18.23
C SER A 940 -15.36 -8.53 -19.39
N PRO A 941 -15.14 -9.87 -19.21
CA PRO A 941 -15.24 -10.81 -20.32
C PRO A 941 -16.58 -10.68 -21.04
N SER A 942 -16.53 -10.39 -22.34
CA SER A 942 -17.74 -10.33 -23.21
C SER A 942 -18.42 -11.69 -23.19
N PHE A 943 -19.62 -11.77 -22.63
CA PHE A 943 -20.33 -13.08 -22.57
C PHE A 943 -21.70 -13.08 -23.25
N ASP A 944 -22.03 -14.18 -23.93
CA ASP A 944 -23.26 -14.30 -24.73
C ASP A 944 -24.39 -14.90 -23.88
N GLU A 945 -25.50 -15.15 -24.56
CA GLU A 945 -26.77 -15.67 -23.99
C GLU A 945 -26.57 -16.78 -22.96
N SER A 946 -26.44 -18.04 -23.39
CA SER A 946 -26.19 -19.15 -22.44
C SER A 946 -24.68 -19.24 -22.20
N GLY A 947 -24.05 -18.07 -21.96
CA GLY A 947 -22.62 -17.97 -21.64
C GLY A 947 -21.63 -18.23 -22.77
N LYS A 948 -22.04 -18.20 -24.04
CA LYS A 948 -21.13 -18.50 -25.16
C LYS A 948 -20.05 -17.42 -25.27
N VAL A 949 -19.04 -17.68 -26.07
CA VAL A 949 -17.90 -16.72 -26.20
C VAL A 949 -18.32 -15.62 -27.17
N LYS A 950 -18.69 -14.46 -26.60
CA LYS A 950 -19.32 -13.32 -27.30
C LYS A 950 -18.36 -12.59 -28.26
N ALA A 951 -18.94 -11.88 -29.23
CA ALA A 951 -18.21 -11.15 -30.29
C ALA A 951 -18.02 -9.66 -30.01
N LEU A 952 -16.75 -9.22 -30.01
CA LEU A 952 -16.43 -7.81 -29.78
C LEU A 952 -16.36 -7.18 -31.14
N SER A 953 -17.25 -6.24 -31.45
CA SER A 953 -17.34 -5.60 -32.77
C SER A 953 -17.41 -4.06 -32.69
N ALA A 954 -17.67 -3.42 -33.80
CA ALA A 954 -17.69 -1.94 -33.92
C ALA A 954 -18.88 -1.48 -34.76
N ARG A 955 -19.38 -0.32 -34.38
CA ARG A 955 -20.60 0.28 -34.96
C ARG A 955 -20.50 1.80 -35.15
N PHE A 956 -21.28 2.34 -36.07
CA PHE A 956 -21.32 3.81 -36.27
C PHE A 956 -22.74 4.38 -36.42
N THR A 957 -23.32 4.85 -35.31
CA THR A 957 -24.69 5.39 -35.28
C THR A 957 -24.66 6.90 -35.56
N GLY A 958 -25.69 7.36 -36.25
CA GLY A 958 -25.88 8.77 -36.59
C GLY A 958 -24.73 9.31 -37.39
N VAL A 959 -24.00 8.45 -38.09
CA VAL A 959 -22.82 8.83 -38.91
C VAL A 959 -23.29 9.47 -40.24
N PRO A 960 -22.44 10.31 -40.88
CA PRO A 960 -22.79 11.04 -42.10
C PRO A 960 -23.36 10.17 -43.23
N ARG A 961 -24.09 10.81 -44.12
CA ARG A 961 -24.89 10.14 -45.18
C ARG A 961 -24.38 10.46 -46.58
N GLU A 962 -23.61 11.53 -46.79
CA GLU A 962 -23.16 11.87 -48.17
C GLU A 962 -21.62 11.98 -48.29
N THR A 963 -20.89 11.15 -47.54
CA THR A 963 -19.40 11.09 -47.65
C THR A 963 -18.92 9.64 -47.75
N LEU A 964 -18.05 9.32 -48.71
CA LEU A 964 -17.51 7.95 -48.89
C LEU A 964 -16.54 7.71 -47.75
N LEU A 965 -16.69 6.58 -47.06
CA LEU A 965 -15.81 6.22 -45.91
C LEU A 965 -15.03 4.93 -46.17
N VAL A 966 -13.72 5.06 -46.39
CA VAL A 966 -12.85 3.90 -46.71
C VAL A 966 -12.62 3.00 -45.48
N VAL A 967 -13.19 1.80 -45.47
CA VAL A 967 -13.04 0.88 -44.32
C VAL A 967 -11.65 0.29 -44.39
N GLY A 968 -10.74 0.81 -43.58
CA GLY A 968 -9.37 0.29 -43.46
C GLY A 968 -9.12 -0.29 -42.09
N MET A 969 -8.13 -1.16 -42.04
CA MET A 969 -7.81 -1.88 -40.76
C MET A 969 -6.52 -1.43 -40.04
N ASP A 970 -6.70 -0.67 -38.96
CA ASP A 970 -5.57 -0.26 -38.11
C ASP A 970 -5.57 -1.15 -36.89
N VAL A 971 -4.67 -2.12 -36.93
CA VAL A 971 -4.51 -3.18 -35.89
C VAL A 971 -3.03 -3.56 -35.84
N PRO A 972 -2.48 -3.97 -34.68
CA PRO A 972 -1.05 -4.28 -34.56
C PRO A 972 -0.30 -4.64 -35.84
N PRO A 973 0.98 -4.25 -35.95
CA PRO A 973 1.73 -4.43 -37.21
C PRO A 973 2.26 -5.82 -37.57
N ALA A 974 1.33 -6.77 -37.61
CA ALA A 974 1.57 -8.19 -37.91
C ALA A 974 0.29 -8.97 -38.24
N TRP A 975 -0.69 -8.28 -38.81
CA TRP A 975 -2.03 -8.86 -39.03
C TRP A 975 -2.37 -8.78 -40.52
N LEU A 976 -2.39 -9.91 -41.23
CA LEU A 976 -2.81 -9.91 -42.64
C LEU A 976 -4.33 -9.99 -42.67
N VAL A 977 -4.95 -8.90 -42.27
CA VAL A 977 -6.43 -8.79 -42.30
C VAL A 977 -6.84 -8.63 -43.76
N THR A 978 -7.81 -9.42 -44.22
CA THR A 978 -8.45 -9.28 -45.56
C THR A 978 -9.97 -9.24 -45.45
N SER A 979 -10.60 -8.43 -46.30
CA SER A 979 -12.07 -8.35 -46.35
C SER A 979 -12.64 -9.62 -46.98
N LYS A 980 -13.48 -10.37 -46.25
CA LYS A 980 -14.07 -11.61 -46.79
C LYS A 980 -15.56 -11.71 -46.54
N VAL A 981 -16.13 -10.97 -45.58
CA VAL A 981 -17.58 -11.15 -45.27
C VAL A 981 -18.39 -9.89 -45.58
N ALA A 982 -18.56 -9.57 -46.86
CA ALA A 982 -19.23 -8.30 -47.25
C ALA A 982 -20.11 -8.45 -48.48
N VAL A 983 -20.89 -7.40 -48.68
CA VAL A 983 -21.84 -7.24 -49.81
C VAL A 983 -21.78 -5.84 -50.42
N ASP A 984 -21.65 -4.81 -49.58
CA ASP A 984 -21.52 -3.42 -50.05
C ASP A 984 -20.07 -3.08 -50.43
N ASP A 985 -19.64 -1.83 -50.26
CA ASP A 985 -18.32 -1.35 -50.79
C ASP A 985 -17.32 -0.87 -49.73
N LEU A 986 -16.03 -1.01 -50.06
CA LEU A 986 -14.89 -0.57 -49.22
C LEU A 986 -14.61 0.93 -49.44
N ASP A 987 -14.58 1.34 -50.71
CA ASP A 987 -14.28 2.71 -51.11
C ASP A 987 -15.54 3.56 -51.02
N ASN A 988 -16.75 2.95 -51.09
CA ASN A 988 -18.05 3.67 -51.12
C ASN A 988 -18.97 3.33 -49.93
N LEU A 989 -18.98 4.17 -48.91
CA LEU A 989 -19.89 3.98 -47.75
C LEU A 989 -20.70 5.26 -47.47
N ARG A 990 -21.36 5.77 -48.49
CA ARG A 990 -22.41 6.80 -48.34
C ARG A 990 -23.59 6.09 -47.71
N ILE A 991 -24.19 6.69 -46.71
CA ILE A 991 -25.33 6.07 -45.99
C ILE A 991 -26.64 6.22 -46.81
N LYS A 992 -26.80 7.29 -47.57
CA LYS A 992 -28.02 7.51 -48.39
C LYS A 992 -28.14 6.47 -49.51
N ASP A 993 -27.03 6.00 -50.07
CA ASP A 993 -26.98 5.04 -51.18
C ASP A 993 -27.39 3.65 -50.72
N ILE A 994 -26.84 3.20 -49.59
CA ILE A 994 -27.12 1.85 -49.06
C ILE A 994 -28.52 1.82 -48.47
N LYS A 995 -29.04 2.94 -48.01
CA LYS A 995 -30.45 3.08 -47.56
C LYS A 995 -31.44 2.63 -48.65
N ALA A 996 -30.98 2.59 -49.90
CA ALA A 996 -31.76 2.12 -51.06
C ALA A 996 -31.19 0.81 -51.63
N LYS A 997 -29.87 0.76 -51.80
CA LYS A 997 -29.12 -0.34 -52.44
C LYS A 997 -29.42 -1.68 -51.78
N ARG A 998 -29.40 -1.73 -50.47
CA ARG A 998 -29.69 -2.98 -49.72
C ARG A 998 -31.02 -2.92 -48.98
N GLY A 999 -31.55 -1.71 -48.75
CA GLY A 999 -32.90 -1.60 -48.16
C GLY A 999 -32.89 -0.95 -46.79
N THR A 1000 -31.73 -0.82 -46.17
CA THR A 1000 -31.62 -0.19 -44.86
C THR A 1000 -30.28 0.51 -44.70
N GLU A 1001 -30.22 1.37 -43.69
CA GLU A 1001 -29.05 2.22 -43.37
C GLU A 1001 -27.94 1.39 -42.74
N HIS A 1002 -28.25 0.19 -42.25
CA HIS A 1002 -27.25 -0.68 -41.62
C HIS A 1002 -26.34 -1.36 -42.64
N VAL A 1003 -25.18 -1.76 -42.15
CA VAL A 1003 -24.19 -2.56 -42.93
C VAL A 1003 -23.90 -3.82 -42.16
N GLU A 1004 -23.79 -4.94 -42.87
CA GLU A 1004 -23.40 -6.23 -42.27
C GLU A 1004 -22.09 -6.73 -42.91
N ALA A 1005 -21.12 -5.84 -43.01
CA ALA A 1005 -19.77 -6.20 -43.49
C ALA A 1005 -18.85 -6.64 -42.36
N ILE A 1006 -18.19 -7.78 -42.48
CA ILE A 1006 -17.28 -8.31 -41.43
C ILE A 1006 -15.92 -8.60 -42.02
N TYR A 1007 -14.88 -8.00 -41.45
CA TYR A 1007 -13.51 -8.21 -41.98
C TYR A 1007 -12.96 -9.50 -41.37
N GLU A 1008 -11.86 -9.99 -41.96
CA GLU A 1008 -11.31 -11.28 -41.50
C GLU A 1008 -9.79 -11.27 -41.41
N LEU A 1009 -9.25 -11.52 -40.24
CA LEU A 1009 -7.81 -11.76 -40.05
C LEU A 1009 -7.48 -13.19 -40.49
N GLU A 1010 -6.40 -13.34 -41.25
CA GLU A 1010 -5.98 -14.69 -41.66
C GLU A 1010 -4.51 -14.95 -41.38
N HIS A 1011 -3.69 -13.95 -41.12
CA HIS A 1011 -2.28 -14.27 -40.82
C HIS A 1011 -1.66 -13.47 -39.68
N ILE A 1012 -0.91 -14.18 -38.82
CA ILE A 1012 -0.10 -13.56 -37.75
C ILE A 1012 1.34 -13.58 -38.24
N LEU A 1013 1.93 -12.40 -38.43
CA LEU A 1013 3.27 -12.27 -39.02
C LEU A 1013 4.31 -12.96 -38.14
N ILE A 1014 5.48 -13.00 -38.71
CA ILE A 1014 6.72 -13.42 -38.03
C ILE A 1014 7.77 -12.46 -38.55
N GLU A 1015 7.59 -11.19 -38.22
CA GLU A 1015 8.51 -10.15 -38.76
C GLU A 1015 9.85 -10.19 -38.04
N GLY A 1016 10.93 -10.10 -38.81
CA GLY A 1016 12.27 -10.23 -38.23
C GLY A 1016 13.35 -9.52 -39.01
N HIS A 1017 14.60 -9.76 -38.62
CA HIS A 1017 15.76 -9.09 -39.25
C HIS A 1017 16.98 -10.00 -39.17
N SER A 1018 17.74 -10.01 -40.26
CA SER A 1018 18.96 -10.86 -40.39
C SER A 1018 20.24 -10.06 -40.19
N ARG A 1019 21.27 -10.66 -39.57
CA ARG A 1019 22.55 -9.97 -39.38
C ARG A 1019 23.72 -10.87 -39.80
N GLU A 1020 24.92 -10.34 -39.66
CA GLU A 1020 26.11 -11.07 -40.10
C GLU A 1020 27.23 -10.91 -39.05
N ILE A 1021 28.14 -11.84 -39.01
CA ILE A 1021 29.35 -11.82 -38.14
C ILE A 1021 30.53 -12.16 -39.04
N PRO A 1022 31.71 -11.47 -38.97
CA PRO A 1022 32.04 -10.36 -38.04
C PRO A 1022 31.26 -9.03 -38.16
N GLY A 1023 31.38 -8.37 -39.29
CA GLY A 1023 30.60 -7.15 -39.56
C GLY A 1023 29.13 -7.48 -39.63
N ALA A 1024 28.30 -6.69 -38.96
CA ALA A 1024 26.85 -6.96 -38.91
C ALA A 1024 26.15 -6.52 -40.20
N HIS A 1025 26.82 -6.75 -41.33
CA HIS A 1025 26.35 -6.39 -42.70
C HIS A 1025 25.05 -7.09 -43.08
N ALA A 1026 24.50 -6.72 -44.22
CA ALA A 1026 23.14 -7.11 -44.65
C ALA A 1026 23.18 -8.39 -45.48
N PRO A 1027 22.58 -9.50 -45.02
CA PRO A 1027 22.65 -10.76 -45.76
C PRO A 1027 21.67 -10.92 -46.91
N ARG A 1028 21.54 -9.91 -47.77
CA ARG A 1028 20.51 -9.86 -48.82
C ARG A 1028 20.84 -10.74 -50.01
N GLY A 1029 19.79 -11.36 -50.54
CA GLY A 1029 19.87 -12.25 -51.70
C GLY A 1029 19.64 -13.69 -51.29
N VAL A 1030 19.83 -13.96 -49.99
CA VAL A 1030 19.65 -15.29 -49.37
C VAL A 1030 18.19 -15.72 -49.49
N GLN A 1031 18.00 -16.95 -49.93
CA GLN A 1031 16.64 -17.55 -50.05
C GLN A 1031 16.37 -18.47 -48.88
N LEU A 1032 15.26 -18.29 -48.18
CA LEU A 1032 14.97 -19.08 -46.98
C LEU A 1032 13.58 -19.69 -47.08
N VAL A 1033 13.47 -21.00 -46.88
CA VAL A 1033 12.14 -21.67 -46.95
C VAL A 1033 11.79 -22.06 -45.53
N LEU A 1034 10.86 -21.36 -44.87
CA LEU A 1034 10.41 -21.72 -43.51
C LEU A 1034 9.62 -23.01 -43.63
N GLU A 1035 9.92 -23.98 -42.77
CA GLU A 1035 9.25 -25.29 -42.92
C GLU A 1035 9.07 -26.08 -41.64
N THR A 1036 8.00 -26.87 -41.62
CA THR A 1036 7.65 -27.79 -40.53
C THR A 1036 8.00 -29.22 -40.99
N GLU A 1037 7.86 -30.21 -40.11
CA GLU A 1037 8.02 -31.64 -40.54
C GLU A 1037 6.89 -32.03 -41.49
N ASN A 1038 5.67 -31.54 -41.23
CA ASN A 1038 4.44 -31.87 -41.99
C ASN A 1038 4.36 -31.10 -43.31
N ASN A 1039 4.58 -29.76 -43.31
CA ASN A 1039 4.53 -28.88 -44.53
C ASN A 1039 5.91 -28.47 -45.07
N PRO A 1040 6.47 -29.20 -46.07
CA PRO A 1040 7.79 -28.89 -46.62
C PRO A 1040 7.93 -27.53 -47.29
N HIS A 1041 7.93 -27.47 -48.62
CA HIS A 1041 7.99 -26.18 -49.33
C HIS A 1041 6.71 -25.39 -49.08
N PHE A 1042 6.84 -24.45 -48.14
CA PHE A 1042 5.74 -23.68 -47.53
C PHE A 1042 5.71 -22.25 -48.05
N ALA A 1043 6.69 -21.48 -47.61
CA ALA A 1043 6.82 -20.07 -48.03
C ALA A 1043 8.27 -19.65 -48.02
N ASP A 1044 8.59 -18.65 -48.83
CA ASP A 1044 9.97 -18.12 -48.86
C ASP A 1044 10.00 -16.60 -49.05
N THR A 1045 10.62 -15.90 -48.11
CA THR A 1045 10.71 -14.44 -48.16
C THR A 1045 12.20 -14.09 -48.15
N ILE A 1046 12.64 -13.26 -49.09
CA ILE A 1046 14.08 -13.03 -49.29
C ILE A 1046 14.55 -12.01 -48.26
N ILE A 1047 15.85 -12.07 -48.00
CA ILE A 1047 16.53 -11.09 -47.09
C ILE A 1047 16.74 -9.81 -47.90
N MET A 1048 16.46 -8.66 -47.30
CA MET A 1048 16.63 -7.36 -48.03
C MET A 1048 17.56 -6.40 -47.29
N ALA A 1049 18.10 -5.48 -48.07
CA ALA A 1049 19.18 -4.54 -47.72
C ALA A 1049 18.95 -3.80 -46.41
N ASN A 1050 17.70 -3.56 -46.03
CA ASN A 1050 17.39 -2.81 -44.79
C ASN A 1050 17.56 -3.71 -43.59
N LEU A 1051 18.81 -3.87 -43.17
CA LEU A 1051 19.21 -4.71 -42.02
C LEU A 1051 18.64 -6.13 -42.14
N GLY A 1052 18.77 -6.69 -43.35
CA GLY A 1052 18.41 -8.05 -43.66
C GLY A 1052 16.94 -8.34 -43.46
N TYR A 1053 16.06 -7.52 -44.02
CA TYR A 1053 14.61 -7.67 -43.74
C TYR A 1053 14.01 -8.95 -44.34
N PHE A 1054 13.14 -9.57 -43.54
CA PHE A 1054 12.29 -10.73 -43.87
C PHE A 1054 11.05 -10.70 -42.99
N GLN A 1055 9.96 -11.33 -43.45
CA GLN A 1055 8.72 -11.45 -42.67
C GLN A 1055 7.88 -12.62 -43.21
N PHE A 1056 7.91 -13.73 -42.50
CA PHE A 1056 7.25 -14.97 -42.97
C PHE A 1056 5.76 -14.93 -42.64
N LYS A 1057 4.95 -15.44 -43.56
CA LYS A 1057 3.48 -15.37 -43.46
C LYS A 1057 3.01 -16.68 -42.86
N ALA A 1058 2.48 -16.68 -41.64
CA ALA A 1058 2.00 -17.93 -41.00
C ALA A 1058 1.09 -17.68 -39.83
N ASN A 1059 0.37 -18.73 -39.42
CA ASN A 1059 -0.60 -18.69 -38.29
C ASN A 1059 -0.08 -19.57 -37.12
N PRO A 1060 -0.65 -19.49 -35.90
CA PRO A 1060 -0.04 -20.22 -34.77
C PRO A 1060 0.42 -21.67 -35.01
N GLY A 1061 1.70 -21.90 -34.83
CA GLY A 1061 2.30 -23.20 -35.14
C GLY A 1061 3.79 -23.28 -34.83
N VAL A 1062 4.33 -24.51 -34.89
CA VAL A 1062 5.76 -24.80 -34.62
C VAL A 1062 6.52 -24.90 -35.94
N TYR A 1063 7.51 -24.01 -36.14
CA TYR A 1063 8.28 -23.99 -37.40
C TYR A 1063 9.79 -24.05 -37.16
N ASN A 1064 10.52 -24.32 -38.27
CA ASN A 1064 12.01 -24.23 -38.45
C ASN A 1064 12.33 -23.39 -39.67
N ILE A 1065 13.59 -23.12 -40.01
CA ILE A 1065 13.86 -22.26 -41.20
C ILE A 1065 15.05 -22.72 -42.04
N ARG A 1066 14.76 -23.25 -43.22
CA ARG A 1066 15.85 -23.71 -44.12
C ARG A 1066 16.37 -22.57 -45.02
N LEU A 1067 17.54 -22.80 -45.60
CA LEU A 1067 18.08 -22.02 -46.74
C LEU A 1067 17.97 -22.87 -47.99
N LYS A 1068 17.39 -22.35 -49.06
CA LYS A 1068 17.14 -23.16 -50.27
C LYS A 1068 18.44 -23.34 -51.07
N GLU A 1069 18.61 -24.55 -51.58
CA GLU A 1069 19.84 -24.95 -52.32
C GLU A 1069 19.97 -24.22 -53.66
N GLY A 1070 20.69 -23.12 -53.62
CA GLY A 1070 20.96 -22.32 -54.82
C GLY A 1070 22.30 -21.65 -54.73
N ARG A 1071 22.60 -21.11 -53.55
CA ARG A 1071 23.81 -20.31 -53.27
C ARG A 1071 24.08 -20.23 -51.77
N SER A 1072 23.02 -20.29 -50.96
CA SER A 1072 23.07 -20.18 -49.49
C SER A 1072 23.95 -21.23 -48.80
N SER A 1073 23.71 -22.50 -49.04
CA SER A 1073 24.42 -23.57 -48.30
C SER A 1073 25.79 -23.83 -48.94
N GLU A 1074 26.41 -22.79 -49.50
CA GLU A 1074 27.73 -22.85 -50.15
C GLU A 1074 28.58 -21.72 -49.57
N ILE A 1075 28.02 -20.50 -49.47
CA ILE A 1075 28.77 -19.32 -49.01
C ILE A 1075 28.17 -18.75 -47.73
N PHE A 1076 26.91 -19.03 -47.45
CA PHE A 1076 26.27 -18.55 -46.19
C PHE A 1076 25.75 -19.68 -45.30
N THR A 1077 25.81 -19.49 -43.98
CA THR A 1077 25.42 -20.55 -43.05
C THR A 1077 24.92 -19.89 -41.78
N LEU A 1078 23.77 -20.35 -41.31
CA LEU A 1078 23.15 -19.77 -40.11
C LEU A 1078 23.55 -20.61 -38.91
N GLU A 1079 24.31 -20.00 -38.02
CA GLU A 1079 24.70 -20.67 -36.76
C GLU A 1079 23.50 -20.79 -35.85
N SER A 1080 22.73 -19.70 -35.75
CA SER A 1080 21.52 -19.69 -34.91
C SER A 1080 20.53 -18.65 -35.43
N VAL A 1081 19.34 -19.13 -35.70
CA VAL A 1081 18.20 -18.26 -36.02
C VAL A 1081 17.80 -17.65 -34.70
N GLY A 1082 18.23 -16.42 -34.43
CA GLY A 1082 18.01 -15.74 -33.14
C GLY A 1082 16.57 -15.49 -32.76
N ALA A 1083 15.91 -16.53 -32.30
CA ALA A 1083 14.57 -16.43 -31.69
C ALA A 1083 14.60 -15.79 -30.31
N LYS A 1084 15.78 -15.75 -29.71
CA LYS A 1084 15.96 -15.15 -28.38
C LYS A 1084 16.91 -13.96 -28.43
N GLY A 1085 16.45 -12.88 -29.05
CA GLY A 1085 17.10 -11.58 -29.01
C GLY A 1085 18.27 -11.44 -29.96
N TRP A 1086 18.81 -10.24 -30.00
CA TRP A 1086 20.02 -9.91 -30.78
C TRP A 1086 21.19 -10.57 -30.06
N GLY A 1087 21.31 -10.32 -28.76
CA GLY A 1087 22.23 -11.03 -27.87
C GLY A 1087 23.66 -11.10 -28.41
N PRO A 1088 24.26 -12.31 -28.63
CA PRO A 1088 23.61 -13.62 -28.43
C PRO A 1088 23.55 -14.18 -27.01
N ILE A 1089 22.99 -15.38 -26.87
CA ILE A 1089 22.80 -16.10 -25.56
C ILE A 1089 23.21 -17.55 -25.74
N PRO A 1090 23.90 -18.17 -24.75
CA PRO A 1090 24.43 -19.52 -24.94
C PRO A 1090 23.41 -20.66 -25.10
N GLY A 1091 22.13 -20.32 -24.94
CA GLY A 1091 21.04 -21.30 -25.06
C GLY A 1091 20.02 -20.90 -26.10
N ASP A 1092 20.47 -20.47 -27.27
CA ASP A 1092 19.54 -20.06 -28.33
C ASP A 1092 20.08 -20.41 -29.73
N ASP A 1093 20.95 -21.42 -29.84
CA ASP A 1093 21.40 -21.96 -31.17
C ASP A 1093 20.24 -22.58 -31.94
N ASN A 1094 19.03 -22.49 -31.37
CA ASN A 1094 17.72 -22.90 -31.88
C ASN A 1094 17.41 -22.27 -33.22
N THR A 1095 17.48 -23.09 -34.26
CA THR A 1095 17.07 -22.69 -35.60
C THR A 1095 15.60 -23.09 -35.81
N GLU A 1096 14.81 -23.01 -34.74
CA GLU A 1096 13.36 -23.32 -34.69
C GLU A 1096 12.63 -22.09 -34.16
N VAL A 1097 11.60 -21.66 -34.87
CA VAL A 1097 10.78 -20.53 -34.39
C VAL A 1097 9.34 -20.99 -34.23
N VAL A 1098 8.77 -20.74 -33.07
CA VAL A 1098 7.36 -21.14 -32.80
C VAL A 1098 6.56 -19.88 -32.59
N LEU A 1099 5.38 -19.79 -33.23
CA LEU A 1099 4.54 -18.59 -33.17
C LEU A 1099 3.20 -18.89 -32.52
N MET A 1100 2.80 -18.02 -31.59
CA MET A 1100 1.49 -18.16 -30.92
C MET A 1100 1.15 -16.91 -30.13
N ASP A 1101 1.25 -15.78 -30.81
CA ASP A 1101 0.91 -14.45 -30.23
C ASP A 1101 0.20 -13.58 -31.29
N PHE A 1102 0.40 -12.26 -31.26
CA PHE A 1102 -0.22 -11.39 -32.27
C PHE A 1102 0.82 -10.55 -33.03
N GLN A 1103 1.79 -10.03 -32.30
CA GLN A 1103 2.88 -9.16 -32.79
C GLN A 1103 3.90 -9.93 -33.63
N GLY A 1104 3.69 -11.21 -33.87
CA GLY A 1104 4.64 -12.05 -34.58
C GLY A 1104 5.73 -12.58 -33.68
N THR A 1105 6.73 -13.16 -34.29
CA THR A 1105 7.96 -13.55 -33.56
C THR A 1105 9.07 -12.66 -34.09
N THR A 1106 9.51 -11.72 -33.28
CA THR A 1106 10.60 -10.83 -33.67
C THR A 1106 11.88 -11.66 -33.67
N LEU A 1107 12.21 -12.16 -34.86
CA LEU A 1107 13.38 -13.04 -35.03
C LEU A 1107 14.58 -12.20 -35.44
N TYR A 1108 15.67 -12.34 -34.66
CA TYR A 1108 16.95 -11.67 -34.95
C TYR A 1108 18.03 -12.72 -35.11
N PRO A 1109 17.94 -13.59 -36.14
CA PRO A 1109 19.00 -14.55 -36.41
C PRO A 1109 20.37 -13.92 -36.64
N ARG A 1110 21.41 -14.75 -36.49
CA ARG A 1110 22.79 -14.29 -36.75
C ARG A 1110 23.45 -15.22 -37.78
N LEU A 1111 23.11 -14.96 -39.03
CA LEU A 1111 23.69 -15.63 -40.20
C LEU A 1111 25.18 -15.31 -40.28
N ARG A 1112 25.99 -16.31 -40.46
CA ARG A 1112 27.44 -16.07 -40.63
C ARG A 1112 27.98 -16.70 -41.91
N ARG A 1113 29.05 -16.09 -42.40
CA ARG A 1113 29.74 -16.55 -43.60
C ARG A 1113 30.45 -17.88 -43.35
N LYS A 1114 30.57 -18.66 -44.40
CA LYS A 1114 31.55 -19.76 -44.44
C LYS A 1114 32.88 -19.08 -44.73
N PRO A 1115 33.95 -19.39 -43.98
CA PRO A 1115 35.23 -18.74 -44.22
C PRO A 1115 35.81 -18.95 -45.63
N GLY A 1116 36.03 -17.85 -46.33
CA GLY A 1116 36.61 -17.92 -47.68
C GLY A 1116 36.15 -16.86 -48.66
N MET A 1117 34.86 -16.84 -48.99
CA MET A 1117 34.39 -16.17 -50.23
C MET A 1117 33.46 -14.99 -49.93
N GLU A 1118 33.77 -13.84 -50.51
CA GLU A 1118 32.90 -12.65 -50.40
C GLU A 1118 31.68 -12.83 -51.29
N GLU A 1119 31.96 -13.25 -52.52
CA GLU A 1119 31.02 -13.59 -53.64
C GLU A 1119 29.55 -13.52 -53.23
N GLU A 1120 28.93 -12.41 -53.59
CA GLU A 1120 27.59 -12.01 -53.13
C GLU A 1120 26.52 -13.01 -53.58
N ASP A 1121 25.60 -13.34 -52.69
CA ASP A 1121 24.42 -14.19 -53.00
C ASP A 1121 23.46 -13.49 -53.94
N VAL A 1122 23.54 -12.17 -54.03
CA VAL A 1122 22.64 -11.40 -54.91
C VAL A 1122 23.05 -11.60 -56.37
N LEU A 1123 24.28 -12.03 -56.67
CA LEU A 1123 24.76 -12.27 -58.05
C LEU A 1123 25.04 -13.77 -58.26
N GLU A 1124 24.77 -14.20 -59.49
CA GLU A 1124 24.90 -15.59 -60.02
C GLU A 1124 26.35 -16.12 -59.99
N PRO A 1125 26.58 -17.46 -59.98
CA PRO A 1125 27.94 -18.03 -59.94
C PRO A 1125 28.67 -17.93 -61.29
N HIS A 1170 4.35 -24.12 -64.35
CA HIS A 1170 2.88 -24.06 -64.59
C HIS A 1170 2.59 -23.49 -65.97
N ALA A 1171 3.24 -22.37 -66.32
CA ALA A 1171 3.00 -21.64 -67.58
C ALA A 1171 4.18 -20.75 -67.95
N GLU A 1172 4.22 -20.30 -69.19
CA GLU A 1172 5.34 -19.45 -69.65
C GLU A 1172 4.95 -17.98 -69.59
N ILE A 1173 3.67 -17.67 -69.51
CA ILE A 1173 3.23 -16.26 -69.52
C ILE A 1173 2.34 -16.01 -68.31
N ASN A 1174 2.58 -14.90 -67.64
CA ASN A 1174 1.85 -14.59 -66.38
C ASN A 1174 1.53 -13.11 -66.27
N ILE A 1175 0.55 -12.73 -65.42
CA ILE A 1175 0.13 -11.30 -65.36
C ILE A 1175 -0.45 -10.98 -63.97
N PHE A 1176 -0.22 -9.75 -63.51
CA PHE A 1176 -0.77 -9.27 -62.21
C PHE A 1176 -1.46 -7.94 -62.43
N SER A 1177 -2.33 -7.57 -61.51
CA SER A 1177 -2.97 -6.21 -61.51
C SER A 1177 -3.59 -5.82 -60.15
N VAL A 1178 -3.56 -4.52 -59.84
CA VAL A 1178 -3.99 -3.94 -58.54
C VAL A 1178 -5.47 -3.55 -58.64
N ALA A 1179 -6.25 -3.72 -57.58
CA ALA A 1179 -7.70 -3.38 -57.61
C ALA A 1179 -8.20 -2.97 -56.22
N SER A 1180 -9.02 -1.92 -56.19
CA SER A 1180 -9.78 -1.47 -54.97
C SER A 1180 -11.11 -0.81 -55.33
N GLY A 1181 -12.20 -1.53 -55.06
CA GLY A 1181 -13.58 -1.08 -55.28
C GLY A 1181 -14.32 -1.85 -56.37
N HIS A 1182 -15.64 -2.02 -56.22
CA HIS A 1182 -16.48 -2.84 -57.11
C HIS A 1182 -16.38 -2.35 -58.55
N LEU A 1183 -16.19 -1.04 -58.73
CA LEU A 1183 -16.06 -0.43 -60.04
C LEU A 1183 -14.67 -0.73 -60.59
N TYR A 1184 -13.63 -0.62 -59.76
CA TYR A 1184 -12.24 -0.93 -60.13
C TYR A 1184 -12.09 -2.40 -60.51
N GLU A 1185 -12.87 -3.27 -59.85
CA GLU A 1185 -12.83 -4.73 -60.08
C GLU A 1185 -13.31 -5.04 -61.50
N ARG A 1186 -14.42 -4.44 -61.91
CA ARG A 1186 -15.07 -4.77 -63.19
C ARG A 1186 -14.19 -4.23 -64.34
N MET A 1187 -13.54 -3.08 -64.19
CA MET A 1187 -12.67 -2.53 -65.25
C MET A 1187 -11.37 -3.34 -65.37
N LEU A 1188 -11.00 -4.08 -64.32
CA LEU A 1188 -9.82 -4.99 -64.30
C LEU A 1188 -10.19 -6.28 -65.04
N ASN A 1189 -11.42 -6.75 -64.79
CA ASN A 1189 -11.96 -8.03 -65.29
C ASN A 1189 -11.91 -8.14 -66.81
N ILE A 1190 -12.41 -7.12 -67.53
CA ILE A 1190 -12.46 -7.16 -69.01
C ILE A 1190 -11.05 -7.28 -69.56
N MET A 1191 -10.03 -6.79 -68.85
CA MET A 1191 -8.63 -6.96 -69.27
C MET A 1191 -8.23 -8.43 -69.22
N MET A 1192 -8.70 -9.18 -68.23
CA MET A 1192 -8.40 -10.61 -68.07
C MET A 1192 -9.07 -11.45 -69.16
N ALA A 1193 -10.23 -11.03 -69.65
CA ALA A 1193 -10.99 -11.71 -70.69
C ALA A 1193 -10.36 -11.39 -72.05
N SER A 1194 -9.85 -10.19 -72.23
CA SER A 1194 -9.20 -9.75 -73.48
C SER A 1194 -7.70 -9.98 -73.34
N VAL A 1195 -7.29 -11.03 -72.63
CA VAL A 1195 -5.87 -11.47 -72.52
C VAL A 1195 -5.75 -13.00 -72.44
N MET A 1196 -6.84 -13.74 -72.30
CA MET A 1196 -6.78 -15.22 -72.39
C MET A 1196 -7.67 -15.69 -73.55
N HIS A 1197 -7.48 -15.06 -74.71
CA HIS A 1197 -8.27 -15.39 -75.92
C HIS A 1197 -7.54 -14.97 -77.19
N HIS A 1198 -6.79 -13.88 -77.08
CA HIS A 1198 -5.96 -13.32 -78.17
C HIS A 1198 -4.66 -14.13 -78.43
N THR A 1199 -4.09 -14.66 -77.37
CA THR A 1199 -2.82 -15.40 -77.42
C THR A 1199 -3.15 -16.89 -77.48
N ASN A 1200 -2.25 -17.66 -78.06
CA ASN A 1200 -2.45 -19.12 -78.19
C ASN A 1200 -1.73 -19.89 -77.08
N HIS A 1201 -1.50 -19.30 -75.90
CA HIS A 1201 -0.72 -19.96 -74.81
C HIS A 1201 -1.27 -19.69 -73.41
N THR A 1202 -0.56 -20.24 -72.41
CA THR A 1202 -1.02 -20.37 -71.01
C THR A 1202 -0.72 -19.13 -70.19
N VAL A 1203 -1.74 -18.58 -69.54
CA VAL A 1203 -1.61 -17.36 -68.69
C VAL A 1203 -2.19 -17.52 -67.28
N LYS A 1204 -1.36 -17.35 -66.25
CA LYS A 1204 -1.79 -17.40 -64.83
C LYS A 1204 -2.02 -16.00 -64.30
N PHE A 1205 -2.64 -15.86 -63.11
CA PHE A 1205 -2.91 -14.51 -62.57
C PHE A 1205 -2.37 -14.25 -61.14
N TRP A 1206 -2.05 -13.00 -60.77
CA TRP A 1206 -1.47 -12.66 -59.41
C TRP A 1206 -1.92 -11.34 -58.78
N PHE A 1207 -3.21 -11.11 -58.61
CA PHE A 1207 -3.72 -9.90 -57.92
C PHE A 1207 -3.55 -9.95 -56.39
N ILE A 1208 -3.98 -8.88 -55.74
CA ILE A 1208 -3.75 -8.71 -54.28
C ILE A 1208 -5.07 -8.77 -53.50
N GLU A 1209 -5.07 -9.69 -52.54
CA GLU A 1209 -6.21 -10.12 -51.69
C GLU A 1209 -6.98 -8.97 -51.02
N GLN A 1210 -6.51 -8.51 -49.85
CA GLN A 1210 -7.23 -7.54 -48.96
C GLN A 1210 -7.92 -6.35 -49.65
N PHE A 1211 -7.35 -5.81 -50.73
CA PHE A 1211 -7.91 -4.63 -51.42
C PHE A 1211 -9.23 -5.06 -52.07
N LEU A 1212 -9.19 -6.20 -52.77
CA LEU A 1212 -10.38 -6.77 -53.43
C LEU A 1212 -11.54 -6.98 -52.46
N SER A 1213 -12.78 -6.76 -52.91
CA SER A 1213 -13.96 -6.97 -52.06
C SER A 1213 -14.39 -8.43 -52.15
N PRO A 1214 -15.08 -8.95 -51.09
CA PRO A 1214 -15.58 -10.32 -51.12
C PRO A 1214 -16.47 -10.60 -52.34
N SER A 1215 -17.05 -9.56 -52.92
CA SER A 1215 -17.92 -9.61 -54.10
C SER A 1215 -17.09 -10.17 -55.25
N PHE A 1216 -15.87 -9.67 -55.39
CA PHE A 1216 -14.94 -10.08 -56.46
C PHE A 1216 -14.35 -11.46 -56.18
N LYS A 1217 -14.10 -11.81 -54.92
CA LYS A 1217 -13.44 -13.08 -54.57
C LYS A 1217 -14.32 -14.25 -55.00
N ASP A 1218 -15.65 -14.12 -54.94
CA ASP A 1218 -16.53 -15.22 -55.42
C ASP A 1218 -16.91 -14.94 -56.86
N PHE A 1219 -15.91 -14.88 -57.75
CA PHE A 1219 -16.10 -14.49 -59.15
C PHE A 1219 -14.95 -15.06 -60.03
N ILE A 1220 -13.70 -15.01 -59.55
CA ILE A 1220 -12.53 -15.42 -60.40
C ILE A 1220 -12.59 -16.92 -60.77
N PRO A 1221 -12.80 -17.88 -59.83
CA PRO A 1221 -12.82 -19.31 -60.19
C PRO A 1221 -13.84 -19.59 -61.31
N HIS A 1222 -14.90 -18.81 -61.35
CA HIS A 1222 -15.92 -18.92 -62.41
C HIS A 1222 -15.32 -18.71 -63.81
N MET A 1223 -14.63 -17.60 -64.00
CA MET A 1223 -14.01 -17.25 -65.32
C MET A 1223 -12.74 -18.07 -65.54
N ALA A 1224 -12.20 -18.73 -64.53
CA ALA A 1224 -11.00 -19.57 -64.58
C ALA A 1224 -11.28 -20.96 -65.13
N ALA A 1225 -12.52 -21.37 -65.26
CA ALA A 1225 -12.91 -22.71 -65.73
C ALA A 1225 -13.52 -22.66 -67.13
N GLU A 1226 -14.50 -21.78 -67.37
CA GLU A 1226 -15.15 -21.65 -68.69
C GLU A 1226 -14.15 -21.05 -69.68
N TYR A 1227 -13.40 -20.05 -69.25
CA TYR A 1227 -12.36 -19.46 -70.13
C TYR A 1227 -11.21 -20.46 -70.21
N GLY A 1228 -10.73 -20.89 -69.05
CA GLY A 1228 -9.69 -21.91 -68.89
C GLY A 1228 -8.35 -21.39 -68.44
N PHE A 1229 -8.32 -20.50 -67.45
CA PHE A 1229 -7.04 -19.97 -66.93
C PHE A 1229 -6.95 -20.19 -65.42
N LYS A 1230 -5.95 -19.59 -64.80
CA LYS A 1230 -5.64 -19.92 -63.37
C LYS A 1230 -5.54 -18.71 -62.46
N TYR A 1231 -6.23 -18.79 -61.33
CA TYR A 1231 -6.19 -17.77 -60.27
C TYR A 1231 -5.15 -18.17 -59.23
N GLU A 1232 -4.73 -17.19 -58.45
CA GLU A 1232 -3.95 -17.34 -57.22
C GLU A 1232 -3.73 -15.95 -56.66
N MET A 1233 -3.56 -15.85 -55.35
CA MET A 1233 -3.52 -14.52 -54.67
C MET A 1233 -2.27 -14.38 -53.79
N VAL A 1234 -1.66 -13.21 -53.86
CA VAL A 1234 -0.43 -12.85 -53.11
C VAL A 1234 -0.64 -11.54 -52.36
N THR A 1235 0.04 -11.41 -51.22
CA THR A 1235 0.00 -10.20 -50.36
C THR A 1235 1.19 -10.20 -49.40
N TYR A 1236 1.44 -9.05 -48.83
CA TYR A 1236 2.62 -8.80 -47.96
C TYR A 1236 2.29 -7.75 -46.90
N LYS A 1237 3.32 -7.15 -46.26
CA LYS A 1237 3.10 -6.19 -45.15
C LYS A 1237 4.24 -5.17 -45.07
N TRP A 1238 3.85 -3.91 -44.99
CA TRP A 1238 4.76 -2.78 -44.79
C TRP A 1238 5.33 -2.93 -43.39
N PRO A 1239 6.66 -3.01 -43.24
CA PRO A 1239 7.29 -3.03 -41.92
C PRO A 1239 7.21 -1.70 -41.15
N HIS A 1240 7.59 -1.79 -39.88
CA HIS A 1240 7.54 -0.69 -38.89
C HIS A 1240 8.68 0.31 -39.09
N TRP A 1241 9.52 0.11 -40.11
CA TRP A 1241 10.60 1.05 -40.46
C TRP A 1241 10.27 1.79 -41.75
N LEU A 1242 9.24 1.38 -42.49
CA LEU A 1242 8.96 1.92 -43.83
C LEU A 1242 7.71 2.80 -43.81
N ARG A 1243 7.81 3.89 -44.54
CA ARG A 1243 6.80 4.98 -44.53
C ARG A 1243 5.39 4.47 -44.84
N GLN A 1244 4.58 4.31 -43.80
CA GLN A 1244 3.12 4.02 -43.95
C GLN A 1244 2.44 5.21 -44.58
N GLN A 1245 1.20 5.04 -45.07
CA GLN A 1245 0.47 6.16 -45.73
C GLN A 1245 -0.97 6.34 -45.20
N LYS A 1246 -1.46 7.59 -45.22
CA LYS A 1246 -2.77 8.05 -44.66
C LYS A 1246 -3.97 7.56 -45.49
N GLU A 1247 -4.28 8.25 -46.60
CA GLU A 1247 -5.36 7.82 -47.50
C GLU A 1247 -4.87 6.56 -48.21
N LYS A 1248 -5.75 5.59 -48.39
CA LYS A 1248 -5.41 4.24 -48.90
C LYS A 1248 -4.83 4.28 -50.33
N GLN A 1249 -4.74 5.43 -50.99
CA GLN A 1249 -4.23 5.49 -52.38
C GLN A 1249 -2.70 5.46 -52.43
N ARG A 1250 -2.03 6.27 -51.63
CA ARG A 1250 -0.55 6.33 -51.63
C ARG A 1250 0.01 4.99 -51.17
N GLU A 1251 -0.71 4.26 -50.32
CA GLU A 1251 -0.35 2.91 -49.82
C GLU A 1251 -0.16 1.98 -51.01
N ILE A 1252 -1.16 1.95 -51.90
CA ILE A 1252 -1.24 1.09 -53.10
C ILE A 1252 0.03 1.21 -53.93
N TRP A 1253 0.51 2.41 -54.26
CA TRP A 1253 1.70 2.55 -55.10
C TRP A 1253 2.96 2.14 -54.36
N GLY A 1254 2.98 2.13 -53.04
CA GLY A 1254 4.09 1.61 -52.25
C GLY A 1254 4.28 0.12 -52.51
N TYR A 1255 3.20 -0.64 -52.43
CA TYR A 1255 3.24 -2.09 -52.60
C TYR A 1255 3.42 -2.51 -54.07
N LYS A 1256 3.13 -1.59 -54.97
CA LYS A 1256 3.10 -1.92 -56.42
C LYS A 1256 4.49 -2.03 -57.01
N ILE A 1257 5.37 -1.05 -56.74
CA ILE A 1257 6.70 -1.04 -57.39
C ILE A 1257 7.84 -1.40 -56.43
N LEU A 1258 7.74 -1.12 -55.14
CA LEU A 1258 8.84 -1.49 -54.20
C LEU A 1258 8.63 -2.96 -53.80
N PHE A 1259 7.40 -3.29 -53.42
CA PHE A 1259 6.98 -4.67 -53.06
C PHE A 1259 6.52 -5.32 -54.37
N LEU A 1260 7.46 -5.92 -55.09
CA LEU A 1260 7.24 -6.54 -56.42
C LEU A 1260 7.82 -7.95 -56.42
N ASP A 1261 9.14 -8.03 -56.28
CA ASP A 1261 9.95 -9.28 -56.39
C ASP A 1261 9.73 -10.21 -55.19
N VAL A 1262 9.35 -9.66 -54.05
CA VAL A 1262 9.11 -10.47 -52.82
C VAL A 1262 7.65 -10.97 -52.75
N LEU A 1263 6.72 -10.26 -53.39
CA LEU A 1263 5.28 -10.63 -53.43
C LEU A 1263 5.12 -12.04 -54.01
N PHE A 1264 5.72 -12.28 -55.18
CA PHE A 1264 5.74 -13.61 -55.83
C PHE A 1264 6.88 -14.45 -55.26
N PRO A 1265 6.70 -15.79 -55.08
CA PRO A 1265 7.78 -16.63 -54.59
C PRO A 1265 8.91 -16.81 -55.62
N LEU A 1266 9.84 -17.68 -55.27
CA LEU A 1266 11.06 -17.95 -56.08
C LEU A 1266 10.73 -18.83 -57.27
N SER A 1267 9.71 -19.67 -57.15
CA SER A 1267 9.26 -20.58 -58.23
C SER A 1267 8.45 -19.82 -59.28
N LEU A 1268 9.06 -18.77 -59.84
CA LEU A 1268 8.50 -17.89 -60.89
C LEU A 1268 9.60 -17.03 -61.50
N ASP A 1269 9.30 -16.51 -62.69
CA ASP A 1269 10.17 -15.54 -63.42
C ASP A 1269 9.42 -14.34 -64.03
N LYS A 1270 8.63 -14.58 -65.07
CA LYS A 1270 8.05 -13.44 -65.84
C LYS A 1270 6.62 -13.06 -65.49
N VAL A 1271 6.37 -11.76 -65.28
CA VAL A 1271 5.02 -11.18 -65.02
C VAL A 1271 4.77 -9.94 -65.91
N ILE A 1272 3.52 -9.76 -66.38
CA ILE A 1272 3.17 -8.66 -67.32
C ILE A 1272 1.95 -7.89 -66.75
N PHE A 1273 2.21 -7.08 -65.73
CA PHE A 1273 1.21 -6.13 -65.17
C PHE A 1273 0.85 -5.12 -66.25
N VAL A 1274 -0.44 -4.94 -66.48
CA VAL A 1274 -0.94 -3.88 -67.37
C VAL A 1274 -2.07 -3.23 -66.58
N ASP A 1275 -2.22 -1.92 -66.70
CA ASP A 1275 -3.19 -1.12 -65.91
C ASP A 1275 -4.61 -1.66 -66.10
N ALA A 1276 -5.46 -1.46 -65.09
CA ALA A 1276 -6.82 -2.05 -65.05
C ALA A 1276 -7.81 -1.29 -65.94
N ASP A 1277 -7.50 -1.20 -67.24
CA ASP A 1277 -8.32 -0.42 -68.20
C ASP A 1277 -8.03 -0.92 -69.61
N GLN A 1278 -6.78 -1.24 -69.90
CA GLN A 1278 -6.37 -1.62 -71.26
C GLN A 1278 -6.86 -3.01 -71.65
N ILE A 1279 -6.75 -3.29 -72.94
CA ILE A 1279 -7.25 -4.53 -73.59
C ILE A 1279 -6.15 -5.09 -74.49
N VAL A 1280 -5.87 -6.38 -74.37
CA VAL A 1280 -4.70 -6.96 -75.09
C VAL A 1280 -5.18 -7.71 -76.34
N ARG A 1281 -5.09 -7.07 -77.52
CA ARG A 1281 -5.40 -7.78 -78.80
C ARG A 1281 -4.20 -8.65 -79.20
N THR A 1282 -3.02 -8.29 -78.70
CA THR A 1282 -1.73 -8.93 -79.09
C THR A 1282 -1.61 -10.36 -78.54
N ASP A 1283 -0.80 -11.16 -79.23
CA ASP A 1283 -0.40 -12.49 -78.77
C ASP A 1283 0.61 -12.19 -77.69
N MET A 1284 0.32 -12.62 -76.48
CA MET A 1284 1.17 -12.34 -75.29
C MET A 1284 2.50 -13.06 -75.27
N TYR A 1285 2.99 -13.55 -76.40
CA TYR A 1285 4.30 -14.22 -76.45
C TYR A 1285 5.43 -13.20 -76.55
N ASP A 1286 5.27 -12.19 -77.39
CA ASP A 1286 6.35 -11.21 -77.59
C ASP A 1286 6.30 -10.15 -76.49
N LEU A 1287 6.02 -10.59 -75.28
CA LEU A 1287 6.07 -9.82 -74.03
C LEU A 1287 6.93 -10.54 -73.01
N VAL A 1288 6.83 -11.87 -72.98
CA VAL A 1288 7.72 -12.75 -72.18
C VAL A 1288 8.99 -12.94 -73.01
N GLU A 1289 8.87 -13.29 -74.27
CA GLU A 1289 10.04 -13.49 -75.18
C GLU A 1289 10.54 -12.14 -75.64
N HIS A 1290 11.16 -11.38 -74.75
CA HIS A 1290 11.71 -10.04 -75.08
C HIS A 1290 13.03 -9.85 -74.34
N PRO A 1291 14.11 -9.55 -75.09
CA PRO A 1291 15.42 -9.36 -74.48
C PRO A 1291 15.48 -8.10 -73.62
N LEU A 1292 15.93 -8.25 -72.40
CA LEU A 1292 16.10 -7.08 -71.52
C LEU A 1292 17.56 -6.69 -71.30
N ASP A 1293 18.40 -7.66 -70.92
CA ASP A 1293 19.87 -7.46 -70.78
C ASP A 1293 20.21 -6.24 -69.91
N GLY A 1294 20.16 -6.42 -68.59
CA GLY A 1294 20.44 -5.33 -67.65
C GLY A 1294 19.19 -4.60 -67.19
N ALA A 1295 18.14 -4.61 -68.02
CA ALA A 1295 16.86 -3.96 -67.69
C ALA A 1295 15.96 -4.90 -66.88
N PRO A 1296 15.62 -4.58 -65.60
CA PRO A 1296 14.70 -5.44 -64.83
C PRO A 1296 13.25 -5.37 -65.33
N TYR A 1297 12.74 -4.15 -65.48
CA TYR A 1297 11.35 -3.92 -65.93
C TYR A 1297 11.33 -3.04 -67.18
N LEU A 1334 2.40 -1.76 -66.75
CA LEU A 1334 3.22 -1.42 -67.96
C LEU A 1334 4.68 -1.70 -67.64
N TYR A 1335 5.08 -3.00 -67.67
CA TYR A 1335 6.44 -3.43 -67.31
C TYR A 1335 6.75 -4.87 -67.80
N VAL A 1336 7.97 -5.30 -67.53
CA VAL A 1336 8.48 -6.68 -67.87
C VAL A 1336 9.19 -7.26 -66.66
N VAL A 1337 8.46 -7.90 -65.77
CA VAL A 1337 9.07 -8.46 -64.56
C VAL A 1337 9.96 -9.65 -64.99
N ASP A 1338 11.25 -9.54 -64.72
CA ASP A 1338 12.23 -10.62 -64.99
C ASP A 1338 12.84 -10.94 -63.65
N LEU A 1339 12.24 -11.90 -62.95
CA LEU A 1339 12.69 -12.25 -61.57
C LEU A 1339 14.11 -12.82 -61.55
N GLN A 1340 14.77 -12.93 -62.70
CA GLN A 1340 16.19 -13.34 -62.73
C GLN A 1340 17.09 -12.10 -62.60
N ARG A 1341 16.79 -11.05 -63.35
CA ARG A 1341 17.49 -9.75 -63.21
C ARG A 1341 16.96 -8.99 -62.01
N PHE A 1342 15.70 -9.16 -61.62
CA PHE A 1342 15.12 -8.51 -60.42
C PHE A 1342 15.72 -9.05 -59.14
N ARG A 1343 16.29 -10.25 -59.13
CA ARG A 1343 16.97 -10.81 -57.95
C ARG A 1343 18.47 -10.60 -58.03
N GLU A 1344 18.98 -10.49 -59.26
CA GLU A 1344 20.45 -10.33 -59.53
C GLU A 1344 20.98 -9.01 -59.00
N LEU A 1345 20.37 -7.90 -59.40
CA LEU A 1345 20.81 -6.58 -58.95
C LEU A 1345 19.83 -5.99 -57.92
N ALA A 1346 18.76 -6.73 -57.59
CA ALA A 1346 17.75 -6.38 -56.56
C ALA A 1346 17.22 -4.95 -56.68
N ALA A 1347 16.60 -4.67 -57.81
CA ALA A 1347 15.98 -3.38 -58.13
C ALA A 1347 14.82 -3.09 -57.18
N GLY A 1348 14.12 -4.13 -56.72
CA GLY A 1348 13.04 -3.94 -55.73
C GLY A 1348 13.60 -3.47 -54.39
N ASP A 1349 14.70 -4.08 -53.96
CA ASP A 1349 15.41 -3.74 -52.72
C ASP A 1349 16.09 -2.39 -52.85
N ARG A 1350 16.44 -2.00 -54.07
CA ARG A 1350 17.02 -0.67 -54.37
C ARG A 1350 15.94 0.40 -54.26
N LEU A 1351 14.77 0.11 -54.83
CA LEU A 1351 13.64 1.07 -54.86
C LEU A 1351 13.11 1.34 -53.45
N ARG A 1352 13.33 0.41 -52.54
CA ARG A 1352 13.04 0.53 -51.11
C ARG A 1352 13.78 1.76 -50.55
N GLN A 1353 15.10 1.77 -50.66
CA GLN A 1353 15.91 2.94 -50.18
C GLN A 1353 15.76 4.13 -51.12
N GLN A 1354 15.31 3.91 -52.34
CA GLN A 1354 14.99 4.96 -53.31
C GLN A 1354 13.75 5.73 -52.84
N TYR A 1355 12.77 5.04 -52.29
CA TYR A 1355 11.52 5.58 -51.77
C TYR A 1355 11.76 6.17 -50.40
N HIS A 1356 12.70 5.64 -49.64
CA HIS A 1356 13.06 6.11 -48.29
C HIS A 1356 13.61 7.52 -48.37
N ALA A 1357 14.36 7.87 -49.42
CA ALA A 1357 14.91 9.21 -49.62
C ALA A 1357 13.91 10.18 -50.24
N LEU A 1358 12.89 9.73 -50.95
CA LEU A 1358 11.91 10.63 -51.61
C LEU A 1358 10.49 10.45 -51.08
N SER A 1359 10.34 10.19 -49.80
CA SER A 1359 9.02 10.07 -49.13
C SER A 1359 8.94 10.95 -47.87
N ALA A 1360 10.08 11.35 -47.30
CA ALA A 1360 10.14 12.20 -46.09
C ALA A 1360 9.66 13.60 -46.46
N ASP A 1361 10.11 14.06 -47.64
CA ASP A 1361 9.76 15.38 -48.18
C ASP A 1361 8.85 15.17 -49.38
N PRO A 1362 7.56 15.57 -49.35
CA PRO A 1362 6.70 15.40 -50.52
C PRO A 1362 6.98 16.38 -51.67
N ASN A 1363 8.24 16.81 -51.78
CA ASN A 1363 8.72 17.81 -52.77
C ASN A 1363 9.40 17.08 -53.95
N SER A 1364 8.97 15.84 -54.24
CA SER A 1364 9.61 15.02 -55.30
C SER A 1364 8.65 14.07 -56.02
N LEU A 1365 7.45 13.80 -55.53
CA LEU A 1365 6.58 12.79 -56.17
C LEU A 1365 5.16 13.30 -56.31
N ALA A 1366 4.64 13.41 -57.52
CA ALA A 1366 3.21 13.62 -57.77
C ALA A 1366 2.49 12.29 -57.53
N ASN A 1367 3.09 11.24 -58.08
CA ASN A 1367 2.70 9.81 -57.91
C ASN A 1367 3.94 9.02 -57.54
N LEU A 1368 3.81 7.77 -57.08
CA LEU A 1368 5.00 7.02 -56.62
C LEU A 1368 5.20 5.69 -57.34
N ASP A 1369 4.22 5.21 -58.10
CA ASP A 1369 4.41 3.96 -58.88
C ASP A 1369 4.86 4.19 -60.32
N GLN A 1370 5.00 5.46 -60.73
CA GLN A 1370 5.47 5.77 -62.08
C GLN A 1370 6.51 6.91 -62.09
N ASP A 1371 6.80 7.55 -60.96
CA ASP A 1371 7.79 8.63 -60.84
C ASP A 1371 9.02 8.18 -60.04
N LEU A 1372 8.93 7.11 -59.25
CA LEU A 1372 10.11 6.55 -58.57
C LEU A 1372 11.01 5.75 -59.52
N PRO A 1373 10.50 4.96 -60.50
CA PRO A 1373 11.36 4.25 -61.44
C PRO A 1373 11.92 5.10 -62.58
N ASN A 1374 11.28 6.22 -62.91
CA ASN A 1374 11.68 7.12 -64.01
C ASN A 1374 12.74 8.13 -63.57
N HIS A 1375 12.85 8.40 -62.27
CA HIS A 1375 13.91 9.28 -61.70
C HIS A 1375 15.29 8.61 -61.80
N MET A 1376 15.31 7.30 -61.57
CA MET A 1376 16.53 6.47 -61.67
C MET A 1376 16.42 5.67 -62.97
N GLN A 1377 16.22 6.35 -64.11
CA GLN A 1377 16.07 5.64 -65.41
C GLN A 1377 17.46 5.23 -65.93
N PHE A 1378 18.47 6.06 -65.72
CA PHE A 1378 19.87 5.80 -66.16
C PHE A 1378 20.46 4.74 -65.25
N THR A 1379 20.17 4.79 -63.94
CA THR A 1379 20.72 3.78 -63.00
C THR A 1379 19.91 2.46 -62.99
N ILE A 1380 18.62 2.56 -62.72
CA ILE A 1380 17.72 1.37 -62.69
C ILE A 1380 16.98 1.33 -64.01
N PRO A 1381 17.32 0.41 -64.95
CA PRO A 1381 16.70 0.45 -66.27
C PRO A 1381 15.23 0.05 -66.40
N ILE A 1382 14.69 0.26 -67.60
CA ILE A 1382 13.29 -0.10 -67.95
C ILE A 1382 13.32 -1.19 -69.02
N SER B 1 -48.35 12.27 -3.78
CA SER B 1 -47.44 11.20 -3.24
C SER B 1 -47.60 11.05 -1.73
N PRO B 2 -47.59 9.83 -1.16
CA PRO B 2 -47.71 9.67 0.29
C PRO B 2 -46.36 9.77 1.03
N SER B 3 -46.03 10.95 1.53
CA SER B 3 -44.70 11.15 2.16
C SER B 3 -44.69 12.17 3.29
N ILE B 4 -44.43 11.70 4.52
CA ILE B 4 -44.06 12.53 5.68
C ILE B 4 -42.68 13.13 5.42
N ASN B 5 -42.50 14.38 5.82
CA ASN B 5 -41.22 15.11 5.65
C ASN B 5 -40.65 15.52 7.01
N VAL B 6 -39.65 14.78 7.49
CA VAL B 6 -39.08 15.07 8.84
C VAL B 6 -37.61 15.53 8.79
N ALA B 7 -37.32 16.76 9.21
CA ALA B 7 -35.97 17.31 9.32
C ALA B 7 -35.60 17.55 10.79
N LEU B 8 -34.30 17.64 11.07
CA LEU B 8 -33.82 17.92 12.46
C LEU B 8 -32.98 19.20 12.52
N LYS B 9 -33.33 20.12 13.41
CA LYS B 9 -32.66 21.44 13.44
C LYS B 9 -32.14 21.78 14.85
N ALA B 10 -30.88 22.16 14.98
CA ALA B 10 -30.27 22.55 16.27
C ALA B 10 -30.79 23.93 16.66
N ALA B 11 -30.91 24.20 17.96
CA ALA B 11 -31.41 25.49 18.47
C ALA B 11 -30.38 26.59 18.16
N PHE B 12 -29.11 26.24 18.28
CA PHE B 12 -28.01 27.22 18.11
C PHE B 12 -27.77 27.56 16.64
N PRO B 13 -27.44 28.84 16.31
CA PRO B 13 -27.24 29.25 14.92
C PRO B 13 -26.01 28.68 14.24
N SER B 14 -26.02 28.77 12.93
CA SER B 14 -24.98 28.28 12.01
C SER B 14 -23.67 29.08 12.14
N PRO B 15 -22.54 28.36 12.25
CA PRO B 15 -21.23 29.00 12.20
C PRO B 15 -20.87 29.36 10.76
N PRO B 16 -19.88 30.25 10.52
CA PRO B 16 -19.44 30.57 9.16
C PRO B 16 -18.91 29.30 8.48
N TYR B 17 -18.99 29.30 7.16
CA TYR B 17 -18.69 28.10 6.34
C TYR B 17 -17.19 27.88 6.17
N LEU B 18 -16.38 28.92 6.03
CA LEU B 18 -14.94 28.82 5.84
C LEU B 18 -14.30 28.20 7.07
N VAL B 19 -14.74 28.58 8.26
CA VAL B 19 -14.17 28.09 9.54
C VAL B 19 -14.72 26.70 9.85
N GLU B 20 -15.83 26.25 9.25
CA GLU B 20 -16.28 24.85 9.39
C GLU B 20 -15.29 23.90 8.72
N LEU B 21 -14.75 24.34 7.57
CA LEU B 21 -13.69 23.66 6.79
C LEU B 21 -12.39 23.64 7.58
N LEU B 22 -12.05 24.80 8.11
CA LEU B 22 -10.84 25.13 8.85
C LEU B 22 -10.72 24.31 10.13
N GLU B 23 -11.81 23.70 10.60
CA GLU B 23 -11.75 22.89 11.82
C GLU B 23 -11.83 21.41 11.54
N THR B 24 -12.46 21.01 10.44
CA THR B 24 -12.54 19.59 10.11
C THR B 24 -11.23 19.17 9.46
N ALA B 25 -10.71 19.98 8.55
CA ALA B 25 -9.43 19.70 7.88
C ALA B 25 -8.29 19.82 8.87
N ALA B 26 -8.33 20.89 9.63
CA ALA B 26 -7.29 21.16 10.62
C ALA B 26 -7.92 20.99 11.97
N SER B 27 -8.03 19.75 12.40
CA SER B 27 -8.71 19.36 13.64
C SER B 27 -7.75 19.34 14.82
N ASP B 28 -6.68 18.55 14.71
CA ASP B 28 -5.71 18.41 15.81
C ASP B 28 -4.28 18.71 15.38
N ASN B 29 -4.02 18.78 14.08
CA ASN B 29 -2.69 19.13 13.56
C ASN B 29 -2.38 20.58 13.88
N THR B 30 -1.49 20.77 14.84
CA THR B 30 -0.96 22.08 15.26
C THR B 30 -0.38 22.85 14.09
N THR B 31 0.16 22.12 13.13
CA THR B 31 0.74 22.69 11.91
C THR B 31 -0.35 23.08 10.92
N ILE B 32 -1.28 22.17 10.63
CA ILE B 32 -2.31 22.29 9.59
C ILE B 32 -3.39 23.33 9.93
N TYR B 33 -3.55 23.65 11.20
CA TYR B 33 -4.48 24.69 11.66
C TYR B 33 -4.01 26.07 11.23
N TYR B 34 -2.79 26.46 11.56
CA TYR B 34 -2.25 27.77 11.22
C TYR B 34 -1.91 27.91 9.74
N SER B 35 -1.73 26.82 8.99
CA SER B 35 -1.47 26.84 7.53
C SER B 35 -2.77 27.21 6.81
N LEU B 36 -3.89 26.56 7.12
CA LEU B 36 -5.17 26.88 6.44
C LEU B 36 -5.69 28.24 6.82
N LEU B 37 -5.02 28.93 7.73
CA LEU B 37 -5.33 30.28 8.19
C LEU B 37 -4.46 31.29 7.45
N ASP B 38 -3.64 30.85 6.51
CA ASP B 38 -2.73 31.73 5.74
C ASP B 38 -3.28 31.98 4.33
N ARG B 39 -3.89 30.97 3.72
CA ARG B 39 -4.41 31.07 2.33
C ARG B 39 -5.60 32.02 2.22
N ILE B 40 -6.23 32.31 3.34
CA ILE B 40 -7.33 33.32 3.36
C ILE B 40 -6.74 34.73 3.46
N ALA B 41 -5.63 34.84 4.19
CA ALA B 41 -4.90 36.12 4.35
C ALA B 41 -3.86 36.29 3.26
N LYS B 42 -3.98 35.51 2.17
CA LYS B 42 -3.14 35.51 0.98
C LYS B 42 -3.97 35.87 -0.24
N GLY B 43 -5.17 35.31 -0.33
CA GLY B 43 -6.13 35.65 -1.39
C GLY B 43 -6.94 34.44 -1.78
N HIS B 44 -6.29 33.29 -1.81
CA HIS B 44 -6.92 32.02 -2.27
C HIS B 44 -8.33 31.80 -1.74
N PHE B 45 -8.45 31.74 -0.43
CA PHE B 45 -9.76 31.44 0.20
C PHE B 45 -10.64 32.70 0.25
N ALA B 46 -10.05 33.89 0.42
CA ALA B 46 -10.85 35.14 0.49
C ALA B 46 -11.36 35.52 -0.91
N GLU B 47 -11.20 34.63 -1.89
CA GLU B 47 -11.62 34.89 -3.28
C GLU B 47 -13.03 34.36 -3.55
N ALA B 48 -13.42 33.30 -2.85
CA ALA B 48 -14.67 32.54 -3.09
C ALA B 48 -15.92 33.41 -3.26
N THR B 49 -16.88 32.88 -3.99
CA THR B 49 -18.16 33.56 -4.28
C THR B 49 -19.31 33.07 -3.41
N THR B 50 -19.60 31.77 -3.43
CA THR B 50 -20.67 31.16 -2.62
C THR B 50 -20.07 30.15 -1.64
N ASP B 51 -20.91 29.35 -0.98
CA ASP B 51 -20.40 28.38 0.04
C ASP B 51 -19.91 27.08 -0.58
N LYS B 52 -20.37 26.79 -1.80
CA LYS B 52 -19.91 25.65 -2.60
C LYS B 52 -18.45 25.87 -2.98
N ALA B 53 -18.15 27.07 -3.46
CA ALA B 53 -16.86 27.48 -4.06
C ALA B 53 -15.82 27.90 -3.02
N LEU B 54 -16.07 27.59 -1.75
CA LEU B 54 -15.14 27.78 -0.66
C LEU B 54 -14.63 26.43 -0.17
N TYR B 55 -15.51 25.45 -0.08
CA TYR B 55 -15.13 24.07 0.27
C TYR B 55 -14.24 23.51 -0.81
N GLU B 56 -14.57 23.77 -2.07
CA GLU B 56 -13.88 23.32 -3.28
C GLU B 56 -12.39 23.59 -3.25
N LYS B 57 -11.99 24.80 -2.88
CA LYS B 57 -10.57 25.18 -2.84
C LYS B 57 -9.83 24.34 -1.82
N PHE B 58 -10.42 24.11 -0.65
CA PHE B 58 -9.85 23.23 0.39
C PHE B 58 -9.39 21.87 -0.15
N LEU B 59 -10.29 21.04 -0.66
CA LEU B 59 -10.02 19.67 -1.15
C LEU B 59 -8.76 19.54 -1.99
N GLU B 60 -8.64 20.32 -3.07
CA GLU B 60 -7.48 20.23 -3.99
C GLU B 60 -6.21 20.75 -3.32
N VAL B 61 -6.33 21.66 -2.35
CA VAL B 61 -5.19 22.06 -1.49
C VAL B 61 -4.82 20.92 -0.54
N LEU B 62 -5.80 20.36 0.16
CA LEU B 62 -5.59 19.29 1.16
C LEU B 62 -5.37 17.94 0.49
N ARG B 63 -4.86 17.91 -0.74
CA ARG B 63 -4.55 16.62 -1.40
C ARG B 63 -3.20 16.69 -2.15
N ASP B 64 -3.07 17.63 -3.07
CA ASP B 64 -1.85 17.75 -3.91
C ASP B 64 -0.74 18.46 -3.14
N ASP B 65 -1.10 19.38 -2.26
CA ASP B 65 -0.14 20.31 -1.62
C ASP B 65 0.60 19.57 -0.51
N GLY B 66 -0.11 18.86 0.36
CA GLY B 66 0.54 18.01 1.39
C GLY B 66 -0.17 17.99 2.73
N HIS B 67 -1.50 17.95 2.72
CA HIS B 67 -2.29 17.91 3.99
C HIS B 67 -2.80 16.50 4.29
N MET B 68 -3.72 15.99 3.52
CA MET B 68 -4.35 14.69 3.83
C MET B 68 -4.43 13.85 2.58
N ASP B 69 -4.38 12.55 2.84
CA ASP B 69 -4.47 11.49 1.82
C ASP B 69 -5.91 11.35 1.33
N PRO B 70 -6.12 10.85 0.09
CA PRO B 70 -7.47 10.72 -0.49
C PRO B 70 -8.35 9.70 0.24
N GLU B 71 -7.78 8.73 0.94
CA GLU B 71 -8.59 7.78 1.75
C GLU B 71 -8.92 8.43 3.09
N ALA B 72 -9.27 9.72 3.03
CA ALA B 72 -9.72 10.55 4.15
C ALA B 72 -10.31 11.86 3.64
N LEU B 73 -10.20 12.13 2.35
CA LEU B 73 -10.83 13.29 1.69
C LEU B 73 -12.35 13.11 1.70
N SER B 74 -12.79 11.91 1.36
CA SER B 74 -14.23 11.56 1.40
C SER B 74 -14.71 11.60 2.84
N ALA B 75 -13.87 11.20 3.80
CA ALA B 75 -14.18 11.22 5.24
C ALA B 75 -14.24 12.67 5.71
N PHE B 76 -13.46 13.56 5.11
CA PHE B 76 -13.53 15.02 5.40
C PHE B 76 -14.89 15.54 4.91
N LYS B 77 -15.24 15.19 3.67
CA LYS B 77 -16.51 15.53 3.00
C LYS B 77 -17.65 15.00 3.85
N LEU B 78 -17.51 13.79 4.37
CA LEU B 78 -18.57 13.12 5.17
C LEU B 78 -18.81 13.88 6.48
N ALA B 79 -17.77 14.18 7.25
CA ALA B 79 -17.91 14.90 8.52
C ALA B 79 -18.47 16.31 8.26
N LEU B 80 -18.17 16.84 7.08
CA LEU B 80 -18.61 18.18 6.63
C LEU B 80 -20.09 18.15 6.27
N SER B 81 -20.57 17.05 5.75
CA SER B 81 -22.02 16.85 5.45
C SER B 81 -22.81 16.67 6.74
N LEU B 82 -22.20 15.97 7.68
CA LEU B 82 -22.77 15.74 9.02
C LEU B 82 -22.55 16.91 9.96
N ARG B 83 -21.81 17.94 9.54
CA ARG B 83 -21.57 19.19 10.28
C ARG B 83 -21.00 18.88 11.66
N THR B 84 -20.18 17.84 11.77
CA THR B 84 -19.65 17.31 13.06
C THR B 84 -18.93 18.38 13.89
N ALA B 85 -18.05 19.14 13.26
CA ALA B 85 -17.20 20.11 13.98
C ALA B 85 -17.96 21.45 14.22
N THR B 86 -19.25 21.53 13.93
CA THR B 86 -20.03 22.80 14.01
C THR B 86 -20.19 23.23 15.47
N PRO B 87 -20.50 22.34 16.46
CA PRO B 87 -20.63 22.79 17.86
C PRO B 87 -19.32 23.31 18.43
N ARG B 88 -18.17 22.86 17.92
CA ARG B 88 -16.82 23.34 18.31
C ARG B 88 -16.70 24.84 18.07
N VAL B 89 -17.27 25.36 16.99
CA VAL B 89 -17.23 26.79 16.62
C VAL B 89 -18.13 27.56 17.59
N GLU B 90 -19.20 26.96 18.10
CA GLU B 90 -20.12 27.68 19.02
C GLU B 90 -19.50 27.82 20.42
N ALA B 91 -18.36 27.19 20.70
CA ALA B 91 -17.66 27.36 21.96
C ALA B 91 -16.94 28.70 21.99
N HIS B 92 -16.59 29.24 20.83
CA HIS B 92 -15.94 30.54 20.70
C HIS B 92 -16.99 31.64 20.73
N TYR B 93 -18.13 31.35 20.12
CA TYR B 93 -19.33 32.21 20.12
C TYR B 93 -19.80 32.41 21.55
N GLN B 94 -19.76 31.33 22.34
CA GLN B 94 -20.20 31.34 23.75
C GLN B 94 -19.10 31.89 24.64
N TYR B 95 -17.85 31.54 24.45
CA TYR B 95 -16.78 32.09 25.31
C TYR B 95 -16.73 33.60 25.23
N TYR B 96 -16.99 34.14 24.05
CA TYR B 96 -17.06 35.59 23.79
C TYR B 96 -18.21 36.24 24.57
N THR B 97 -19.40 35.66 24.50
CA THR B 97 -20.63 36.20 25.12
C THR B 97 -20.64 36.02 26.64
N ALA B 98 -19.97 35.01 27.20
CA ALA B 98 -20.03 34.70 28.63
C ALA B 98 -18.71 34.93 29.36
N THR B 99 -17.61 35.23 28.68
CA THR B 99 -16.32 35.43 29.39
C THR B 99 -15.52 36.57 28.74
N VAL B 100 -15.51 36.67 27.41
CA VAL B 100 -14.72 37.71 26.71
C VAL B 100 -15.40 39.06 26.92
N GLU B 101 -16.72 39.11 26.84
CA GLU B 101 -17.49 40.38 26.98
C GLU B 101 -17.37 40.96 28.40
N PRO B 102 -17.52 40.18 29.50
CA PRO B 102 -17.36 40.75 30.85
C PRO B 102 -16.01 41.43 31.15
N SER B 103 -15.00 41.18 30.31
CA SER B 103 -13.66 41.81 30.45
C SER B 103 -13.54 43.04 29.53
N LEU B 104 -14.17 42.89 28.38
CA LEU B 104 -14.29 43.89 27.30
C LEU B 104 -15.03 45.13 27.79
N SER B 105 -14.30 46.04 28.43
CA SER B 105 -14.92 47.24 29.03
C SER B 105 -14.46 48.47 28.26
N GLY B 106 -14.86 48.58 27.01
CA GLY B 106 -14.42 49.71 26.17
C GLY B 106 -15.37 49.95 25.03
N THR B 107 -14.91 50.60 23.96
CA THR B 107 -15.70 50.80 22.73
C THR B 107 -15.00 50.12 21.55
N GLN B 108 -15.76 49.35 20.76
CA GLN B 108 -15.24 48.82 19.48
C GLN B 108 -15.41 49.91 18.43
N GLU B 109 -14.36 50.73 18.30
CA GLU B 109 -14.27 51.82 17.30
C GLU B 109 -14.45 51.27 15.90
N GLY B 110 -13.87 50.10 15.66
CA GLY B 110 -13.82 49.44 14.35
C GLY B 110 -12.64 48.49 14.22
N CYS B 111 -12.03 48.15 15.34
CA CYS B 111 -10.87 47.23 15.44
C CYS B 111 -11.37 45.79 15.52
N ASP B 112 -11.80 45.29 14.36
CA ASP B 112 -12.43 43.96 14.17
C ASP B 112 -11.66 42.89 14.93
N GLN B 113 -10.35 42.85 14.78
CA GLN B 113 -9.51 41.88 15.49
C GLN B 113 -8.73 42.64 16.57
N TRP B 114 -9.39 42.95 17.68
CA TRP B 114 -8.70 43.58 18.83
C TRP B 114 -7.77 42.57 19.46
N PHE B 115 -6.55 43.02 19.74
CA PHE B 115 -5.48 42.13 20.22
C PHE B 115 -5.65 41.95 21.71
N LEU B 116 -5.13 40.84 22.22
CA LEU B 116 -5.05 40.63 23.68
C LEU B 116 -3.60 40.41 24.07
N ILE B 117 -2.94 41.38 24.70
CA ILE B 117 -1.52 41.25 25.05
C ILE B 117 -1.34 41.81 26.46
N ASP B 118 -0.70 41.05 27.34
CA ASP B 118 -0.25 41.54 28.69
C ASP B 118 -1.41 42.21 29.46
N GLY B 119 -2.55 41.52 29.51
CA GLY B 119 -3.74 41.98 30.22
C GLY B 119 -4.18 43.33 29.73
N GLU B 120 -3.86 43.68 28.49
CA GLU B 120 -4.31 44.97 27.93
C GLU B 120 -4.84 44.78 26.53
N GLN B 121 -5.78 45.63 26.14
CA GLN B 121 -6.39 45.59 24.80
C GLN B 121 -5.76 46.65 23.87
N TYR B 122 -5.39 46.27 22.66
CA TYR B 122 -4.81 47.22 21.69
C TYR B 122 -5.55 47.10 20.36
N CYS B 123 -6.41 48.07 20.01
CA CYS B 123 -7.07 48.10 18.68
C CYS B 123 -5.99 48.28 17.61
N SER B 124 -5.08 49.21 17.84
CA SER B 124 -3.93 49.46 16.92
C SER B 124 -3.07 48.20 16.77
N PRO B 125 -2.55 47.88 15.55
CA PRO B 125 -1.78 46.67 15.35
C PRO B 125 -0.30 46.78 15.73
N THR B 126 0.21 47.95 16.10
CA THR B 126 1.67 48.12 16.36
C THR B 126 1.97 48.07 17.87
N LEU B 127 0.97 48.28 18.71
CA LEU B 127 1.00 48.12 20.19
C LEU B 127 1.88 49.15 20.90
N ASP B 128 1.19 49.92 21.77
CA ASP B 128 1.64 50.97 22.74
C ASP B 128 0.63 52.14 22.73
N THR B 129 -0.60 51.88 22.27
CA THR B 129 -1.74 52.83 22.29
C THR B 129 -2.97 51.97 22.54
N SER B 130 -3.43 51.89 23.79
CA SER B 130 -4.51 50.97 24.23
C SER B 130 -5.91 51.41 23.80
N HIS B 131 -6.92 50.67 24.31
CA HIS B 131 -8.34 50.94 24.04
C HIS B 131 -9.24 50.41 25.15
N GLY B 132 -8.74 49.56 26.03
CA GLY B 132 -9.57 48.94 27.08
C GLY B 132 -8.81 48.33 28.23
N LYS B 133 -9.43 47.36 28.93
CA LYS B 133 -8.77 46.68 30.08
C LYS B 133 -9.32 45.27 30.30
N VAL B 134 -8.47 44.40 30.82
CA VAL B 134 -8.82 42.98 31.10
C VAL B 134 -9.12 42.82 32.59
N LYS B 135 -10.23 42.16 32.86
CA LYS B 135 -10.73 41.92 34.25
C LYS B 135 -10.42 40.49 34.73
N GLY B 136 -11.19 40.08 35.73
CA GLY B 136 -11.05 38.87 36.58
C GLY B 136 -10.45 37.62 35.95
N GLU B 137 -11.30 36.65 35.62
CA GLU B 137 -10.89 35.31 35.12
C GLU B 137 -10.31 35.47 33.70
N ASP B 138 -9.04 35.84 33.67
CA ASP B 138 -8.24 36.11 32.45
C ASP B 138 -8.50 35.08 31.35
N GLN B 139 -8.58 35.60 30.15
CA GLN B 139 -8.83 34.83 28.91
C GLN B 139 -7.67 33.94 28.56
N LEU B 140 -6.51 34.15 29.16
CA LEU B 140 -5.27 33.44 28.92
C LEU B 140 -5.31 32.00 29.43
N ARG B 141 -6.49 31.55 29.84
CA ARG B 141 -6.72 30.12 30.11
C ARG B 141 -6.50 29.35 28.81
N THR B 142 -5.63 28.34 28.83
CA THR B 142 -5.33 27.58 27.58
C THR B 142 -6.51 26.70 27.22
N LEU B 143 -7.47 27.29 26.52
CA LEU B 143 -8.63 26.52 26.05
C LEU B 143 -8.16 25.66 24.89
N PRO B 144 -8.55 24.37 24.78
CA PRO B 144 -8.06 23.51 23.70
C PRO B 144 -8.62 23.72 22.30
N PHE B 145 -9.01 24.94 21.96
CA PHE B 145 -9.39 25.28 20.57
C PHE B 145 -8.78 26.58 20.05
N ASP B 146 -7.67 26.98 20.65
CA ASP B 146 -6.85 28.13 20.24
C ASP B 146 -5.42 27.70 20.40
N ARG B 147 -5.02 26.80 19.50
CA ARG B 147 -3.79 25.98 19.68
C ARG B 147 -2.52 26.82 19.76
N LYS B 148 -1.43 26.17 20.17
CA LYS B 148 -0.21 26.93 20.52
C LYS B 148 0.74 27.10 19.33
N PHE B 149 0.81 28.35 18.93
CA PHE B 149 1.73 28.88 17.93
C PHE B 149 3.02 29.18 18.65
N CYS B 150 3.86 28.16 18.75
CA CYS B 150 5.16 28.24 19.44
C CYS B 150 4.99 28.61 20.94
N VAL B 151 5.98 29.34 21.52
CA VAL B 151 5.96 29.84 22.94
C VAL B 151 6.87 31.07 23.14
N GLY B 152 6.73 31.71 24.30
CA GLY B 152 7.46 32.93 24.61
C GLY B 152 7.27 33.41 26.02
N SER B 153 8.00 34.46 26.40
CA SER B 153 7.99 35.01 27.76
C SER B 153 6.65 35.62 28.14
N ARG B 154 5.91 36.11 27.15
CA ARG B 154 4.54 36.64 27.42
C ARG B 154 3.49 35.97 26.53
N ASP B 155 2.36 35.60 27.12
CA ASP B 155 1.32 34.87 26.38
C ASP B 155 0.40 35.89 25.72
N VAL B 156 0.15 35.70 24.43
CA VAL B 156 -0.69 36.64 23.63
C VAL B 156 -1.86 35.91 22.96
N ILE B 157 -2.99 36.59 22.81
CA ILE B 157 -4.21 36.04 22.13
C ILE B 157 -4.74 37.10 21.15
N LEU B 158 -5.41 36.63 20.12
CA LEU B 158 -6.13 37.49 19.13
C LEU B 158 -7.47 36.81 18.89
N TYR B 159 -8.50 37.61 18.59
CA TYR B 159 -9.87 37.12 18.27
C TYR B 159 -10.25 37.51 16.86
N ALA B 160 -9.66 36.83 15.90
CA ALA B 160 -9.90 37.06 14.48
C ALA B 160 -11.30 36.63 14.00
N ASP B 161 -11.89 37.43 13.12
CA ASP B 161 -13.17 37.10 12.48
C ASP B 161 -12.90 37.00 10.97
N ILE B 162 -12.81 35.78 10.51
CA ILE B 162 -12.36 35.51 9.12
C ILE B 162 -13.43 35.90 8.11
N THR B 163 -14.72 35.92 8.45
CA THR B 163 -15.79 36.38 7.54
C THR B 163 -15.47 37.80 7.03
N SER B 164 -14.94 38.66 7.89
CA SER B 164 -14.52 40.03 7.50
C SER B 164 -13.08 40.07 6.99
N LYS B 165 -12.78 40.85 5.95
CA LYS B 165 -11.46 40.77 5.29
C LYS B 165 -10.41 41.51 6.13
N SER B 166 -10.81 42.32 7.12
CA SER B 166 -9.88 43.09 7.96
C SER B 166 -8.97 42.18 8.77
N PHE B 167 -9.28 40.88 8.83
CA PHE B 167 -8.49 39.87 9.54
C PHE B 167 -7.12 39.63 8.89
N ALA B 168 -7.04 39.68 7.55
CA ALA B 168 -5.84 39.44 6.72
C ALA B 168 -4.55 40.03 7.32
N PRO B 169 -4.41 41.35 7.60
CA PRO B 169 -3.15 41.88 8.17
C PRO B 169 -2.99 41.62 9.69
N PHE B 170 -4.06 41.83 10.48
CA PHE B 170 -4.06 41.70 11.96
C PHE B 170 -3.61 40.29 12.37
N HIS B 171 -3.99 39.29 11.59
CA HIS B 171 -3.57 37.89 11.78
C HIS B 171 -2.06 37.78 11.58
N GLU B 172 -1.53 38.37 10.52
CA GLU B 172 -0.10 38.35 10.19
C GLU B 172 0.74 39.13 11.19
N VAL B 173 0.14 40.01 11.96
CA VAL B 173 0.86 40.82 12.96
C VAL B 173 1.59 39.90 13.96
N ALA B 174 0.85 38.98 14.56
CA ALA B 174 1.39 38.06 15.57
C ALA B 174 1.90 36.76 14.96
N MET B 175 1.96 36.68 13.63
CA MET B 175 2.57 35.53 12.94
C MET B 175 4.08 35.62 13.10
N ASP B 176 4.63 36.83 13.03
CA ASP B 176 6.08 37.07 13.17
C ASP B 176 6.46 37.01 14.65
N LEU B 177 5.55 37.42 15.51
CA LEU B 177 5.71 37.46 17.00
C LEU B 177 6.35 36.16 17.56
N ALA B 178 5.75 35.02 17.26
CA ALA B 178 6.24 33.72 17.76
C ALA B 178 7.41 33.22 16.92
N LYS B 179 7.44 33.54 15.62
CA LYS B 179 8.52 33.12 14.68
C LYS B 179 9.93 33.35 15.24
N LYS B 180 10.24 34.57 15.66
CA LYS B 180 11.58 34.88 16.20
C LYS B 180 11.70 34.48 17.67
N GLY B 181 10.91 33.51 18.12
CA GLY B 181 11.01 32.96 19.48
C GLY B 181 10.87 34.05 20.54
N LYS B 182 9.95 34.99 20.35
CA LYS B 182 9.78 36.15 21.27
C LYS B 182 8.54 35.98 22.12
N ALA B 183 7.41 35.50 21.58
CA ALA B 183 6.16 35.37 22.37
C ALA B 183 5.27 34.19 21.91
N SER B 184 4.36 33.72 22.74
CA SER B 184 3.42 32.63 22.42
C SER B 184 2.14 33.25 21.82
N TYR B 185 1.56 32.59 20.83
CA TYR B 185 0.33 33.04 20.12
C TYR B 185 -0.70 31.91 20.08
N ARG B 186 -1.97 32.29 20.04
CA ARG B 186 -3.10 31.34 19.87
C ARG B 186 -4.31 32.04 19.25
N VAL B 187 -5.00 31.40 18.30
CA VAL B 187 -6.13 32.09 17.61
C VAL B 187 -7.45 31.50 18.09
N ARG B 188 -8.24 32.30 18.81
CA ARG B 188 -9.63 31.98 19.19
C ARG B 188 -10.51 32.72 18.18
N TYR B 189 -11.44 32.01 17.58
CA TYR B 189 -12.35 32.62 16.56
C TYR B 189 -13.34 33.58 17.20
N ARG B 190 -13.80 34.49 16.35
CA ARG B 190 -14.73 35.55 16.76
C ARG B 190 -16.13 35.34 16.18
N ARG B 191 -17.13 35.79 16.94
CA ARG B 191 -18.54 35.83 16.52
C ARG B 191 -18.67 36.82 15.38
N SER B 192 -19.03 36.35 14.20
CA SER B 192 -19.37 37.22 13.06
C SER B 192 -20.84 37.62 13.20
N PRO B 193 -21.14 38.85 13.68
CA PRO B 193 -22.55 39.25 13.88
C PRO B 193 -23.38 39.48 12.60
N SER B 194 -22.70 39.68 11.47
CA SER B 194 -23.31 39.83 10.11
C SER B 194 -24.09 38.59 9.70
N HIS B 195 -23.92 37.49 10.45
CA HIS B 195 -24.63 36.21 10.27
C HIS B 195 -26.13 36.38 10.44
N SER B 196 -26.87 35.45 9.86
CA SER B 196 -28.34 35.38 9.99
C SER B 196 -28.71 34.36 11.07
N ARG B 197 -30.00 34.21 11.34
CA ARG B 197 -30.50 33.12 12.21
C ARG B 197 -30.56 31.82 11.40
N GLU B 198 -29.50 31.55 10.64
CA GLU B 198 -29.43 30.34 9.80
C GLU B 198 -29.41 29.15 10.74
N SER B 199 -30.43 28.30 10.69
CA SER B 199 -30.47 27.13 11.61
C SER B 199 -29.43 26.08 11.23
N LEU B 200 -28.87 25.42 12.25
CA LEU B 200 -27.90 24.36 12.03
C LEU B 200 -28.65 23.06 11.89
N SER B 201 -29.04 22.72 10.66
CA SER B 201 -29.93 21.56 10.39
C SER B 201 -29.22 20.23 10.65
N VAL B 202 -29.12 19.86 11.92
CA VAL B 202 -28.39 18.62 12.32
C VAL B 202 -28.93 17.37 11.65
N ASN B 203 -28.06 16.38 11.43
CA ASN B 203 -28.43 15.05 10.88
C ASN B 203 -27.97 13.96 11.86
N GLY B 204 -27.56 12.81 11.36
CA GLY B 204 -27.08 11.74 12.24
C GLY B 204 -28.20 11.18 13.11
N TYR B 205 -29.42 11.27 12.62
CA TYR B 205 -30.62 10.83 13.38
C TYR B 205 -31.38 9.81 12.55
N GLY B 206 -32.19 9.00 13.25
CA GLY B 206 -33.13 8.07 12.63
C GLY B 206 -34.55 8.48 12.88
N VAL B 207 -35.45 8.03 12.01
CA VAL B 207 -36.90 8.37 12.12
C VAL B 207 -37.70 7.09 12.35
N GLU B 208 -38.14 6.91 13.60
CA GLU B 208 -38.94 5.71 13.93
C GLU B 208 -40.42 6.03 13.72
N LEU B 209 -41.13 5.10 13.07
CA LEU B 209 -42.57 5.17 12.81
C LEU B 209 -43.15 3.85 13.28
N VAL B 210 -43.25 3.70 14.60
CA VAL B 210 -43.75 2.47 15.26
C VAL B 210 -45.23 2.22 14.94
N LEU B 211 -45.67 0.98 15.08
CA LEU B 211 -47.08 0.61 14.82
C LEU B 211 -47.81 0.28 16.12
N LYS B 212 -48.78 1.12 16.46
CA LYS B 212 -49.60 0.95 17.70
C LYS B 212 -50.44 -0.34 17.62
N ARG B 213 -50.95 -0.63 16.42
CA ARG B 213 -51.74 -1.85 16.11
C ARG B 213 -50.87 -2.93 15.50
N THR B 214 -49.72 -3.18 16.14
CA THR B 214 -48.71 -4.15 15.67
C THR B 214 -49.21 -5.58 15.91
N ASP B 215 -50.18 -5.75 16.81
CA ASP B 215 -50.58 -7.09 17.34
C ASP B 215 -51.78 -7.69 16.61
N TYR B 216 -51.92 -7.55 15.29
CA TYR B 216 -52.91 -8.40 14.57
C TYR B 216 -52.20 -9.67 14.11
N ALA B 265 -40.37 -18.13 10.58
CA ALA B 265 -39.94 -18.52 9.22
C ALA B 265 -39.73 -17.29 8.31
N LEU B 266 -40.28 -16.14 8.69
CA LEU B 266 -40.24 -14.90 7.88
C LEU B 266 -38.81 -14.38 7.83
N GLY B 267 -38.11 -14.43 8.96
CA GLY B 267 -36.71 -14.06 9.02
C GLY B 267 -35.77 -15.07 8.40
N MET B 268 -36.31 -15.91 7.51
CA MET B 268 -35.55 -16.85 6.68
C MET B 268 -35.93 -16.69 5.22
N LYS B 269 -37.20 -16.42 4.94
CA LYS B 269 -37.69 -16.16 3.57
C LYS B 269 -37.04 -14.86 3.08
N ALA B 270 -37.06 -13.82 3.90
CA ALA B 270 -36.44 -12.52 3.61
C ALA B 270 -34.92 -12.69 3.63
N ALA B 271 -34.40 -13.51 4.54
CA ALA B 271 -32.94 -13.76 4.63
C ALA B 271 -32.41 -14.34 3.31
N SER B 272 -33.09 -15.35 2.75
CA SER B 272 -32.69 -16.00 1.48
C SER B 272 -33.07 -15.11 0.29
N PHE B 273 -33.86 -14.06 0.49
CA PHE B 273 -34.40 -13.18 -0.57
C PHE B 273 -33.39 -12.12 -0.95
N VAL B 274 -32.40 -11.74 -0.11
CA VAL B 274 -31.40 -10.73 -0.50
C VAL B 274 -30.37 -11.36 -1.42
N MET B 275 -30.07 -12.64 -1.23
CA MET B 275 -29.21 -13.40 -2.15
C MET B 275 -30.05 -14.00 -3.25
N GLN B 276 -31.06 -13.24 -3.67
CA GLN B 276 -31.99 -13.58 -4.75
C GLN B 276 -32.38 -12.33 -5.54
N SER B 277 -32.18 -11.13 -5.01
CA SER B 277 -32.39 -9.88 -5.74
C SER B 277 -31.11 -9.36 -6.40
N GLU B 278 -30.00 -10.10 -6.27
CA GLU B 278 -28.63 -9.90 -6.80
C GLU B 278 -28.08 -8.48 -6.59
N LYS B 279 -28.46 -7.85 -5.51
CA LYS B 279 -27.84 -6.59 -5.08
C LYS B 279 -27.50 -6.80 -3.62
N PRO B 280 -26.24 -7.17 -3.38
CA PRO B 280 -25.81 -7.56 -2.04
C PRO B 280 -25.85 -6.49 -0.95
N PHE B 281 -25.51 -5.21 -1.19
CA PHE B 281 -25.56 -4.21 -0.10
C PHE B 281 -26.62 -3.16 -0.34
N GLU B 282 -26.96 -2.92 -1.59
CA GLU B 282 -28.00 -1.92 -1.88
C GLU B 282 -29.39 -2.46 -1.59
N ALA B 283 -29.66 -3.74 -1.82
CA ALA B 283 -31.00 -4.30 -1.60
C ALA B 283 -31.20 -4.87 -0.20
N LEU B 284 -30.14 -4.99 0.58
CA LEU B 284 -30.24 -5.45 1.97
C LEU B 284 -30.94 -4.39 2.80
N LEU B 285 -30.56 -3.15 2.54
CA LEU B 285 -31.11 -1.95 3.19
C LEU B 285 -32.51 -1.69 2.67
N LYS B 286 -32.79 -1.96 1.41
CA LYS B 286 -34.13 -1.70 0.85
C LYS B 286 -35.25 -2.56 1.44
N LEU B 287 -34.92 -3.38 2.43
CA LEU B 287 -35.86 -4.13 3.25
C LEU B 287 -35.87 -3.59 4.67
N THR B 288 -34.69 -3.24 5.15
CA THR B 288 -34.37 -2.75 6.50
C THR B 288 -35.18 -1.51 6.89
N GLN B 289 -35.61 -0.69 5.93
CA GLN B 289 -36.38 0.55 6.22
C GLN B 289 -37.90 0.29 6.31
N ASP B 290 -38.47 -0.40 5.35
CA ASP B 290 -39.93 -0.66 5.30
C ASP B 290 -40.26 -2.15 5.47
N PHE B 291 -39.65 -2.82 6.42
CA PHE B 291 -39.91 -4.26 6.66
C PHE B 291 -41.36 -4.52 7.10
N PRO B 292 -41.95 -3.70 8.02
CA PRO B 292 -43.32 -3.97 8.48
C PRO B 292 -44.32 -3.96 7.31
N LYS B 293 -44.04 -3.13 6.29
CA LYS B 293 -44.90 -3.10 5.08
C LYS B 293 -44.55 -4.30 4.17
N TYR B 294 -43.27 -4.52 3.87
CA TYR B 294 -42.84 -5.58 2.94
C TYR B 294 -42.73 -6.92 3.65
N SER B 295 -43.88 -7.51 4.00
CA SER B 295 -44.04 -8.83 4.66
C SER B 295 -44.86 -9.73 3.74
N ASN B 296 -45.73 -9.15 2.89
CA ASN B 296 -46.61 -9.92 1.98
C ASN B 296 -45.78 -10.41 0.79
N SER B 297 -44.87 -9.58 0.28
CA SER B 297 -43.96 -9.94 -0.83
C SER B 297 -43.15 -11.20 -0.49
N LEU B 298 -43.03 -11.50 0.80
CA LEU B 298 -42.42 -12.73 1.32
C LEU B 298 -43.40 -13.89 1.21
N GLY B 299 -43.98 -14.01 0.02
CA GLY B 299 -45.02 -14.98 -0.31
C GLY B 299 -45.35 -14.93 -1.80
N SER B 300 -44.37 -14.49 -2.59
CA SER B 300 -44.54 -14.15 -4.02
C SER B 300 -43.18 -14.30 -4.70
N GLN B 301 -43.07 -15.14 -5.75
CA GLN B 301 -41.83 -15.41 -6.54
C GLN B 301 -40.77 -16.08 -5.68
N ASN B 302 -40.84 -17.42 -5.54
CA ASN B 302 -39.89 -18.35 -4.87
C ASN B 302 -39.03 -17.63 -3.81
N VAL B 303 -39.66 -16.86 -2.93
CA VAL B 303 -39.01 -16.05 -1.85
C VAL B 303 -38.24 -17.02 -0.92
N SER B 304 -38.79 -18.20 -0.64
CA SER B 304 -38.15 -19.23 0.21
C SER B 304 -36.86 -19.67 -0.48
N ALA B 305 -36.91 -20.68 -1.37
CA ALA B 305 -35.75 -21.24 -2.13
C ALA B 305 -34.53 -21.38 -1.22
N GLU B 306 -34.55 -22.42 -0.41
CA GLU B 306 -33.55 -22.60 0.66
C GLU B 306 -32.21 -23.08 0.10
N PHE B 307 -31.39 -22.15 -0.34
CA PHE B 307 -30.06 -22.45 -0.87
C PHE B 307 -29.06 -22.21 0.26
N GLU B 308 -29.24 -21.14 1.02
CA GLU B 308 -28.47 -20.86 2.24
C GLU B 308 -28.95 -21.79 3.36
N ALA B 309 -29.41 -22.99 3.03
CA ALA B 309 -29.78 -24.06 4.00
C ALA B 309 -28.51 -24.79 4.40
N GLU B 310 -27.72 -25.23 3.43
CA GLU B 310 -26.43 -25.87 3.76
C GLU B 310 -25.46 -24.89 4.40
N HIS B 311 -25.70 -23.59 4.23
CA HIS B 311 -24.96 -22.50 4.87
C HIS B 311 -25.33 -22.33 6.33
N ARG B 312 -25.79 -23.40 6.98
CA ARG B 312 -26.00 -23.38 8.43
C ARG B 312 -24.87 -24.11 9.11
N GLY B 313 -23.65 -23.72 8.74
CA GLY B 313 -22.45 -24.05 9.47
C GLY B 313 -21.82 -22.79 10.02
N ASN B 314 -22.67 -21.94 10.56
CA ASN B 314 -22.35 -20.56 11.01
C ASN B 314 -22.47 -20.46 12.53
N ARG B 315 -23.64 -20.69 13.11
CA ARG B 315 -23.86 -20.61 14.57
C ARG B 315 -23.08 -21.70 15.30
N GLU B 316 -23.23 -22.97 14.88
CA GLU B 316 -22.58 -24.17 15.49
C GLU B 316 -21.07 -24.21 15.33
N VAL B 317 -20.49 -23.16 14.75
CA VAL B 317 -19.02 -22.97 14.62
C VAL B 317 -18.51 -21.66 15.22
N PHE B 318 -19.20 -20.54 15.02
CA PHE B 318 -18.72 -19.22 15.52
C PHE B 318 -19.67 -18.52 16.51
N LEU B 319 -20.92 -18.14 16.14
CA LEU B 319 -21.78 -17.29 17.02
C LEU B 319 -23.27 -17.66 17.03
N PRO B 320 -23.84 -17.80 18.26
CA PRO B 320 -25.27 -18.04 18.43
C PRO B 320 -26.29 -17.13 17.73
N GLU B 321 -27.55 -17.42 18.00
CA GLU B 321 -28.70 -16.74 17.38
C GLU B 321 -29.10 -15.51 18.19
N GLY B 322 -29.64 -14.53 17.49
CA GLY B 322 -30.19 -13.29 18.06
C GLY B 322 -29.17 -12.30 18.59
N SER B 323 -28.05 -12.16 17.89
CA SER B 323 -27.02 -11.16 18.28
C SER B 323 -26.10 -10.77 17.13
N ASN B 324 -25.60 -9.54 17.22
CA ASN B 324 -24.73 -8.92 16.17
C ASN B 324 -23.45 -8.35 16.79
N VAL B 325 -22.42 -9.17 16.94
CA VAL B 325 -21.13 -8.72 17.52
C VAL B 325 -20.36 -8.06 16.39
N LEU B 326 -20.54 -6.75 16.20
CA LEU B 326 -19.90 -6.06 15.05
C LEU B 326 -18.43 -5.93 15.36
N TRP B 327 -17.62 -6.44 14.43
CA TRP B 327 -16.16 -6.50 14.55
C TRP B 327 -15.56 -5.27 13.93
N LEU B 328 -14.51 -4.73 14.53
CA LEU B 328 -13.78 -3.60 13.93
C LEU B 328 -12.29 -3.89 13.94
N ASN B 329 -11.79 -4.47 12.84
CA ASN B 329 -10.37 -4.81 12.63
C ASN B 329 -9.83 -5.84 13.61
N GLY B 330 -10.65 -6.31 14.56
CA GLY B 330 -10.16 -7.23 15.59
C GLY B 330 -10.91 -7.07 16.90
N LEU B 331 -11.39 -5.86 17.17
CA LEU B 331 -12.09 -5.56 18.45
C LEU B 331 -13.60 -5.62 18.35
N HIS B 332 -14.20 -5.89 19.49
CA HIS B 332 -15.67 -6.03 19.67
C HIS B 332 -16.32 -4.67 19.95
N LEU B 333 -17.47 -4.42 19.35
CA LEU B 333 -18.21 -3.18 19.59
C LEU B 333 -19.57 -3.42 20.26
N ILE B 334 -20.12 -2.36 20.85
CA ILE B 334 -21.47 -2.38 21.50
C ILE B 334 -22.38 -1.33 20.89
N ASP B 335 -23.58 -1.16 21.44
CA ASP B 335 -24.59 -0.21 20.90
C ASP B 335 -24.11 1.24 21.03
N ARG B 336 -23.63 1.61 22.21
CA ARG B 336 -23.17 2.97 22.51
C ARG B 336 -21.95 3.32 21.66
N GLN B 337 -21.33 2.34 21.01
CA GLN B 337 -20.19 2.50 20.07
C GLN B 337 -20.64 2.47 18.60
N ILE B 338 -21.64 1.67 18.20
CA ILE B 338 -22.10 1.62 16.78
C ILE B 338 -23.32 2.52 16.50
N GLN B 339 -23.05 3.71 15.98
CA GLN B 339 -24.06 4.76 15.63
C GLN B 339 -23.41 5.81 14.74
N PRO B 340 -24.03 6.99 14.48
CA PRO B 340 -23.38 7.99 13.63
C PRO B 340 -22.23 8.79 14.26
N PHE B 341 -22.56 9.77 15.10
CA PHE B 341 -21.58 10.69 15.70
C PHE B 341 -20.63 9.98 16.65
N GLY B 342 -21.03 8.85 17.20
CA GLY B 342 -20.21 8.13 18.16
C GLY B 342 -19.39 7.07 17.48
N LEU B 343 -19.21 7.14 16.15
CA LEU B 343 -18.41 6.11 15.48
C LEU B 343 -17.21 6.70 14.73
N VAL B 344 -17.39 7.79 14.00
CA VAL B 344 -16.28 8.48 13.30
C VAL B 344 -15.29 9.06 14.30
N ASP B 345 -15.72 9.36 15.51
CA ASP B 345 -14.82 9.78 16.60
C ASP B 345 -13.92 8.64 17.04
N LEU B 346 -13.89 7.51 16.31
CA LEU B 346 -13.14 6.28 16.58
C LEU B 346 -12.56 5.66 15.31
N LEU B 347 -12.90 6.20 14.13
CA LEU B 347 -12.39 5.63 12.86
C LEU B 347 -11.07 6.26 12.44
N THR B 348 -10.56 7.25 13.16
CA THR B 348 -9.33 7.96 12.77
C THR B 348 -8.10 7.49 13.54
N ARG B 349 -8.23 7.09 14.80
CA ARG B 349 -7.09 6.61 15.61
C ARG B 349 -6.63 5.25 15.11
N GLU B 350 -7.54 4.42 14.59
CA GLU B 350 -7.23 3.15 13.93
C GLU B 350 -6.48 3.37 12.61
N ARG B 351 -6.94 4.34 11.81
CA ARG B 351 -6.31 4.79 10.56
C ARG B 351 -4.83 5.13 10.83
N LYS B 352 -4.59 5.88 11.90
CA LYS B 352 -3.24 6.36 12.29
C LYS B 352 -2.36 5.17 12.66
N LEU B 353 -2.94 4.22 13.40
CA LEU B 353 -2.32 2.99 13.91
C LEU B 353 -1.87 2.11 12.74
N ILE B 354 -2.76 1.87 11.79
CA ILE B 354 -2.50 0.92 10.65
C ILE B 354 -1.33 1.42 9.76
N LYS B 355 -1.43 2.62 9.23
CA LYS B 355 -0.44 3.16 8.27
C LYS B 355 0.91 3.30 8.93
N SER B 356 0.94 3.38 10.25
CA SER B 356 2.17 3.44 11.07
C SER B 356 3.14 2.33 10.66
N VAL B 357 2.64 1.22 10.16
CA VAL B 357 3.46 0.06 9.82
C VAL B 357 3.45 -0.22 8.33
N LEU B 358 2.46 0.28 7.57
CA LEU B 358 2.55 0.10 6.10
C LEU B 358 3.73 0.90 5.52
N ASP B 359 4.32 1.78 6.32
CA ASP B 359 5.60 2.46 5.99
C ASP B 359 6.79 1.55 6.33
N LEU B 360 6.69 0.88 7.47
CA LEU B 360 7.73 -0.09 7.91
C LEU B 360 7.85 -1.23 6.89
N GLY B 361 6.71 -1.64 6.33
CA GLY B 361 6.68 -2.51 5.15
C GLY B 361 5.63 -3.59 5.20
N LEU B 362 4.39 -3.23 5.55
CA LEU B 362 3.28 -4.21 5.61
C LEU B 362 2.00 -3.68 4.93
N THR B 363 0.94 -4.49 4.94
CA THR B 363 -0.36 -4.20 4.28
C THR B 363 -1.53 -4.29 5.27
N GLY B 364 -2.70 -3.86 4.81
CA GLY B 364 -3.89 -3.76 5.66
C GLY B 364 -4.42 -5.14 5.99
N GLN B 365 -4.30 -6.10 5.07
CA GLN B 365 -4.64 -7.52 5.39
C GLN B 365 -3.61 -8.07 6.38
N GLN B 366 -2.32 -7.82 6.16
CA GLN B 366 -1.24 -8.32 7.04
C GLN B 366 -1.10 -7.47 8.31
N ALA B 367 -2.10 -6.65 8.63
CA ALA B 367 -2.17 -5.81 9.83
C ALA B 367 -3.39 -6.23 10.66
N VAL B 368 -4.50 -6.57 10.00
CA VAL B 368 -5.71 -7.13 10.69
C VAL B 368 -5.40 -8.52 11.25
N ASP B 369 -4.66 -9.35 10.53
CA ASP B 369 -4.24 -10.68 11.00
C ASP B 369 -3.07 -10.60 11.96
N LEU B 370 -2.44 -9.42 12.08
CA LEU B 370 -1.29 -9.14 12.97
C LEU B 370 -1.82 -8.55 14.28
N LEU B 371 -2.85 -7.71 14.22
CA LEU B 371 -3.49 -7.14 15.43
C LEU B 371 -4.47 -8.14 16.05
N GLY B 372 -5.30 -8.75 15.21
CA GLY B 372 -6.22 -9.80 15.63
C GLY B 372 -5.48 -11.12 15.66
N HIS B 373 -4.45 -11.21 16.51
CA HIS B 373 -3.50 -12.33 16.59
C HIS B 373 -3.59 -13.02 17.96
N ALA B 374 -3.02 -14.20 18.02
CA ALA B 374 -2.88 -15.02 19.26
C ALA B 374 -1.98 -14.32 20.27
N GLU B 375 -0.91 -13.66 19.82
CA GLU B 375 0.04 -12.98 20.72
C GLU B 375 -0.52 -11.63 21.19
N VAL B 376 -1.53 -11.05 20.54
CA VAL B 376 -2.09 -9.74 21.00
C VAL B 376 -3.08 -9.99 22.15
N ALA B 377 -3.50 -11.21 22.41
CA ALA B 377 -4.28 -11.60 23.62
C ALA B 377 -3.33 -11.74 24.80
N HIS B 378 -2.37 -10.80 24.87
CA HIS B 378 -1.36 -10.60 25.92
C HIS B 378 -1.21 -9.10 26.18
N ALA B 379 -1.66 -8.24 25.27
CA ALA B 379 -1.78 -6.78 25.47
C ALA B 379 -2.67 -6.46 26.66
N LYS B 380 -3.67 -7.32 26.91
CA LYS B 380 -4.56 -7.23 28.07
C LYS B 380 -4.34 -8.37 29.06
N SER B 381 -4.17 -9.60 28.59
CA SER B 381 -3.93 -10.76 29.47
C SER B 381 -2.46 -10.85 29.88
N GLY B 382 -2.00 -9.97 30.76
CA GLY B 382 -0.58 -9.93 31.16
C GLY B 382 -0.26 -8.92 32.23
N ASP B 383 -0.70 -7.69 32.07
CA ASP B 383 -0.47 -6.64 33.08
C ASP B 383 -1.26 -6.85 34.35
N ASP B 384 -2.44 -7.46 34.22
CA ASP B 384 -3.31 -7.70 35.38
C ASP B 384 -2.65 -8.81 36.23
N GLU B 385 -2.03 -9.79 35.59
CA GLU B 385 -1.22 -10.85 36.26
C GLU B 385 0.09 -10.24 36.76
N PRO B 386 0.29 -10.07 38.10
CA PRO B 386 1.38 -9.26 38.60
C PRO B 386 2.72 -9.98 38.81
N ARG B 387 3.74 -9.19 39.13
CA ARG B 387 5.10 -9.66 39.47
C ARG B 387 5.16 -9.96 40.96
N ARG B 388 6.13 -10.79 41.29
CA ARG B 388 6.43 -11.14 42.68
C ARG B 388 7.12 -9.98 43.37
N PHE B 389 6.87 -9.79 44.66
CA PHE B 389 7.47 -8.68 45.44
C PHE B 389 8.07 -9.16 46.76
N ASP B 390 8.93 -8.33 47.35
CA ASP B 390 9.59 -8.63 48.65
C ASP B 390 9.07 -7.74 49.77
N TRP B 391 8.63 -8.39 50.86
CA TRP B 391 8.07 -7.73 52.06
C TRP B 391 8.86 -8.03 53.31
N ARG B 392 9.96 -8.75 53.18
CA ARG B 392 10.74 -9.15 54.35
C ARG B 392 11.24 -7.92 55.11
N ASP B 393 11.05 -7.94 56.42
CA ASP B 393 11.31 -6.79 57.32
C ASP B 393 12.81 -6.68 57.55
N ASP B 394 13.61 -7.70 57.24
CA ASP B 394 15.04 -7.77 57.58
C ASP B 394 15.88 -6.81 56.75
N ILE B 395 15.28 -6.04 55.85
CA ILE B 395 15.89 -4.92 55.09
C ILE B 395 15.79 -3.62 55.90
N GLU B 396 14.69 -3.43 56.64
CA GLU B 396 14.53 -2.34 57.66
C GLU B 396 15.37 -2.69 58.89
N GLU B 397 15.22 -3.97 59.29
CA GLU B 397 15.95 -4.69 60.37
C GLU B 397 14.97 -5.42 61.35
N GLY B 398 13.98 -6.11 60.80
CA GLY B 398 12.99 -6.88 61.58
C GLY B 398 11.99 -6.07 62.36
N GLN B 399 11.98 -4.75 62.20
CA GLN B 399 11.14 -3.84 63.01
C GLN B 399 10.12 -3.11 62.14
N VAL B 400 8.95 -3.73 61.88
CA VAL B 400 7.81 -3.05 61.22
C VAL B 400 6.53 -3.89 61.27
N ILE B 401 6.46 -5.05 60.61
CA ILE B 401 5.23 -5.88 60.60
C ILE B 401 5.05 -6.46 61.99
N ILE B 402 3.81 -6.49 62.43
CA ILE B 402 3.44 -7.04 63.75
C ILE B 402 2.40 -8.11 63.51
N TRP B 403 2.62 -9.30 64.10
CA TRP B 403 1.98 -10.59 63.74
C TRP B 403 0.94 -11.05 64.76
N LEU B 404 -0.17 -11.57 64.26
CA LEU B 404 -1.23 -12.21 65.08
C LEU B 404 -1.00 -13.72 65.01
N ASN B 405 -0.95 -14.25 63.80
CA ASN B 405 -0.62 -15.67 63.57
C ASN B 405 0.87 -15.87 63.69
N ASN B 406 1.24 -17.03 64.21
CA ASN B 406 2.64 -17.42 64.33
C ASN B 406 2.65 -18.93 64.12
N LEU B 407 2.12 -19.36 62.97
CA LEU B 407 1.74 -20.76 62.61
C LEU B 407 2.64 -21.86 63.21
N GLU B 408 3.98 -21.76 63.08
CA GLU B 408 4.94 -22.78 63.57
C GLU B 408 5.02 -22.87 65.10
N LYS B 409 5.25 -21.72 65.72
CA LYS B 409 5.39 -21.59 67.18
C LYS B 409 4.12 -20.93 67.72
N ASP B 410 3.05 -21.70 67.87
CA ASP B 410 1.73 -21.03 68.18
C ASP B 410 1.07 -21.62 69.43
N LYS B 411 1.41 -22.85 69.79
CA LYS B 411 0.76 -23.57 70.90
C LYS B 411 -0.74 -23.64 70.72
N ARG B 412 -1.23 -23.47 69.49
CA ARG B 412 -2.65 -23.67 69.13
C ARG B 412 -2.82 -24.46 67.83
N TYR B 413 -1.72 -24.79 67.14
CA TYR B 413 -1.74 -25.49 65.86
C TYR B 413 -0.99 -26.82 65.97
N LYS B 414 -0.46 -27.17 67.14
CA LYS B 414 0.33 -28.39 67.39
C LYS B 414 -0.35 -29.64 66.84
N SER B 415 -1.67 -29.62 66.73
CA SER B 415 -2.51 -30.72 66.24
C SER B 415 -2.09 -31.18 64.85
N PHE B 416 -1.34 -30.37 64.11
CA PHE B 416 -0.79 -30.74 62.78
C PHE B 416 0.71 -31.03 62.81
N SER B 417 1.13 -31.82 61.83
CA SER B 417 2.53 -32.24 61.64
C SER B 417 3.32 -31.10 61.01
N PRO B 418 4.53 -30.86 61.55
CA PRO B 418 5.39 -29.81 60.99
C PRO B 418 6.18 -30.10 59.70
N SER B 419 5.88 -31.19 59.02
CA SER B 419 6.54 -31.57 57.75
C SER B 419 5.86 -30.93 56.56
N ILE B 420 6.68 -30.72 55.55
CA ILE B 420 6.28 -30.09 54.27
C ILE B 420 5.30 -30.96 53.50
N TRP B 421 5.45 -32.28 53.55
CA TRP B 421 4.69 -33.19 52.65
C TRP B 421 3.21 -33.18 52.96
N VAL B 422 2.77 -32.54 54.04
CA VAL B 422 1.36 -32.47 54.44
C VAL B 422 0.55 -31.84 53.33
N LEU B 423 1.03 -30.73 52.80
CA LEU B 423 0.33 -30.01 51.73
C LEU B 423 0.48 -30.72 50.42
N ILE B 424 1.64 -31.34 50.17
CA ILE B 424 1.90 -32.03 48.89
C ILE B 424 0.76 -33.00 48.56
N HIS B 425 0.32 -33.75 49.59
CA HIS B 425 -0.83 -34.67 49.48
C HIS B 425 -1.97 -34.08 50.30
N HIS B 426 -2.81 -33.31 49.66
CA HIS B 426 -3.93 -32.62 50.31
C HIS B 426 -5.12 -32.62 49.37
N PHE B 427 -6.31 -32.80 49.95
CA PHE B 427 -7.56 -32.94 49.19
C PHE B 427 -8.70 -32.18 49.87
N GLY B 428 -9.46 -31.54 49.01
CA GLY B 428 -10.69 -30.79 49.36
C GLY B 428 -10.72 -29.38 48.81
N HIS B 429 -11.92 -28.82 48.66
CA HIS B 429 -12.12 -27.41 48.21
C HIS B 429 -11.55 -26.43 49.25
N GLY B 430 -11.55 -26.85 50.52
CA GLY B 430 -10.97 -26.07 51.62
C GLY B 430 -9.47 -26.07 51.62
N LEU B 431 -8.91 -25.70 52.76
CA LEU B 431 -7.47 -25.37 52.90
C LEU B 431 -6.65 -26.49 53.59
N PRO B 432 -5.39 -26.68 53.16
CA PRO B 432 -4.52 -27.68 53.79
C PRO B 432 -4.07 -27.26 55.19
N GLN B 433 -4.68 -27.89 56.16
CA GLN B 433 -4.33 -27.64 57.58
C GLN B 433 -2.88 -28.06 57.83
N ILE B 434 -2.06 -27.17 58.36
CA ILE B 434 -0.65 -27.49 58.65
C ILE B 434 -0.10 -26.51 59.66
N ARG B 435 0.98 -26.93 60.30
CA ARG B 435 1.70 -26.16 61.36
C ARG B 435 2.93 -25.41 60.80
N ARG B 436 2.95 -24.98 59.54
CA ARG B 436 4.15 -24.35 58.94
C ARG B 436 3.73 -23.15 58.09
N ASP B 437 4.60 -22.15 58.05
CA ASP B 437 4.32 -20.85 57.42
C ASP B 437 4.60 -21.02 55.96
N VAL B 438 3.54 -20.83 55.17
CA VAL B 438 3.61 -20.88 53.69
C VAL B 438 3.07 -19.58 53.04
N PHE B 439 2.00 -19.05 53.63
CA PHE B 439 1.27 -17.88 53.10
C PHE B 439 1.41 -16.76 54.11
N ASN B 440 1.59 -15.56 53.58
CA ASN B 440 1.70 -14.36 54.43
C ASN B 440 0.81 -13.26 53.89
N LEU B 441 0.20 -12.52 54.81
CA LEU B 441 -0.59 -11.33 54.40
C LEU B 441 -0.22 -10.15 55.29
N VAL B 442 -0.08 -8.97 54.69
CA VAL B 442 0.28 -7.74 55.44
C VAL B 442 -0.79 -6.71 55.10
N VAL B 443 -1.45 -6.16 56.09
CA VAL B 443 -2.53 -5.18 55.83
C VAL B 443 -2.22 -3.86 56.52
N PRO B 444 -2.02 -2.72 55.82
CA PRO B 444 -1.88 -1.41 56.49
C PRO B 444 -3.15 -0.89 57.18
N VAL B 445 -2.97 -0.19 58.30
CA VAL B 445 -4.11 0.30 59.14
C VAL B 445 -3.99 1.78 59.49
N ASP B 446 -4.97 2.63 59.08
CA ASP B 446 -5.04 4.06 59.48
C ASP B 446 -5.71 4.08 60.86
N LEU B 447 -4.93 4.30 61.91
CA LEU B 447 -5.42 4.17 63.31
C LEU B 447 -6.43 5.26 63.75
N THR B 448 -6.48 6.42 63.08
CA THR B 448 -7.38 7.53 63.45
C THR B 448 -8.80 7.21 62.93
N LYS B 449 -8.91 6.75 61.69
CA LYS B 449 -10.20 6.41 61.07
C LYS B 449 -10.58 5.04 61.59
N ALA B 450 -11.87 4.78 61.71
CA ALA B 450 -12.41 3.50 62.24
C ALA B 450 -12.59 2.40 61.17
N ASP B 451 -12.51 2.75 59.89
CA ASP B 451 -12.76 1.78 58.80
C ASP B 451 -11.60 0.77 58.68
N ASP B 452 -10.37 1.24 58.76
CA ASP B 452 -9.17 0.38 58.66
C ASP B 452 -8.85 -0.33 59.97
N VAL B 453 -9.10 0.30 61.12
CA VAL B 453 -8.84 -0.31 62.45
C VAL B 453 -9.78 -1.49 62.62
N LYS B 454 -11.05 -1.32 62.26
CA LYS B 454 -12.12 -2.34 62.28
C LYS B 454 -11.65 -3.66 61.67
N ILE B 455 -10.72 -3.65 60.75
CA ILE B 455 -10.22 -4.83 60.01
C ILE B 455 -9.36 -5.73 60.87
N VAL B 456 -8.40 -5.17 61.62
CA VAL B 456 -7.61 -6.01 62.55
C VAL B 456 -8.52 -6.48 63.69
N VAL B 457 -9.20 -5.50 64.28
CA VAL B 457 -10.18 -5.66 65.35
C VAL B 457 -11.16 -6.78 65.06
N GLU B 458 -11.52 -6.97 63.80
CA GLU B 458 -12.49 -8.02 63.42
C GLU B 458 -11.98 -8.97 62.33
N GLY B 459 -11.96 -8.49 61.10
CA GLY B 459 -11.46 -9.19 59.91
C GLY B 459 -10.32 -10.15 60.15
N LEU B 460 -9.19 -9.67 60.63
CA LEU B 460 -8.01 -10.53 60.87
C LEU B 460 -8.25 -11.50 62.05
N LEU B 461 -8.70 -10.98 63.18
CA LEU B 461 -8.90 -11.82 64.40
C LEU B 461 -9.99 -12.86 64.21
N SER B 462 -10.70 -12.86 63.09
CA SER B 462 -11.72 -13.85 62.74
C SER B 462 -11.03 -14.98 62.04
N PHE B 463 -10.13 -14.69 61.11
CA PHE B 463 -9.38 -15.73 60.38
C PHE B 463 -8.43 -16.48 61.31
N VAL B 464 -7.86 -15.79 62.29
CA VAL B 464 -6.99 -16.40 63.31
C VAL B 464 -7.82 -17.30 64.20
N LYS B 465 -8.99 -16.83 64.65
CA LYS B 465 -9.97 -17.56 65.48
C LYS B 465 -10.56 -18.76 64.76
N ARG B 466 -10.66 -18.71 63.43
CA ARG B 466 -11.21 -19.78 62.56
C ARG B 466 -10.16 -20.69 61.92
N LEU B 467 -9.01 -20.88 62.56
CA LEU B 467 -7.93 -21.81 62.15
C LEU B 467 -7.63 -21.83 60.65
N ILE B 468 -7.21 -20.70 60.09
CA ILE B 468 -6.77 -20.66 58.67
C ILE B 468 -5.26 -20.89 58.65
N PRO B 469 -4.70 -21.84 57.84
CA PRO B 469 -3.25 -22.07 57.80
C PRO B 469 -2.49 -21.01 56.97
N VAL B 470 -2.88 -19.78 57.17
CA VAL B 470 -2.26 -18.56 56.57
C VAL B 470 -1.83 -17.63 57.70
N ARG B 471 -0.65 -17.03 57.59
CA ARG B 471 -0.20 -16.03 58.61
C ARG B 471 -0.66 -14.63 58.24
N PHE B 472 -1.53 -14.05 59.06
CA PHE B 472 -2.06 -12.68 58.88
C PHE B 472 -1.28 -11.71 59.76
N GLY B 473 -0.85 -10.58 59.22
CA GLY B 473 -0.34 -9.49 60.04
C GLY B 473 -0.54 -8.10 59.45
N PHE B 474 0.11 -7.12 60.03
CA PHE B 474 -0.14 -5.72 59.63
C PHE B 474 0.91 -4.78 60.17
N VAL B 475 0.88 -3.56 59.64
CA VAL B 475 1.80 -2.43 59.97
C VAL B 475 0.96 -1.27 60.47
N PRO B 476 1.36 -0.64 61.58
CA PRO B 476 0.66 0.56 62.03
C PRO B 476 1.06 1.77 61.18
N LEU B 477 0.18 2.14 60.28
CA LEU B 477 0.37 3.25 59.34
C LEU B 477 0.74 4.51 60.11
N THR B 478 1.58 5.32 59.50
CA THR B 478 2.11 6.52 60.15
C THR B 478 2.03 7.71 59.22
N PRO B 479 0.84 8.07 58.69
CA PRO B 479 0.73 9.17 57.73
C PRO B 479 0.08 10.48 58.21
N THR B 480 -1.23 10.52 58.32
CA THR B 480 -2.00 11.71 58.76
C THR B 480 -1.94 11.88 60.27
N GLY B 481 -1.01 12.72 60.72
CA GLY B 481 -0.85 13.15 62.11
C GLY B 481 -1.06 12.13 63.24
N GLN B 482 -2.30 12.05 63.72
CA GLN B 482 -2.72 11.31 64.93
C GLN B 482 -2.44 9.81 64.88
N ALA B 483 -2.53 9.14 63.74
CA ALA B 483 -2.27 7.69 63.63
C ALA B 483 -0.80 7.34 63.97
N ILE B 484 0.09 8.33 63.93
CA ILE B 484 1.51 8.19 64.35
C ILE B 484 1.53 8.15 65.88
N ASP B 485 0.87 9.11 66.50
CA ASP B 485 0.78 9.22 67.98
C ASP B 485 0.08 8.02 68.60
N GLN B 486 -0.69 7.26 67.82
CA GLN B 486 -1.45 6.07 68.27
C GLN B 486 -0.84 4.75 67.83
N ALA B 487 0.36 4.78 67.27
CA ALA B 487 1.13 3.66 66.78
C ALA B 487 2.19 3.25 67.84
N LYS B 488 2.67 4.20 68.63
CA LYS B 488 3.73 4.00 69.65
C LYS B 488 3.18 3.12 70.78
N VAL B 489 1.91 3.35 71.16
CA VAL B 489 1.20 2.58 72.22
C VAL B 489 1.09 1.14 71.75
N VAL B 490 0.88 0.90 70.47
CA VAL B 490 0.83 -0.47 69.90
C VAL B 490 2.18 -1.19 70.08
N TYR B 491 3.30 -0.51 69.84
CA TYR B 491 4.65 -1.10 70.01
C TYR B 491 5.07 -1.21 71.48
N TYR B 492 4.64 -0.24 72.29
CA TYR B 492 4.90 -0.21 73.75
C TYR B 492 4.27 -1.45 74.38
N LEU B 493 3.01 -1.70 74.04
CA LEU B 493 2.23 -2.85 74.55
C LEU B 493 2.72 -4.21 74.05
N LEU B 494 3.25 -4.34 72.84
CA LEU B 494 3.63 -5.67 72.33
C LEU B 494 5.05 -6.02 72.76
N GLU B 495 6.00 -5.08 72.70
CA GLU B 495 7.42 -5.43 73.06
C GLU B 495 7.53 -5.54 74.58
N ASN B 496 6.92 -4.59 75.28
CA ASN B 496 7.05 -4.45 76.75
C ASN B 496 5.98 -5.20 77.56
N TYR B 497 4.92 -5.76 76.95
CA TYR B 497 3.86 -6.44 77.74
C TYR B 497 3.40 -7.76 77.10
N GLY B 498 3.38 -7.84 75.77
CA GLY B 498 2.93 -9.07 75.09
C GLY B 498 1.81 -8.79 74.08
N LEU B 499 1.50 -9.79 73.25
CA LEU B 499 0.55 -9.65 72.13
C LEU B 499 -0.82 -9.31 72.71
N ALA B 500 -1.18 -9.88 73.86
CA ALA B 500 -2.49 -9.62 74.50
C ALA B 500 -2.83 -8.12 74.58
N ALA B 501 -2.01 -7.35 75.28
CA ALA B 501 -2.28 -5.94 75.63
C ALA B 501 -2.48 -5.07 74.39
N ALA B 502 -1.63 -5.18 73.36
CA ALA B 502 -1.66 -4.31 72.18
C ALA B 502 -2.97 -4.52 71.45
N THR B 503 -3.31 -5.79 71.18
CA THR B 503 -4.55 -6.15 70.52
C THR B 503 -5.72 -5.76 71.41
N ALA B 504 -5.57 -5.93 72.71
CA ALA B 504 -6.63 -5.64 73.66
C ALA B 504 -7.04 -4.17 73.54
N TYR B 505 -6.06 -3.27 73.57
CA TYR B 505 -6.31 -1.82 73.47
C TYR B 505 -7.04 -1.51 72.17
N LEU B 506 -6.58 -2.13 71.09
CA LEU B 506 -7.13 -1.94 69.73
C LEU B 506 -8.62 -2.26 69.74
N GLU B 507 -8.98 -3.48 70.16
CA GLU B 507 -10.40 -3.91 70.32
C GLU B 507 -11.08 -2.95 71.30
N LYS B 508 -10.57 -2.85 72.53
CA LYS B 508 -11.22 -2.10 73.63
C LYS B 508 -11.27 -0.60 73.31
N SER B 509 -10.38 -0.12 72.43
CA SER B 509 -10.46 1.26 71.89
C SER B 509 -11.68 1.36 70.97
N TYR B 510 -11.82 0.40 70.04
CA TYR B 510 -12.93 0.37 69.05
C TYR B 510 -14.26 0.15 69.78
N GLU B 511 -14.33 -0.79 70.72
CA GLU B 511 -15.60 -1.21 71.38
C GLU B 511 -16.15 -0.04 72.20
N GLU B 512 -15.30 0.61 73.01
CA GLU B 512 -15.72 1.70 73.92
C GLU B 512 -16.11 2.94 73.08
N GLN B 513 -15.14 3.60 72.46
CA GLN B 513 -15.32 4.90 71.74
C GLN B 513 -14.75 4.80 70.32
N SER B 514 -13.42 4.69 70.22
CA SER B 514 -12.60 4.81 68.98
C SER B 514 -11.73 6.07 69.09
N THR B 515 -10.65 5.99 69.88
CA THR B 515 -9.81 7.13 70.32
C THR B 515 -9.21 7.82 69.10
N GLY B 516 -9.70 9.02 68.77
CA GLY B 516 -9.05 9.92 67.80
C GLY B 516 -7.62 10.20 68.22
N GLN B 517 -7.46 10.90 69.35
CA GLN B 517 -6.16 11.12 70.04
C GLN B 517 -5.98 10.00 71.07
N PRO B 518 -4.83 9.29 71.11
CA PRO B 518 -4.63 8.16 72.02
C PRO B 518 -5.07 8.48 73.45
N ASN B 519 -5.95 7.65 74.01
CA ASN B 519 -6.55 7.84 75.36
C ASN B 519 -5.66 7.12 76.40
N GLU B 520 -5.48 7.76 77.56
CA GLU B 520 -4.51 7.35 78.62
C GLU B 520 -5.23 6.54 79.70
N ARG B 521 -6.40 7.01 80.15
CA ARG B 521 -7.18 6.40 81.26
C ARG B 521 -7.71 5.02 80.81
N ILE B 522 -8.06 4.87 79.53
CA ILE B 522 -8.43 3.57 78.94
C ILE B 522 -7.16 2.74 78.73
N PHE B 523 -6.00 3.39 78.66
CA PHE B 523 -4.66 2.74 78.56
C PHE B 523 -4.20 2.25 79.93
N ASN B 524 -4.54 2.96 81.01
CA ASN B 524 -4.24 2.55 82.42
C ASN B 524 -4.97 1.25 82.74
N GLU B 525 -6.20 1.11 82.24
CA GLU B 525 -7.02 -0.13 82.34
C GLU B 525 -6.20 -1.28 81.75
N VAL B 526 -5.85 -1.16 80.45
CA VAL B 526 -5.09 -2.19 79.68
C VAL B 526 -3.80 -2.54 80.44
N ILE B 527 -3.16 -1.55 81.10
CA ILE B 527 -1.93 -1.77 81.90
C ILE B 527 -2.27 -2.60 83.15
N LYS B 528 -3.26 -2.16 83.93
CA LYS B 528 -3.59 -2.77 85.25
C LYS B 528 -4.47 -4.01 85.05
N ASP B 529 -4.63 -4.49 83.81
CA ASP B 529 -5.38 -5.74 83.50
C ASP B 529 -4.40 -6.80 82.98
N LYS B 530 -3.39 -6.42 82.19
CA LYS B 530 -2.30 -7.31 81.72
C LYS B 530 -0.96 -6.58 81.88
N SER B 531 -0.46 -6.49 83.12
CA SER B 531 0.85 -5.89 83.51
C SER B 531 1.88 -6.99 83.82
N LEU B 532 1.46 -8.26 83.80
CA LEU B 532 2.31 -9.46 84.00
C LEU B 532 3.00 -9.82 82.68
N ARG B 533 4.14 -10.52 82.75
CA ARG B 533 4.90 -11.13 81.62
C ARG B 533 5.56 -10.07 80.74
N PRO B 534 6.16 -9.00 81.31
CA PRO B 534 6.83 -7.99 80.49
C PRO B 534 8.19 -8.52 79.99
N ASP B 535 8.23 -9.04 78.76
CA ASP B 535 9.42 -9.71 78.17
C ASP B 535 10.22 -8.70 77.33
N GLY B 536 11.53 -8.93 77.18
CA GLY B 536 12.46 -8.07 76.44
C GLY B 536 12.89 -6.88 77.29
N VAL B 537 12.09 -5.81 77.29
CA VAL B 537 12.29 -4.56 78.09
C VAL B 537 11.04 -4.36 78.98
N GLU B 538 11.22 -3.79 80.19
CA GLU B 538 10.14 -3.58 81.20
C GLU B 538 9.63 -2.13 81.14
N LEU B 539 8.59 -1.82 81.93
CA LEU B 539 7.68 -0.64 81.88
C LEU B 539 8.38 0.70 81.60
N SER B 540 7.60 1.68 81.11
CA SER B 540 7.95 3.11 80.93
C SER B 540 6.80 4.01 81.44
N PHE B 541 5.57 3.76 80.96
CA PHE B 541 4.26 4.26 81.48
C PHE B 541 3.88 5.63 80.89
N LYS B 542 2.60 5.75 80.50
CA LYS B 542 1.84 6.99 80.15
C LYS B 542 2.52 7.81 79.03
N ASP B 543 3.61 8.53 79.31
CA ASP B 543 4.28 9.41 78.31
C ASP B 543 5.32 8.60 77.52
N ILE B 544 4.93 8.11 76.34
CA ILE B 544 5.83 7.42 75.38
C ILE B 544 6.42 8.49 74.46
N PHE B 545 7.74 8.59 74.44
CA PHE B 545 8.53 9.57 73.66
C PHE B 545 10.03 9.29 73.87
N ILE B 546 10.40 8.02 73.83
CA ILE B 546 11.78 7.49 74.14
C ILE B 546 12.59 7.26 72.85
N SER B 547 13.71 6.53 72.94
CA SER B 547 14.62 6.26 71.80
C SER B 547 14.27 4.99 71.02
N GLU B 548 13.20 4.26 71.36
CA GLU B 548 12.84 2.99 70.67
C GLU B 548 11.34 2.88 70.37
N LYS B 549 10.49 2.78 71.39
CA LYS B 549 9.02 2.70 71.22
C LYS B 549 8.51 3.84 70.35
N HIS B 550 9.15 4.99 70.51
CA HIS B 550 8.85 6.22 69.75
C HIS B 550 9.63 6.22 68.44
N GLU B 551 10.94 6.15 68.59
CA GLU B 551 11.86 6.25 67.44
C GLU B 551 11.87 5.05 66.47
N LYS B 552 12.82 4.13 66.59
CA LYS B 552 13.13 3.04 65.63
C LYS B 552 11.92 2.51 64.87
N GLN B 553 10.88 2.09 65.60
CA GLN B 553 9.69 1.42 65.09
C GLN B 553 8.84 2.33 64.20
N ILE B 554 8.65 3.59 64.54
CA ILE B 554 7.83 4.52 63.72
C ILE B 554 8.62 4.93 62.49
N HIS B 555 9.90 5.16 62.62
CA HIS B 555 10.70 5.55 61.42
C HIS B 555 10.67 4.41 60.38
N LEU B 556 10.92 3.20 60.85
CA LEU B 556 10.97 1.99 59.97
C LEU B 556 9.56 1.56 59.59
N SER B 557 8.52 1.98 60.30
CA SER B 557 7.11 1.82 59.87
C SER B 557 6.89 2.58 58.56
N LYS B 558 7.48 3.77 58.41
CA LYS B 558 7.36 4.57 57.17
C LYS B 558 8.35 4.05 56.15
N HIS B 559 9.52 3.54 56.55
CA HIS B 559 10.51 3.00 55.59
C HIS B 559 9.95 1.87 54.73
N TRP B 560 9.21 0.96 55.36
CA TRP B 560 8.67 -0.27 54.73
C TRP B 560 7.47 0.00 53.84
N VAL B 561 6.56 0.90 54.24
CA VAL B 561 5.36 1.29 53.46
C VAL B 561 5.78 2.06 52.21
N GLU B 562 6.79 2.90 52.28
CA GLU B 562 7.35 3.66 51.15
C GLU B 562 8.08 2.75 50.19
N ARG B 563 8.73 1.69 50.64
CA ARG B 563 9.44 0.70 49.81
C ARG B 563 8.46 -0.09 48.95
N LEU B 564 7.16 -0.11 49.30
CA LEU B 564 6.14 -0.89 48.56
C LEU B 564 4.87 -0.07 48.29
N ARG B 565 5.00 1.26 48.29
CA ARG B 565 3.94 2.27 48.13
C ARG B 565 2.53 1.77 48.43
N ALA B 566 2.07 1.98 49.66
CA ALA B 566 0.69 1.62 50.05
C ALA B 566 -0.07 2.85 50.50
N GLY B 567 0.58 3.68 51.32
CA GLY B 567 -0.03 4.91 51.86
C GLY B 567 -0.36 5.91 50.78
N GLY B 568 -1.61 5.92 50.37
CA GLY B 568 -2.13 6.86 49.36
C GLY B 568 -3.57 6.58 48.97
N ASP B 569 -3.93 6.98 47.75
CA ASP B 569 -5.28 6.79 47.17
C ASP B 569 -5.70 5.33 47.31
N VAL B 570 -4.71 4.43 47.27
CA VAL B 570 -4.94 2.98 47.44
C VAL B 570 -4.15 2.46 48.64
N PRO B 571 -4.79 2.26 49.82
CA PRO B 571 -4.09 1.64 50.96
C PRO B 571 -3.87 0.15 50.69
N THR B 572 -2.76 -0.16 50.02
CA THR B 572 -2.47 -1.45 49.33
C THR B 572 -2.11 -2.55 50.34
N VAL B 573 -2.79 -3.68 50.22
CA VAL B 573 -2.54 -4.90 51.03
C VAL B 573 -1.54 -5.80 50.32
N PHE B 574 -0.95 -6.75 51.03
CA PHE B 574 0.02 -7.70 50.44
C PHE B 574 -0.33 -9.12 50.76
N PHE B 575 0.24 -10.02 49.96
CA PHE B 575 0.00 -11.46 50.11
C PHE B 575 1.00 -12.22 49.26
N ASP B 576 1.95 -12.90 49.90
CA ASP B 576 3.04 -13.69 49.27
C ASP B 576 3.55 -12.98 48.02
N GLY B 577 4.05 -11.76 48.22
CA GLY B 577 4.46 -10.88 47.10
C GLY B 577 3.28 -10.12 46.59
N PHE B 578 2.99 -10.29 45.30
CA PHE B 578 1.91 -9.68 44.51
C PHE B 578 1.09 -8.65 45.28
N PRO B 579 0.81 -7.49 44.65
CA PRO B 579 0.01 -6.45 45.31
C PRO B 579 -1.49 -6.74 45.39
N ILE B 580 -2.19 -5.90 46.17
CA ILE B 580 -3.65 -6.01 46.44
C ILE B 580 -4.30 -4.64 46.64
N PRO B 581 -5.15 -4.15 45.72
CA PRO B 581 -5.78 -2.85 45.93
C PRO B 581 -6.91 -2.80 46.96
N ARG B 582 -6.85 -1.85 47.89
CA ARG B 582 -7.92 -1.61 48.87
C ARG B 582 -8.54 -0.24 48.65
N GLU B 583 -9.05 -0.03 47.43
CA GLU B 583 -9.73 1.22 47.04
C GLU B 583 -11.26 1.05 47.00
N ASP B 584 -11.80 -0.14 47.31
CA ASP B 584 -13.27 -0.43 47.32
C ASP B 584 -13.62 -1.79 47.97
N ASN B 585 -13.09 -2.93 47.48
CA ASN B 585 -13.41 -4.27 48.04
C ASN B 585 -12.25 -5.24 47.84
N TRP B 586 -11.44 -5.35 48.88
CA TRP B 586 -10.19 -6.14 48.95
C TRP B 586 -10.49 -7.62 49.05
N LEU B 587 -11.61 -7.97 49.66
CA LEU B 587 -11.93 -9.34 50.12
C LEU B 587 -11.86 -10.32 48.96
N ARG B 588 -12.29 -9.91 47.76
CA ARG B 588 -12.34 -10.77 46.58
C ARG B 588 -10.97 -11.13 46.01
N VAL B 589 -10.11 -10.14 45.80
CA VAL B 589 -8.84 -10.27 45.02
C VAL B 589 -7.83 -11.20 45.70
N MET B 590 -7.59 -11.08 47.01
CA MET B 590 -6.62 -11.91 47.72
C MET B 590 -7.20 -13.31 47.97
N ASN B 591 -8.52 -13.47 48.04
CA ASN B 591 -9.17 -14.76 48.33
C ASN B 591 -9.19 -15.71 47.13
N HIS B 592 -9.45 -15.22 45.94
CA HIS B 592 -9.37 -16.02 44.71
C HIS B 592 -7.94 -16.50 44.50
N ARG B 593 -6.94 -15.63 44.75
CA ARG B 593 -5.52 -15.97 44.65
C ARG B 593 -5.09 -16.90 45.77
N LEU B 594 -5.68 -16.79 46.95
CA LEU B 594 -5.42 -17.66 48.11
C LEU B 594 -5.50 -19.13 47.75
N MET B 595 -6.55 -19.57 47.04
CA MET B 595 -6.67 -20.97 46.60
C MET B 595 -5.64 -21.31 45.53
N GLN B 596 -5.30 -20.36 44.63
CA GLN B 596 -4.33 -20.56 43.56
C GLN B 596 -2.86 -20.61 44.03
N ASP B 597 -2.52 -20.26 45.28
CA ASP B 597 -1.12 -20.34 45.74
C ASP B 597 -0.76 -21.79 46.12
N LEU B 598 -1.65 -22.47 46.83
CA LEU B 598 -1.35 -23.81 47.36
C LEU B 598 -1.18 -24.82 46.21
N GLN B 599 -1.99 -24.74 45.16
CA GLN B 599 -1.90 -25.70 44.03
C GLN B 599 -0.74 -25.31 43.12
N ALA B 600 -0.25 -24.08 43.15
CA ALA B 600 0.93 -23.68 42.37
C ALA B 600 2.19 -24.31 43.02
N LEU B 601 2.24 -24.22 44.34
CA LEU B 601 3.36 -24.77 45.15
C LEU B 601 3.32 -26.30 45.10
N GLN B 602 2.16 -26.92 45.03
CA GLN B 602 1.96 -28.37 44.93
C GLN B 602 2.69 -28.88 43.69
N GLN B 603 2.81 -28.11 42.61
CA GLN B 603 3.54 -28.61 41.41
C GLN B 603 5.04 -28.81 41.70
N ALA B 604 5.64 -27.94 42.50
CA ALA B 604 7.03 -28.02 42.94
C ALA B 604 7.15 -29.22 43.87
N GLY B 605 6.15 -29.48 44.72
CA GLY B 605 6.14 -30.69 45.55
C GLY B 605 6.07 -31.97 44.74
N TYR B 606 5.16 -31.99 43.76
CA TYR B 606 4.95 -33.12 42.81
C TYR B 606 6.29 -33.56 42.21
N PHE B 607 7.16 -32.58 41.98
CA PHE B 607 8.47 -32.80 41.33
C PHE B 607 9.61 -32.93 42.32
N GLY B 608 9.37 -32.76 43.62
CA GLY B 608 10.41 -32.87 44.63
C GLY B 608 11.41 -31.73 44.63
N MET B 609 11.31 -30.70 43.81
CA MET B 609 12.29 -29.60 43.82
C MET B 609 12.26 -28.91 45.18
N LEU B 610 11.12 -28.90 45.85
CA LEU B 610 11.01 -28.41 47.23
C LEU B 610 11.74 -29.39 48.14
N ASN B 611 12.95 -29.05 48.59
CA ASN B 611 13.71 -29.88 49.57
C ASN B 611 13.08 -29.70 50.97
N GLU B 612 13.28 -30.66 51.89
CA GLU B 612 12.83 -30.50 53.31
C GLU B 612 13.54 -29.28 53.92
N SER B 613 14.81 -29.10 53.54
CA SER B 613 15.57 -27.86 53.81
C SER B 613 15.15 -26.78 52.82
N MET B 614 13.98 -26.20 53.04
CA MET B 614 13.51 -25.02 52.27
C MET B 614 12.38 -24.27 53.03
N TRP B 615 12.56 -22.94 53.22
CA TRP B 615 11.66 -22.03 53.96
C TRP B 615 10.46 -21.78 53.07
N LEU B 616 9.28 -22.17 53.52
CA LEU B 616 8.07 -22.08 52.68
C LEU B 616 7.53 -20.66 52.50
N PRO B 617 7.69 -19.65 53.41
CA PRO B 617 7.26 -18.28 53.10
C PRO B 617 8.13 -17.66 52.01
N GLY B 618 9.45 -17.90 52.07
CA GLY B 618 10.43 -17.36 51.12
C GLY B 618 10.52 -18.31 49.93
N PHE B 619 9.36 -18.52 49.31
CA PHE B 619 9.21 -19.35 48.10
C PHE B 619 8.64 -18.48 46.97
N PHE B 620 7.53 -17.80 47.24
CA PHE B 620 6.96 -16.80 46.31
C PHE B 620 7.85 -15.58 46.24
N LEU B 621 8.81 -15.43 47.15
CA LEU B 621 9.75 -14.28 47.21
C LEU B 621 11.14 -14.71 46.75
N GLU B 622 11.21 -15.33 45.57
CA GLU B 622 12.46 -15.78 44.93
C GLU B 622 12.78 -14.87 43.74
N LYS B 623 11.82 -14.73 42.83
CA LYS B 623 11.84 -13.71 41.75
C LYS B 623 11.90 -12.32 42.39
N ALA B 624 10.95 -12.07 43.31
CA ALA B 624 10.64 -10.82 44.03
C ALA B 624 11.68 -9.72 43.83
N LEU B 625 11.19 -8.50 43.66
CA LEU B 625 11.98 -7.28 43.51
C LEU B 625 11.81 -6.43 44.74
N SER B 626 12.81 -5.60 44.94
CA SER B 626 12.89 -4.69 46.12
C SER B 626 11.72 -3.70 46.22
N ARG B 627 11.69 -2.69 45.32
CA ARG B 627 10.73 -1.55 45.42
C ARG B 627 9.66 -1.51 44.33
N ARG B 628 8.38 -1.69 44.70
CA ARG B 628 7.25 -1.67 43.74
C ARG B 628 7.11 -0.31 43.07
N ASN B 629 7.51 -0.20 41.81
CA ASN B 629 7.43 1.06 41.07
C ASN B 629 6.04 1.10 40.47
N THR B 630 5.08 1.78 41.11
CA THR B 630 3.65 1.83 40.75
C THR B 630 3.43 2.36 39.33
N LEU B 631 4.40 3.11 38.83
CA LEU B 631 4.31 3.64 37.48
C LEU B 631 4.40 2.51 36.49
N ILE B 632 5.18 1.48 36.81
CA ILE B 632 5.32 0.28 35.95
C ILE B 632 4.15 -0.69 36.16
N PHE B 633 3.91 -1.01 37.43
CA PHE B 633 2.83 -1.90 37.84
C PHE B 633 1.74 -1.14 38.56
N PRO B 634 0.77 -0.57 37.81
CA PRO B 634 -0.24 0.26 38.44
C PRO B 634 -1.12 -0.40 39.48
N GLU B 635 -1.99 0.42 40.02
CA GLU B 635 -2.96 -0.02 41.04
C GLU B 635 -4.01 -0.78 40.27
N ASP B 636 -4.66 -0.07 39.36
CA ASP B 636 -5.58 -0.69 38.40
C ASP B 636 -4.73 -1.29 37.32
N LYS B 637 -4.66 -2.61 37.27
CA LYS B 637 -3.69 -3.29 36.40
C LYS B 637 -4.11 -3.20 34.93
N ASN B 638 -5.37 -2.85 34.64
CA ASN B 638 -5.89 -2.63 33.28
C ASN B 638 -6.06 -1.14 33.01
N GLU B 639 -4.95 -0.52 32.63
CA GLU B 639 -4.90 0.92 32.34
C GLU B 639 -3.50 1.36 31.87
N LEU B 640 -3.10 1.07 30.63
CA LEU B 640 -1.74 1.43 30.16
C LEU B 640 -1.82 2.69 29.31
N THR B 641 -1.35 3.79 29.88
CA THR B 641 -1.40 5.11 29.21
C THR B 641 -0.30 5.17 28.17
N VAL B 642 -0.65 4.80 26.94
CA VAL B 642 0.34 4.79 25.83
C VAL B 642 -0.13 5.60 24.62
N LEU B 643 0.67 6.58 24.24
CA LEU B 643 0.43 7.37 23.04
C LEU B 643 1.49 7.01 22.00
N ASN B 644 1.08 6.27 20.98
CA ASN B 644 1.87 5.73 19.83
C ASN B 644 3.15 6.53 19.63
N VAL B 645 4.27 5.91 19.91
CA VAL B 645 5.61 6.52 19.71
C VAL B 645 5.86 6.83 18.24
N ASN B 646 5.29 6.09 17.31
CA ASN B 646 5.52 6.35 15.87
C ASN B 646 4.84 7.62 15.42
N LYS B 647 3.68 7.90 15.99
CA LYS B 647 2.86 9.10 15.76
C LYS B 647 3.61 10.33 16.26
N ILE B 648 4.43 10.23 17.29
CA ILE B 648 5.21 11.36 17.87
C ILE B 648 6.37 11.81 16.99
N TYR B 649 7.42 10.99 16.85
CA TYR B 649 8.64 11.36 16.12
C TYR B 649 8.44 11.13 14.61
N ILE B 650 7.61 11.95 13.95
CA ILE B 650 7.32 11.76 12.51
C ILE B 650 6.77 13.03 11.91
N GLU B 651 6.07 13.89 12.64
CA GLU B 651 5.62 15.19 12.08
C GLU B 651 6.19 16.34 12.91
N ASN B 652 7.38 16.19 13.45
CA ASN B 652 8.07 17.24 14.22
C ASN B 652 9.54 17.27 13.84
N HIS B 653 9.79 17.74 12.61
CA HIS B 653 11.09 17.67 11.88
C HIS B 653 12.29 18.27 12.62
N ASP B 654 12.08 19.19 13.54
CA ASP B 654 13.19 19.85 14.26
C ASP B 654 13.36 19.15 15.61
N LEU B 655 12.28 18.98 16.39
CA LEU B 655 12.38 18.47 17.77
C LEU B 655 12.84 17.02 17.78
N MET B 656 12.47 16.20 16.79
CA MET B 656 12.85 14.77 16.75
C MET B 656 14.21 14.53 16.09
N SER B 657 14.91 15.60 15.70
CA SER B 657 16.25 15.50 15.07
C SER B 657 17.30 16.17 15.96
N LYS B 658 16.96 17.34 16.50
CA LYS B 658 17.85 18.11 17.43
C LYS B 658 17.89 17.47 18.83
N VAL B 659 17.70 16.15 18.94
CA VAL B 659 17.71 15.45 20.26
C VAL B 659 19.02 14.68 20.36
N PRO B 660 19.76 14.77 21.49
CA PRO B 660 20.98 13.99 21.68
C PRO B 660 20.64 12.51 21.84
N VAL B 661 20.59 11.79 20.73
CA VAL B 661 20.22 10.36 20.65
C VAL B 661 21.47 9.47 20.75
N ILE B 662 21.28 8.31 21.36
CA ILE B 662 22.31 7.24 21.37
C ILE B 662 21.67 5.99 20.84
N GLU B 663 21.96 5.67 19.59
CA GLU B 663 21.35 4.51 18.93
C GLU B 663 21.77 3.22 19.61
N ALA B 664 20.90 2.24 19.48
CA ALA B 664 21.16 0.91 20.04
C ALA B 664 22.13 0.17 19.12
N SER B 665 23.44 0.41 19.30
CA SER B 665 24.55 -0.10 18.46
C SER B 665 24.28 -1.47 17.87
N LYS B 666 24.74 -1.66 16.63
CA LYS B 666 24.49 -2.91 15.91
C LYS B 666 25.45 -4.00 16.39
N GLU B 667 26.04 -3.83 17.57
CA GLU B 667 26.94 -4.81 18.23
C GLU B 667 26.16 -5.96 18.83
N SER B 668 24.88 -5.75 19.16
CA SER B 668 24.04 -6.78 19.82
C SER B 668 22.81 -7.18 18.97
N THR B 669 22.04 -8.13 19.49
CA THR B 669 20.87 -8.76 18.80
C THR B 669 19.64 -7.84 18.72
N ARG B 670 18.51 -8.40 18.28
CA ARG B 670 17.23 -7.73 17.91
C ARG B 670 16.32 -7.38 19.09
N ASP B 671 16.08 -8.32 19.99
CA ASP B 671 15.10 -8.13 21.07
C ASP B 671 15.62 -7.17 22.14
N ASP B 672 16.91 -6.84 22.15
CA ASP B 672 17.45 -5.81 23.07
C ASP B 672 16.91 -4.42 22.69
N TRP B 673 16.90 -4.17 21.38
CA TRP B 673 16.51 -2.86 20.75
C TRP B 673 15.22 -2.29 21.31
N ALA B 674 15.26 -1.11 21.91
CA ALA B 674 14.07 -0.41 22.44
C ALA B 674 14.38 1.07 22.64
N ALA B 675 13.42 1.96 22.35
CA ALA B 675 13.65 3.42 22.34
C ALA B 675 13.17 4.07 23.64
N LEU B 676 14.00 4.01 24.67
CA LEU B 676 13.66 4.60 25.98
C LEU B 676 13.66 6.12 25.79
N THR B 677 12.48 6.70 25.66
CA THR B 677 12.32 8.18 25.56
C THR B 677 12.49 8.74 26.96
N VAL B 678 13.42 9.70 27.13
CA VAL B 678 13.58 10.35 28.46
C VAL B 678 13.31 11.84 28.26
N VAL B 679 12.07 12.27 28.43
CA VAL B 679 11.72 13.72 28.34
C VAL B 679 11.70 14.31 29.74
N ALA B 680 12.72 15.10 30.10
CA ALA B 680 12.89 15.66 31.46
C ALA B 680 13.47 17.08 31.49
N ASP B 681 13.25 17.76 32.62
CA ASP B 681 13.70 19.14 32.85
C ASP B 681 15.11 19.10 33.37
N LEU B 682 16.08 19.37 32.52
CA LEU B 682 17.52 19.29 32.83
C LEU B 682 17.97 20.53 33.61
N ASP B 683 17.08 21.47 33.93
CA ASP B 683 17.45 22.67 34.73
C ASP B 683 16.87 22.49 36.13
N ASP B 684 17.00 21.30 36.70
CA ASP B 684 16.49 20.96 38.05
C ASP B 684 17.25 19.73 38.53
N ILE B 685 17.50 19.64 39.83
CA ILE B 685 18.34 18.54 40.38
C ILE B 685 17.57 17.21 40.38
N GLU B 686 16.26 17.21 40.17
CA GLU B 686 15.44 15.98 40.10
C GLU B 686 14.83 15.86 38.70
N GLY B 687 15.65 16.13 37.69
CA GLY B 687 15.26 15.97 36.29
C GLY B 687 16.47 15.67 35.43
N GLN B 688 17.57 16.37 35.68
CA GLN B 688 18.87 16.11 35.02
C GLN B 688 19.54 14.87 35.61
N GLU B 689 19.17 14.46 36.82
CA GLU B 689 19.78 13.31 37.53
C GLU B 689 19.27 12.03 36.88
N LEU B 690 18.00 11.99 36.46
CA LEU B 690 17.46 10.82 35.71
C LEU B 690 18.12 10.69 34.34
N VAL B 691 18.44 11.81 33.69
CA VAL B 691 19.15 11.79 32.37
C VAL B 691 20.47 11.02 32.47
N TYR B 692 21.23 11.22 33.54
CA TYR B 692 22.51 10.51 33.75
C TYR B 692 22.30 9.06 34.14
N TYR B 693 21.26 8.70 34.87
CA TYR B 693 21.02 7.28 35.26
C TYR B 693 20.51 6.48 34.05
N ALA B 694 19.77 7.13 33.17
CA ALA B 694 19.30 6.50 31.92
C ALA B 694 20.48 6.32 30.98
N LEU B 695 21.41 7.27 30.96
CA LEU B 695 22.67 7.20 30.22
C LEU B 695 23.50 6.00 30.70
N ARG B 696 23.62 5.85 32.02
CA ARG B 696 24.28 4.74 32.71
C ARG B 696 23.62 3.41 32.42
N PHE B 697 22.32 3.42 32.20
CA PHE B 697 21.53 2.23 31.87
C PHE B 697 21.83 1.76 30.45
N ARG B 698 22.04 2.75 29.54
CA ARG B 698 22.44 2.48 28.15
C ARG B 698 23.83 1.82 28.10
N LYS B 699 24.78 2.26 28.91
CA LYS B 699 26.13 1.67 29.06
C LYS B 699 26.05 0.16 29.26
N SER B 700 25.11 -0.28 30.10
CA SER B 700 24.95 -1.70 30.51
C SER B 700 24.30 -2.49 29.40
N ASN B 701 23.26 -1.93 28.75
CA ASN B 701 22.60 -2.64 27.62
C ASN B 701 22.72 -1.88 26.29
N ASP B 702 23.19 -2.59 25.27
CA ASP B 702 23.38 -2.07 23.88
C ASP B 702 22.07 -2.13 23.10
N GLY B 703 20.94 -2.23 23.77
CA GLY B 703 19.62 -2.25 23.13
C GLY B 703 18.81 -1.01 23.52
N VAL B 704 19.48 0.14 23.72
CA VAL B 704 18.77 1.36 24.20
C VAL B 704 18.92 2.50 23.17
N ARG B 705 17.82 2.94 22.56
CA ARG B 705 17.83 4.12 21.67
C ARG B 705 17.53 5.32 22.54
N LEU B 706 18.50 5.89 23.26
CA LEU B 706 18.23 6.99 24.22
C LEU B 706 17.71 8.27 23.51
N ASP B 707 16.93 9.04 24.25
CA ASP B 707 16.39 10.36 23.80
C ASP B 707 16.44 11.31 24.98
N ILE B 708 17.08 12.47 24.82
CA ILE B 708 17.11 13.48 25.90
C ILE B 708 16.54 14.80 25.38
N VAL B 709 15.24 14.81 25.19
CA VAL B 709 14.49 16.04 24.84
C VAL B 709 14.44 16.86 26.11
N HIS B 710 14.95 18.07 26.02
CA HIS B 710 14.85 19.01 27.14
C HIS B 710 13.40 19.45 27.29
N ASN B 711 12.90 19.34 28.49
CA ASN B 711 11.55 19.78 28.86
C ASN B 711 11.71 20.93 29.85
N PRO B 712 11.95 22.18 29.39
CA PRO B 712 12.28 23.27 30.32
C PRO B 712 11.15 23.75 31.24
N LYS B 713 11.52 24.15 32.46
CA LYS B 713 10.59 24.80 33.42
C LYS B 713 10.34 26.23 32.95
N ASP B 714 11.42 26.94 32.63
CA ASP B 714 11.39 28.37 32.31
C ASP B 714 11.03 28.52 30.83
N THR B 715 9.98 29.27 30.56
CA THR B 715 9.43 29.41 29.17
C THR B 715 10.23 30.45 28.36
N SER B 716 10.70 31.54 28.98
CA SER B 716 11.47 32.60 28.29
C SER B 716 12.86 32.06 27.97
N ARG B 717 13.39 31.21 28.86
CA ARG B 717 14.64 30.48 28.67
C ARG B 717 14.46 29.50 27.51
N SER B 718 14.78 29.95 26.30
CA SER B 718 14.54 29.17 25.05
C SER B 718 15.19 27.81 25.17
N PRO B 719 14.41 26.72 25.18
CA PRO B 719 14.99 25.39 25.39
C PRO B 719 16.27 25.00 24.63
N SER B 720 16.30 25.32 23.35
CA SER B 720 17.33 24.92 22.36
C SER B 720 18.77 25.03 22.85
N VAL B 721 19.18 26.05 23.61
CA VAL B 721 20.59 26.19 24.03
C VAL B 721 20.91 25.13 25.09
N LEU B 722 19.95 24.79 25.97
CA LEU B 722 20.13 23.70 26.96
C LEU B 722 20.27 22.35 26.26
N ALA B 723 19.50 22.12 25.21
CA ALA B 723 19.54 20.89 24.40
C ALA B 723 20.87 20.83 23.64
N GLN B 724 21.33 21.99 23.17
CA GLN B 724 22.63 22.18 22.48
C GLN B 724 23.82 21.95 23.42
N ARG B 725 23.64 22.08 24.73
CA ARG B 725 24.72 21.76 25.71
C ARG B 725 24.97 20.26 25.74
N LEU B 726 24.03 19.43 25.34
CA LEU B 726 24.09 17.95 25.30
C LEU B 726 24.17 17.47 23.85
N LYS B 727 23.78 18.30 22.90
CA LYS B 727 23.87 17.98 21.46
C LYS B 727 25.25 18.34 20.91
N SER B 728 25.97 19.24 21.58
CA SER B 728 27.31 19.67 21.19
C SER B 728 28.29 18.55 21.54
N ARG B 729 28.08 17.94 22.70
CA ARG B 729 28.91 16.83 23.22
C ARG B 729 28.13 15.51 23.15
N GLU B 730 27.40 15.32 22.04
CA GLU B 730 26.55 14.16 21.78
C GLU B 730 27.35 13.01 21.19
N ASP B 731 28.45 13.31 20.48
CA ASP B 731 29.33 12.33 19.81
C ASP B 731 29.90 11.32 20.81
N LYS B 732 30.44 11.83 21.90
CA LYS B 732 31.04 11.00 22.97
C LYS B 732 30.12 10.97 24.19
N LEU B 733 28.89 10.49 23.98
CA LEU B 733 27.90 10.44 25.08
C LEU B 733 28.07 9.20 25.95
N LEU B 734 27.41 9.27 27.11
CA LEU B 734 27.45 8.35 28.28
C LEU B 734 28.85 7.80 28.58
N ASP B 735 29.87 8.64 28.44
CA ASP B 735 31.26 8.24 28.77
C ASP B 735 31.72 9.01 30.01
N PHE B 736 30.85 9.06 31.01
CA PHE B 736 31.03 9.98 32.16
C PHE B 736 31.01 9.15 33.43
N THR B 737 32.09 9.29 34.18
CA THR B 737 32.40 8.46 35.36
C THR B 737 31.42 8.84 36.48
N ARG B 738 31.14 10.12 36.64
CA ARG B 738 30.27 10.62 37.71
C ARG B 738 29.19 11.57 37.18
N PHE B 739 28.27 11.89 38.08
CA PHE B 739 27.17 12.85 37.81
C PHE B 739 27.77 14.23 37.58
N LEU B 740 28.84 14.59 38.30
CA LEU B 740 29.53 15.89 38.16
C LEU B 740 30.02 16.14 36.74
N ASP B 741 30.31 15.10 35.97
CA ASP B 741 30.78 15.27 34.58
C ASP B 741 29.62 15.82 33.72
N LEU B 742 28.41 15.30 33.93
CA LEU B 742 27.19 15.75 33.24
C LEU B 742 26.82 17.15 33.72
N GLU B 743 27.02 17.47 35.01
CA GLU B 743 26.63 18.77 35.61
C GLU B 743 27.55 19.91 35.17
N THR B 744 28.79 19.63 34.76
CA THR B 744 29.71 20.67 34.24
C THR B 744 29.48 20.92 32.75
N ALA B 745 28.82 20.03 32.01
CA ALA B 745 28.55 20.21 30.57
C ALA B 745 27.32 21.08 30.36
N LEU B 746 26.45 21.23 31.35
CA LEU B 746 25.22 22.05 31.27
C LEU B 746 25.51 23.52 31.60
N GLU B 747 26.75 23.88 31.90
CA GLU B 747 27.18 25.28 32.09
C GLU B 747 28.03 25.73 30.90
N THR B 748 28.94 24.86 30.45
CA THR B 748 29.82 25.10 29.29
C THR B 748 29.00 24.88 28.04
N GLY B 749 28.54 25.96 27.40
CA GLY B 749 27.76 25.85 26.15
C GLY B 749 26.69 26.91 26.02
N GLU B 750 27.08 28.17 26.01
CA GLU B 750 26.12 29.29 25.85
C GLU B 750 25.82 29.47 24.38
N PHE B 751 25.10 28.52 23.82
CA PHE B 751 24.75 28.49 22.39
C PHE B 751 23.76 29.61 22.05
N GLU B 752 23.57 29.75 20.76
CA GLU B 752 22.62 30.73 20.19
C GLU B 752 21.20 30.22 20.37
N PRO B 753 20.23 31.08 20.79
CA PRO B 753 18.84 30.65 20.97
C PRO B 753 18.13 30.25 19.68
N ASP B 754 18.06 28.95 19.43
CA ASP B 754 17.41 28.37 18.25
C ASP B 754 15.91 28.36 18.51
N VAL B 755 15.25 29.42 18.07
CA VAL B 755 13.82 29.67 18.37
C VAL B 755 12.94 28.72 17.56
N ALA B 756 13.46 28.13 16.47
CA ALA B 756 12.77 27.16 15.62
C ALA B 756 12.61 25.87 16.42
N TYR B 757 13.49 25.55 17.37
CA TYR B 757 13.46 24.32 18.18
C TYR B 757 12.26 24.37 19.15
N ASP B 758 12.01 25.51 19.76
CA ASP B 758 11.00 25.70 20.83
C ASP B 758 9.59 25.67 20.26
N CYS B 759 9.39 25.80 18.95
CA CYS B 759 8.04 25.88 18.34
C CYS B 759 7.55 24.47 17.95
N SER B 760 8.45 23.59 17.56
CA SER B 760 8.08 22.19 17.24
C SER B 760 7.77 21.40 18.53
N LEU B 761 8.35 21.80 19.66
CA LEU B 761 8.07 21.25 20.99
C LEU B 761 6.65 21.63 21.35
N ALA B 762 6.25 22.87 21.08
CA ALA B 762 4.88 23.41 21.25
C ALA B 762 3.83 22.73 20.39
N ASN B 763 4.23 21.76 19.56
CA ASN B 763 3.35 20.93 18.69
C ASN B 763 3.33 19.49 19.19
N PHE B 764 4.38 19.09 19.91
CA PHE B 764 4.56 17.73 20.46
C PHE B 764 3.97 17.59 21.86
N LEU B 765 4.27 18.52 22.78
CA LEU B 765 3.83 18.46 24.16
C LEU B 765 2.31 18.47 24.25
N ALA B 766 1.66 19.23 23.37
CA ALA B 766 0.19 19.37 23.35
C ALA B 766 -0.46 18.08 22.86
N SER B 767 0.14 17.45 21.85
CA SER B 767 -0.35 16.19 21.23
C SER B 767 -0.16 15.07 22.24
N SER B 768 0.98 15.08 22.94
CA SER B 768 1.28 13.98 23.89
C SER B 768 0.73 14.24 25.30
N ASN B 769 0.18 15.44 25.54
CA ASN B 769 -0.38 15.83 26.86
C ASN B 769 0.70 15.72 27.91
N MET B 770 1.63 16.66 27.95
CA MET B 770 2.77 16.59 28.89
C MET B 770 2.89 17.89 29.67
N LYS B 771 3.48 17.77 30.85
CA LYS B 771 3.72 18.89 31.79
C LYS B 771 5.20 19.29 31.75
N ALA B 772 5.52 20.52 32.17
CA ALA B 772 6.89 21.05 32.24
C ALA B 772 7.35 21.10 33.69
N GLY B 773 8.62 20.82 33.90
CA GLY B 773 9.22 20.77 35.24
C GLY B 773 9.11 19.37 35.82
N ASP B 774 7.88 18.91 36.02
CA ASP B 774 7.56 17.51 36.41
C ASP B 774 7.99 16.65 35.23
N ASN B 775 8.39 15.43 35.52
CA ASN B 775 9.00 14.53 34.50
C ASN B 775 8.20 13.25 34.23
N PHE B 776 8.51 12.62 33.11
CA PHE B 776 7.86 11.37 32.64
C PHE B 776 8.89 10.50 31.93
N VAL B 777 9.17 9.31 32.43
CA VAL B 777 10.08 8.37 31.73
C VAL B 777 9.24 7.55 30.74
N ILE B 778 9.77 7.38 29.53
CA ILE B 778 9.05 6.62 28.46
C ILE B 778 9.92 5.49 27.89
N LEU B 779 9.28 4.43 27.45
CA LEU B 779 9.97 3.33 26.76
C LEU B 779 9.04 2.74 25.72
N ASN B 780 9.35 2.92 24.45
CA ASN B 780 8.56 2.48 23.30
C ASN B 780 7.18 3.14 23.23
N GLY B 781 6.88 4.06 24.15
CA GLY B 781 5.59 4.76 24.15
C GLY B 781 4.90 4.79 25.50
N ARG B 782 5.43 4.03 26.47
CA ARG B 782 4.77 3.89 27.79
C ARG B 782 5.23 5.00 28.75
N VAL B 783 4.31 5.89 29.10
CA VAL B 783 4.52 7.03 30.01
C VAL B 783 4.45 6.55 31.46
N LEU B 784 5.34 7.09 32.31
CA LEU B 784 5.23 6.95 33.79
C LEU B 784 5.20 8.35 34.38
N GLY B 785 4.16 8.66 35.14
CA GLY B 785 3.99 10.04 35.62
C GLY B 785 3.15 10.16 36.88
N PRO B 786 3.33 11.24 37.72
CA PRO B 786 4.34 12.29 37.52
C PRO B 786 5.65 11.97 38.26
N ILE B 787 6.74 11.82 37.51
CA ILE B 787 8.06 11.48 38.12
C ILE B 787 8.47 12.69 38.95
N THR B 788 8.15 12.68 40.24
CA THR B 788 8.40 13.86 41.11
C THR B 788 9.92 14.06 41.21
N SER B 789 10.63 13.03 41.66
CA SER B 789 12.10 13.06 41.79
C SER B 789 12.79 11.91 41.05
N ALA B 790 14.10 12.03 40.89
CA ALA B 790 14.96 10.97 40.29
C ALA B 790 15.06 9.72 41.18
N ASP B 791 14.44 9.75 42.35
CA ASP B 791 14.44 8.61 43.30
C ASP B 791 13.32 7.63 42.96
N ASP B 792 12.21 8.13 42.43
CA ASP B 792 11.05 7.34 41.96
C ASP B 792 11.46 6.39 40.85
N PHE B 793 12.48 6.72 40.07
CA PHE B 793 12.94 5.86 38.96
C PHE B 793 14.46 5.84 38.87
N LYS B 794 15.14 5.35 39.91
CA LYS B 794 16.62 5.20 39.89
C LYS B 794 17.03 4.24 38.76
N LYS B 795 18.34 4.05 38.53
CA LYS B 795 18.82 3.09 37.51
C LYS B 795 18.36 1.68 37.86
N GLU B 796 18.23 1.34 39.15
CA GLU B 796 17.80 -0.01 39.59
C GLU B 796 16.30 -0.21 39.36
N ASP B 797 15.66 0.70 38.64
CA ASP B 797 14.25 0.62 38.19
C ASP B 797 14.15 0.71 36.68
N PHE B 798 15.19 1.16 35.99
CA PHE B 798 15.23 1.17 34.52
C PHE B 798 15.27 -0.26 34.01
N GLU B 799 15.95 -1.17 34.71
CA GLU B 799 15.96 -2.61 34.35
C GLU B 799 14.60 -3.27 34.63
N VAL B 800 13.97 -2.89 35.72
CA VAL B 800 12.68 -3.44 36.19
C VAL B 800 11.60 -3.13 35.15
N PHE B 801 11.65 -1.92 34.61
CA PHE B 801 10.73 -1.46 33.53
C PHE B 801 11.02 -2.24 32.25
N LEU B 802 12.29 -2.48 31.95
CA LEU B 802 12.67 -3.28 30.79
C LEU B 802 12.25 -4.75 30.91
N GLN B 803 12.12 -5.23 32.14
CA GLN B 803 11.72 -6.60 32.45
C GLN B 803 10.23 -6.79 32.10
N ALA B 804 9.35 -6.01 32.74
CA ALA B 804 7.90 -6.02 32.55
C ALA B 804 7.52 -5.67 31.12
N GLU B 805 8.19 -4.71 30.51
CA GLU B 805 7.83 -4.25 29.16
C GLU B 805 8.29 -5.26 28.13
N ARG B 806 9.45 -5.86 28.34
CA ARG B 806 9.89 -6.99 27.51
C ARG B 806 8.93 -8.17 27.60
N ARG B 807 8.58 -8.50 28.83
CA ARG B 807 7.63 -9.54 29.24
C ARG B 807 6.27 -9.43 28.53
N THR B 808 5.60 -8.31 28.72
CA THR B 808 4.22 -8.09 28.31
C THR B 808 4.11 -7.68 26.84
N ARG B 809 4.97 -6.79 26.34
CA ARG B 809 4.75 -6.19 24.99
C ARG B 809 5.96 -6.39 24.05
N ILE B 810 7.19 -6.11 24.48
CA ILE B 810 8.38 -6.19 23.56
C ILE B 810 8.47 -7.59 22.91
N LEU B 811 8.64 -8.68 23.68
CA LEU B 811 8.91 -10.00 23.03
C LEU B 811 7.77 -10.48 22.15
N PRO B 812 6.50 -10.46 22.60
CA PRO B 812 5.40 -10.95 21.79
C PRO B 812 5.13 -10.20 20.49
N VAL B 813 5.64 -8.98 20.38
CA VAL B 813 5.57 -8.22 19.12
C VAL B 813 6.36 -8.86 17.99
N TYR B 814 7.41 -9.61 18.31
CA TYR B 814 8.25 -10.30 17.35
C TYR B 814 7.69 -11.68 17.05
N LYS B 815 7.01 -12.31 18.03
CA LYS B 815 6.44 -13.67 17.91
C LYS B 815 5.21 -13.66 17.02
N ALA B 816 4.35 -12.66 17.12
CA ALA B 816 3.20 -12.46 16.23
C ALA B 816 3.62 -12.34 14.76
N LEU B 817 4.81 -11.78 14.55
CA LEU B 817 5.39 -11.50 13.22
C LEU B 817 6.18 -12.70 12.69
N GLU B 818 6.73 -13.53 13.57
CA GLU B 818 7.56 -14.72 13.23
C GLU B 818 6.68 -15.79 12.55
N ASP B 819 5.45 -15.97 13.03
CA ASP B 819 4.48 -16.94 12.47
C ASP B 819 3.51 -16.10 11.64
N LEU B 820 4.05 -15.33 10.68
CA LEU B 820 3.25 -14.39 9.85
C LEU B 820 3.90 -14.22 8.48
N GLY B 821 5.21 -13.94 8.48
CA GLY B 821 6.01 -13.88 7.25
C GLY B 821 6.60 -12.52 6.95
N LEU B 822 6.60 -11.61 7.90
CA LEU B 822 7.14 -10.24 7.69
C LEU B 822 8.08 -9.83 8.85
N ASP B 823 9.05 -10.69 9.18
CA ASP B 823 10.07 -10.46 10.24
C ASP B 823 11.22 -9.55 9.78
N ASP B 824 11.17 -8.95 8.60
CA ASP B 824 12.29 -8.10 8.12
C ASP B 824 11.93 -6.62 8.25
N LYS B 825 10.78 -6.29 8.84
CA LYS B 825 10.36 -4.87 9.02
C LYS B 825 10.47 -4.43 10.49
N VAL B 826 11.47 -4.96 11.18
CA VAL B 826 11.75 -4.66 12.61
C VAL B 826 13.11 -3.95 12.65
N SER B 827 13.23 -2.88 11.88
CA SER B 827 14.47 -2.06 11.78
C SER B 827 14.80 -1.45 13.14
N GLY B 828 15.73 -2.09 13.85
CA GLY B 828 16.26 -1.57 15.12
C GLY B 828 15.19 -1.33 16.19
N PRO B 829 15.47 -0.46 17.20
CA PRO B 829 14.46 -0.11 18.19
C PRO B 829 13.23 0.57 17.61
N LEU B 830 13.48 1.40 16.58
CA LEU B 830 12.51 2.16 15.80
C LEU B 830 11.22 1.38 15.52
N SER B 831 11.22 0.46 14.56
CA SER B 831 10.02 -0.34 14.27
C SER B 831 9.43 -0.98 15.54
N ALA B 832 10.23 -1.67 16.34
CA ALA B 832 9.79 -2.39 17.55
C ALA B 832 9.05 -1.49 18.55
N ALA B 833 9.35 -0.20 18.59
CA ALA B 833 8.68 0.79 19.45
C ALA B 833 7.36 1.26 18.83
N LYS B 834 7.26 1.29 17.51
CA LYS B 834 6.06 1.64 16.74
C LYS B 834 5.07 0.49 16.87
N LEU B 835 5.57 -0.74 16.85
CA LEU B 835 4.77 -1.97 16.96
C LEU B 835 4.21 -2.10 18.38
N THR B 836 5.05 -1.96 19.41
CA THR B 836 4.65 -2.02 20.82
C THR B 836 3.81 -0.82 21.23
N SER B 837 3.51 0.11 20.33
CA SER B 837 2.64 1.27 20.59
C SER B 837 1.36 1.18 19.77
N VAL B 838 1.40 0.44 18.66
CA VAL B 838 0.19 0.16 17.85
C VAL B 838 -0.66 -0.88 18.62
N THR B 839 -0.02 -1.93 19.12
CA THR B 839 -0.69 -3.01 19.88
C THR B 839 -1.16 -2.56 21.27
N ALA B 840 -0.68 -1.42 21.76
CA ALA B 840 -1.13 -0.83 23.03
C ALA B 840 -2.45 -0.09 22.79
N LEU B 841 -2.67 0.49 21.61
CA LEU B 841 -3.99 1.11 21.33
C LEU B 841 -5.08 0.09 21.09
N SER B 842 -4.74 -1.20 21.04
CA SER B 842 -5.73 -2.30 20.88
C SER B 842 -6.36 -2.70 22.22
N THR B 843 -5.53 -2.80 23.24
CA THR B 843 -5.95 -3.13 24.62
C THR B 843 -6.51 -1.91 25.36
N ILE B 844 -6.40 -0.69 24.81
CA ILE B 844 -7.03 0.52 25.42
C ILE B 844 -8.49 0.62 24.99
N SER B 845 -9.39 0.31 25.91
CA SER B 845 -10.84 0.54 25.65
C SER B 845 -11.17 2.03 25.67
N ASP B 846 -12.04 2.46 24.77
CA ASP B 846 -12.52 3.85 24.77
C ASP B 846 -13.34 4.16 26.01
N LEU B 847 -13.86 3.14 26.69
CA LEU B 847 -14.75 3.27 27.85
C LEU B 847 -14.22 2.44 29.01
N PRO B 848 -13.95 3.09 30.16
CA PRO B 848 -13.39 2.40 31.30
C PRO B 848 -14.28 1.27 31.83
N GLN B 849 -13.66 0.12 32.03
CA GLN B 849 -14.36 -1.13 32.41
C GLN B 849 -15.12 -0.99 33.73
N GLY B 850 -16.43 -0.74 33.62
CA GLY B 850 -17.33 -0.66 34.77
C GLY B 850 -18.26 0.53 34.82
N ILE B 851 -18.49 1.21 33.70
CA ILE B 851 -19.53 2.27 33.68
C ILE B 851 -20.74 1.96 32.76
N PHE B 852 -20.57 2.09 31.45
CA PHE B 852 -21.69 2.01 30.47
C PHE B 852 -22.24 0.59 30.45
N ASP B 853 -21.30 -0.34 30.31
CA ASP B 853 -21.49 -1.80 30.42
C ASP B 853 -20.28 -2.50 29.81
N ASN B 854 -19.29 -2.83 30.66
CA ASN B 854 -18.02 -3.57 30.37
C ASN B 854 -17.14 -3.01 29.23
N ALA B 855 -17.52 -3.30 27.97
CA ALA B 855 -16.75 -2.95 26.76
C ALA B 855 -15.30 -3.43 26.83
N PRO B 856 -15.03 -4.75 26.99
CA PRO B 856 -13.66 -5.24 27.08
C PRO B 856 -13.06 -5.45 25.69
N THR B 857 -12.17 -4.54 25.27
CA THR B 857 -11.51 -4.60 23.94
C THR B 857 -10.59 -5.82 23.85
N VAL B 858 -10.94 -6.75 22.98
CA VAL B 858 -10.20 -8.01 22.81
C VAL B 858 -9.96 -8.24 21.33
N ARG B 859 -8.70 -8.37 20.94
CA ARG B 859 -8.37 -8.56 19.51
C ARG B 859 -8.09 -10.01 19.16
N THR B 860 -9.07 -10.72 18.58
CA THR B 860 -8.92 -12.14 18.25
C THR B 860 -9.04 -12.38 16.73
N THR B 861 -8.98 -13.65 16.36
CA THR B 861 -8.96 -14.08 14.94
C THR B 861 -10.06 -15.10 14.64
N LEU B 862 -11.31 -14.80 14.99
CA LEU B 862 -12.45 -15.69 14.64
C LEU B 862 -13.50 -15.00 13.75
N PHE B 863 -13.40 -13.68 13.59
CA PHE B 863 -14.36 -12.88 12.79
C PHE B 863 -14.50 -13.40 11.34
N LYS B 864 -13.37 -13.74 10.74
CA LYS B 864 -13.31 -14.21 9.34
C LYS B 864 -13.35 -15.73 9.27
N GLN B 865 -13.75 -16.41 10.35
CA GLN B 865 -13.81 -17.88 10.34
C GLN B 865 -15.28 -18.29 10.30
N TRP B 866 -15.71 -18.69 9.11
CA TRP B 866 -17.11 -18.97 8.72
C TRP B 866 -17.10 -19.20 7.21
N ASN B 867 -17.67 -20.31 6.73
CA ASN B 867 -17.66 -20.58 5.27
C ASN B 867 -18.41 -19.49 4.50
N SER B 868 -17.67 -18.70 3.73
CA SER B 868 -18.14 -17.44 3.13
C SER B 868 -18.67 -17.64 1.70
N THR B 869 -19.98 -17.84 1.54
CA THR B 869 -20.59 -18.08 0.20
C THR B 869 -22.01 -17.51 0.10
N TYR B 870 -23.02 -18.27 0.53
CA TYR B 870 -24.44 -17.92 0.37
C TYR B 870 -24.74 -16.56 1.00
N THR B 871 -24.67 -16.47 2.33
CA THR B 871 -24.95 -15.21 3.05
C THR B 871 -23.68 -14.39 3.28
N SER B 872 -22.70 -14.58 2.41
CA SER B 872 -21.38 -13.94 2.62
C SER B 872 -20.77 -13.36 1.35
N PHE B 873 -20.10 -12.23 1.53
CA PHE B 873 -19.48 -11.46 0.44
C PHE B 873 -18.67 -10.29 1.01
N GLU B 874 -17.91 -9.61 0.16
CA GLU B 874 -17.04 -8.49 0.61
C GLU B 874 -17.11 -7.28 -0.31
N VAL B 875 -18.21 -6.55 -0.23
CA VAL B 875 -18.43 -5.32 -1.04
C VAL B 875 -17.40 -4.25 -0.68
N GLY B 876 -16.96 -3.52 -1.70
CA GLY B 876 -16.02 -2.40 -1.56
C GLY B 876 -14.59 -2.79 -1.84
N ASP B 877 -13.71 -1.82 -1.66
CA ASP B 877 -12.24 -2.00 -1.78
C ASP B 877 -11.72 -2.94 -0.70
N ALA B 878 -10.94 -3.91 -1.15
CA ALA B 878 -10.49 -5.06 -0.32
C ALA B 878 -8.99 -5.11 0.00
N SER B 879 -8.14 -5.40 -0.98
CA SER B 879 -6.69 -5.56 -0.72
C SER B 879 -6.05 -4.21 -0.41
N THR B 880 -6.43 -3.17 -1.15
CA THR B 880 -5.92 -1.80 -0.95
C THR B 880 -6.89 -1.08 -0.02
N ALA B 881 -7.12 -1.62 1.17
CA ALA B 881 -8.09 -1.09 2.15
C ALA B 881 -7.45 -0.54 3.42
N THR B 882 -8.19 0.35 4.05
CA THR B 882 -7.75 1.04 5.29
C THR B 882 -8.51 0.57 6.53
N ILE B 883 -9.83 0.69 6.48
CA ILE B 883 -10.72 0.26 7.60
C ILE B 883 -11.37 -1.07 7.22
N PHE B 884 -11.36 -1.98 8.18
CA PHE B 884 -11.81 -3.38 7.94
C PHE B 884 -12.98 -3.80 8.81
N PHE B 885 -14.19 -3.53 8.33
CA PHE B 885 -15.41 -3.89 9.08
C PHE B 885 -15.87 -5.30 8.69
N VAL B 886 -15.21 -6.30 9.24
CA VAL B 886 -15.64 -7.70 8.99
C VAL B 886 -16.86 -7.92 9.86
N ALA B 887 -18.04 -7.84 9.29
CA ALA B 887 -19.31 -7.77 10.03
C ALA B 887 -20.12 -9.07 9.96
N VAL B 888 -21.09 -9.18 10.89
CA VAL B 888 -21.95 -10.36 11.14
C VAL B 888 -23.28 -9.86 11.66
N ILE B 889 -24.21 -9.58 10.76
CA ILE B 889 -25.53 -9.02 11.18
C ILE B 889 -26.69 -9.95 10.81
N ASN B 890 -27.67 -9.99 11.68
CA ASN B 890 -28.93 -10.75 11.52
C ASN B 890 -30.00 -9.76 11.04
N PRO B 891 -30.77 -10.07 9.97
CA PRO B 891 -31.80 -9.13 9.46
C PRO B 891 -33.00 -8.90 10.38
N ALA B 892 -33.26 -9.81 11.32
CA ALA B 892 -34.40 -9.72 12.26
C ALA B 892 -33.93 -9.12 13.58
N SER B 893 -33.81 -7.80 13.66
CA SER B 893 -33.29 -7.10 14.86
C SER B 893 -33.89 -5.69 14.99
N GLU B 894 -33.97 -5.19 16.22
CA GLU B 894 -34.65 -3.92 16.56
C GLU B 894 -33.79 -2.73 16.12
N ILE B 895 -32.45 -2.85 16.18
CA ILE B 895 -31.52 -1.77 15.78
C ILE B 895 -30.62 -2.25 14.65
N GLY B 896 -30.70 -3.51 14.22
CA GLY B 896 -29.91 -4.04 13.13
C GLY B 896 -30.17 -3.28 11.84
N GLN B 897 -31.36 -2.69 11.69
CA GLN B 897 -31.70 -1.83 10.52
C GLN B 897 -30.85 -0.57 10.54
N ARG B 898 -30.70 0.03 11.73
CA ARG B 898 -29.92 1.25 11.97
C ARG B 898 -28.46 1.01 11.60
N TRP B 899 -27.91 -0.16 11.92
CA TRP B 899 -26.51 -0.50 11.65
C TRP B 899 -26.35 -0.77 10.15
N VAL B 900 -27.34 -1.35 9.49
CA VAL B 900 -27.32 -1.56 8.02
C VAL B 900 -27.17 -0.21 7.32
N ALA B 901 -27.80 0.84 7.84
CA ALA B 901 -27.82 2.20 7.27
C ALA B 901 -26.62 3.05 7.71
N VAL B 902 -26.13 2.86 8.94
CA VAL B 902 -24.93 3.54 9.46
C VAL B 902 -23.70 3.01 8.71
N LEU B 903 -23.54 1.70 8.66
CA LEU B 903 -22.41 1.03 7.95
C LEU B 903 -22.53 1.18 6.46
N LYS B 904 -23.69 1.52 5.90
CA LYS B 904 -23.85 1.88 4.47
C LYS B 904 -23.01 3.13 4.16
N VAL B 905 -23.15 4.12 5.03
CA VAL B 905 -22.47 5.44 4.90
C VAL B 905 -20.98 5.30 5.21
N LEU B 906 -20.59 4.41 6.12
CA LEU B 906 -19.18 4.14 6.45
C LEU B 906 -18.52 3.32 5.36
N SER B 907 -19.30 2.55 4.56
CA SER B 907 -18.83 1.77 3.43
C SER B 907 -18.38 2.72 2.31
N GLU B 908 -19.07 3.82 2.16
CA GLU B 908 -18.79 4.83 1.10
C GLU B 908 -17.44 5.50 1.31
N LEU B 909 -16.76 5.21 2.41
CA LEU B 909 -15.37 5.68 2.70
C LEU B 909 -14.39 4.99 1.76
N GLU B 910 -13.41 5.75 1.29
CA GLU B 910 -12.43 5.24 0.29
C GLU B 910 -11.49 4.24 0.96
N GLY B 911 -11.45 3.02 0.44
CA GLY B 911 -10.60 1.97 0.99
C GLY B 911 -11.23 1.39 2.24
N VAL B 912 -12.38 0.72 2.10
CA VAL B 912 -13.01 0.02 3.25
C VAL B 912 -13.37 -1.40 2.82
N HIS B 913 -12.94 -2.42 3.57
CA HIS B 913 -13.27 -3.82 3.27
C HIS B 913 -14.42 -4.24 4.18
N LEU B 914 -15.57 -3.61 4.01
CA LEU B 914 -16.77 -3.92 4.82
C LEU B 914 -17.32 -5.29 4.42
N ARG B 915 -16.76 -6.38 4.94
CA ARG B 915 -17.29 -7.73 4.66
C ARG B 915 -18.68 -7.85 5.29
N VAL B 916 -19.63 -8.48 4.59
CA VAL B 916 -21.01 -8.59 5.21
C VAL B 916 -21.44 -10.04 5.35
N PHE B 917 -21.95 -10.42 6.53
CA PHE B 917 -22.56 -11.74 6.78
C PHE B 917 -24.07 -11.64 7.02
N LEU B 918 -24.68 -12.80 7.23
CA LEU B 918 -26.15 -12.86 7.47
C LEU B 918 -26.58 -14.13 8.20
N ASN B 919 -26.73 -14.05 9.52
CA ASN B 919 -27.16 -15.22 10.31
C ASN B 919 -28.68 -15.21 10.37
N PRO B 920 -29.38 -16.23 9.86
CA PRO B 920 -30.84 -16.22 9.90
C PRO B 920 -31.44 -16.70 11.23
N THR B 921 -31.90 -15.76 12.07
CA THR B 921 -32.51 -16.07 13.39
C THR B 921 -33.93 -16.59 13.18
N VAL B 922 -34.40 -17.42 14.11
CA VAL B 922 -35.75 -18.03 14.03
C VAL B 922 -36.60 -17.63 15.23
N MET B 923 -35.99 -17.19 16.33
CA MET B 923 -36.68 -16.93 17.62
C MET B 923 -37.54 -15.67 17.57
N ILE B 924 -38.77 -15.80 17.09
CA ILE B 924 -39.75 -14.68 17.08
C ILE B 924 -41.17 -15.24 17.01
N GLU B 925 -42.08 -14.70 17.81
CA GLU B 925 -43.50 -15.17 17.80
C GLU B 925 -44.40 -14.09 17.17
N GLU B 926 -44.14 -12.83 17.53
CA GLU B 926 -44.84 -11.66 16.96
C GLU B 926 -43.93 -10.89 15.99
N LEU B 927 -44.35 -9.70 15.53
CA LEU B 927 -43.60 -8.90 14.51
C LEU B 927 -42.20 -8.54 15.01
N PRO B 928 -41.08 -8.95 14.33
CA PRO B 928 -39.74 -8.56 14.78
C PRO B 928 -39.48 -7.05 14.67
N VAL B 929 -39.64 -6.53 13.45
CA VAL B 929 -39.47 -5.07 13.17
C VAL B 929 -40.82 -4.34 13.28
N LYS B 930 -41.06 -3.64 14.39
CA LYS B 930 -42.33 -2.92 14.59
C LYS B 930 -42.21 -1.46 14.18
N ARG B 931 -41.20 -1.09 13.36
CA ARG B 931 -40.91 0.34 13.09
C ARG B 931 -40.36 0.60 11.67
N PHE B 932 -40.58 1.82 11.16
CA PHE B 932 -40.11 2.24 9.83
C PHE B 932 -38.94 3.22 9.93
N TYR B 933 -37.76 2.73 9.58
CA TYR B 933 -36.48 3.47 9.69
C TYR B 933 -36.20 4.20 8.38
N ARG B 934 -35.21 5.05 8.45
CA ARG B 934 -34.66 5.86 7.36
C ARG B 934 -33.53 6.59 8.02
N TYR B 935 -32.28 6.36 7.62
CA TYR B 935 -31.15 6.98 8.32
C TYR B 935 -30.61 8.16 7.50
N VAL B 936 -30.43 9.26 8.20
CA VAL B 936 -30.02 10.56 7.61
C VAL B 936 -28.52 10.76 7.80
N LEU B 937 -27.75 10.28 6.80
CA LEU B 937 -26.26 10.37 6.81
C LEU B 937 -25.75 10.49 5.38
N SER B 938 -24.95 11.51 5.06
CA SER B 938 -24.52 11.77 3.68
C SER B 938 -23.00 11.95 3.63
N SER B 939 -22.38 11.54 2.52
CA SER B 939 -20.91 11.55 2.33
C SER B 939 -20.45 12.85 1.64
N SER B 940 -20.79 13.03 0.36
CA SER B 940 -20.50 14.29 -0.37
C SER B 940 -21.20 15.46 0.32
N PRO B 941 -20.56 16.62 0.60
CA PRO B 941 -21.22 17.71 1.32
C PRO B 941 -22.55 18.08 0.64
N SER B 942 -23.63 18.00 1.40
CA SER B 942 -24.98 18.43 0.94
C SER B 942 -24.93 19.90 0.58
N PHE B 943 -25.10 20.23 -0.68
CA PHE B 943 -25.05 21.66 -1.10
C PHE B 943 -26.32 22.16 -1.79
N ASP B 944 -26.71 23.40 -1.48
CA ASP B 944 -27.96 23.99 -2.00
C ASP B 944 -27.71 24.75 -3.29
N GLU B 945 -28.78 25.41 -3.76
CA GLU B 945 -28.85 26.17 -5.02
C GLU B 945 -27.59 27.03 -5.29
N SER B 946 -27.51 28.24 -4.73
CA SER B 946 -26.31 29.09 -4.91
C SER B 946 -25.28 28.69 -3.85
N GLY B 947 -25.09 27.38 -3.66
CA GLY B 947 -24.11 26.82 -2.73
C GLY B 947 -24.40 26.95 -1.24
N LYS B 948 -25.64 27.22 -0.83
CA LYS B 948 -25.97 27.41 0.60
C LYS B 948 -25.80 26.09 1.36
N VAL B 949 -25.81 26.17 2.68
CA VAL B 949 -25.60 24.95 3.51
C VAL B 949 -26.91 24.18 3.59
N LYS B 950 -26.98 23.12 2.78
CA LYS B 950 -28.22 22.32 2.51
C LYS B 950 -28.67 21.49 3.72
N ALA B 951 -29.96 21.14 3.71
CA ALA B 951 -30.63 20.40 4.82
C ALA B 951 -30.74 18.89 4.58
N LEU B 952 -30.20 18.12 5.52
CA LEU B 952 -30.26 16.65 5.43
C LEU B 952 -31.49 16.24 6.19
N SER B 953 -32.48 15.65 5.51
CA SER B 953 -33.78 15.29 6.12
C SER B 953 -34.21 13.84 5.79
N ALA B 954 -35.41 13.49 6.15
CA ALA B 954 -35.95 12.12 5.98
C ALA B 954 -37.38 12.15 5.45
N ARG B 955 -37.69 11.15 4.65
CA ARG B 955 -38.98 11.02 3.93
C ARG B 955 -39.51 9.59 3.90
N PHE B 956 -40.82 9.45 3.73
CA PHE B 956 -41.42 8.09 3.60
C PHE B 956 -42.46 7.98 2.48
N THR B 957 -42.02 7.53 1.30
CA THR B 957 -42.87 7.41 0.12
C THR B 957 -43.52 6.03 0.06
N GLY B 958 -44.75 6.01 -0.43
CA GLY B 958 -45.53 4.79 -0.61
C GLY B 958 -45.74 4.07 0.69
N VAL B 959 -45.65 4.77 1.82
CA VAL B 959 -45.79 4.20 3.18
C VAL B 959 -47.28 3.94 3.49
N PRO B 960 -47.58 3.00 4.42
CA PRO B 960 -48.96 2.60 4.75
C PRO B 960 -49.89 3.75 5.09
N ARG B 961 -51.19 3.50 4.94
CA ARG B 961 -52.25 4.52 5.02
C ARG B 961 -53.20 4.29 6.20
N GLU B 962 -53.26 3.08 6.76
CA GLU B 962 -54.21 2.83 7.90
C GLU B 962 -53.51 2.30 9.17
N THR B 963 -52.29 2.76 9.43
CA THR B 963 -51.56 2.40 10.69
C THR B 963 -50.97 3.65 11.35
N LEU B 964 -51.18 3.84 12.66
CA LEU B 964 -50.65 5.00 13.40
C LEU B 964 -49.16 4.79 13.54
N LEU B 965 -48.37 5.79 13.20
CA LEU B 965 -46.87 5.70 13.27
C LEU B 965 -46.30 6.73 14.24
N VAL B 966 -45.82 6.27 15.40
CA VAL B 966 -45.26 7.17 16.45
C VAL B 966 -43.91 7.76 16.04
N VAL B 967 -43.85 9.06 15.75
CA VAL B 967 -42.58 9.69 15.34
C VAL B 967 -41.73 9.86 16.59
N GLY B 968 -40.76 8.98 16.77
CA GLY B 968 -39.79 9.05 17.85
C GLY B 968 -38.39 9.32 17.35
N MET B 969 -37.57 9.83 18.23
CA MET B 969 -36.17 10.22 17.86
C MET B 969 -35.04 9.31 18.39
N ASP B 970 -34.50 8.47 17.50
CA ASP B 970 -33.34 7.63 17.85
C ASP B 970 -32.11 8.29 17.26
N VAL B 971 -31.40 8.95 18.15
CA VAL B 971 -30.18 9.74 17.84
C VAL B 971 -29.24 9.66 19.05
N PRO B 972 -27.89 9.71 18.88
CA PRO B 972 -26.95 9.59 19.98
C PRO B 972 -27.48 9.90 21.38
N PRO B 973 -26.99 9.20 22.40
CA PRO B 973 -27.54 9.33 23.78
C PRO B 973 -27.17 10.55 24.62
N ALA B 974 -27.41 11.71 24.04
CA ALA B 974 -27.10 13.04 24.62
C ALA B 974 -27.82 14.19 23.91
N TRP B 975 -28.99 13.91 23.36
CA TRP B 975 -29.71 14.87 22.50
C TRP B 975 -31.10 15.14 23.09
N LEU B 976 -31.33 16.32 23.66
CA LEU B 976 -32.68 16.66 24.14
C LEU B 976 -33.49 17.18 22.96
N VAL B 977 -33.81 16.27 22.07
CA VAL B 977 -34.66 16.60 20.89
C VAL B 977 -36.09 16.78 21.39
N THR B 978 -36.73 17.88 21.01
CA THR B 978 -38.18 18.14 21.26
C THR B 978 -38.91 18.53 19.98
N SER B 979 -40.16 18.08 19.84
CA SER B 979 -41.00 18.45 18.69
C SER B 979 -41.43 19.91 18.79
N LYS B 980 -41.07 20.75 17.82
CA LYS B 980 -41.44 22.17 17.85
C LYS B 980 -42.02 22.65 16.53
N VAL B 981 -41.77 21.97 15.40
CA VAL B 981 -42.23 22.51 14.09
C VAL B 981 -43.28 21.61 13.44
N ALA B 982 -44.48 21.54 14.01
CA ALA B 982 -45.51 20.60 13.53
C ALA B 982 -46.92 21.17 13.57
N VAL B 983 -47.80 20.43 12.89
CA VAL B 983 -49.24 20.75 12.77
C VAL B 983 -50.13 19.51 12.96
N ASP B 984 -49.68 18.37 12.42
CA ASP B 984 -50.41 17.08 12.59
C ASP B 984 -50.06 16.41 13.92
N ASP B 985 -50.07 15.08 13.98
CA ASP B 985 -49.92 14.31 15.26
C ASP B 985 -48.68 13.43 15.36
N LEU B 986 -48.21 13.23 16.61
CA LEU B 986 -47.06 12.37 16.95
C LEU B 986 -47.50 10.91 17.08
N ASP B 987 -48.61 10.69 17.79
CA ASP B 987 -49.16 9.36 18.05
C ASP B 987 -50.01 8.91 16.88
N ASN B 988 -50.53 9.84 16.06
CA ASN B 988 -51.46 9.53 14.94
C ASN B 988 -50.92 9.95 13.55
N LEU B 989 -50.34 9.00 12.82
CA LEU B 989 -49.86 9.27 11.44
C LEU B 989 -50.44 8.26 10.45
N ARG B 990 -51.76 8.12 10.44
CA ARG B 990 -52.49 7.44 9.36
C ARG B 990 -52.41 8.35 8.16
N ILE B 991 -52.10 7.81 7.01
CA ILE B 991 -51.95 8.62 5.77
C ILE B 991 -53.33 8.99 5.18
N LYS B 992 -54.34 8.13 5.33
CA LYS B 992 -55.69 8.41 4.80
C LYS B 992 -56.34 9.59 5.52
N ASP B 993 -56.07 9.79 6.80
CA ASP B 993 -56.65 10.86 7.64
C ASP B 993 -56.09 12.22 7.25
N ILE B 994 -54.78 12.31 7.11
CA ILE B 994 -54.11 13.60 6.77
C ILE B 994 -54.36 13.94 5.31
N LYS B 995 -54.60 12.95 4.46
CA LYS B 995 -55.03 13.16 3.05
C LYS B 995 -56.28 14.04 2.97
N ALA B 996 -57.03 14.14 4.07
CA ALA B 996 -58.24 14.99 4.19
C ALA B 996 -58.00 16.14 5.18
N LYS B 997 -57.43 15.83 6.34
CA LYS B 997 -57.23 16.75 7.48
C LYS B 997 -56.47 18.01 7.05
N ARG B 998 -55.39 17.85 6.30
CA ARG B 998 -54.59 19.01 5.83
C ARG B 998 -54.72 19.21 4.33
N GLY B 999 -55.16 18.20 3.58
CA GLY B 999 -55.44 18.40 2.15
C GLY B 999 -54.53 17.56 1.27
N THR B 1000 -53.44 17.02 1.81
CA THR B 1000 -52.53 16.18 1.03
C THR B 1000 -51.91 15.10 1.90
N GLU B 1001 -51.33 14.13 1.23
CA GLU B 1001 -50.71 12.92 1.83
C GLU B 1001 -49.37 13.29 2.47
N HIS B 1002 -48.79 14.43 2.11
CA HIS B 1002 -47.50 14.87 2.68
C HIS B 1002 -47.64 15.41 4.10
N VAL B 1003 -46.52 15.38 4.80
CA VAL B 1003 -46.39 15.97 6.16
C VAL B 1003 -45.25 16.96 6.14
N GLU B 1004 -45.43 18.08 6.80
CA GLU B 1004 -44.37 19.10 6.96
C GLU B 1004 -44.04 19.29 8.45
N ALA B 1005 -43.85 18.19 9.14
CA ALA B 1005 -43.43 18.21 10.56
C ALA B 1005 -41.90 18.18 10.70
N ILE B 1006 -41.32 19.07 11.47
CA ILE B 1006 -39.86 19.15 11.66
C ILE B 1006 -39.52 19.12 13.13
N TYR B 1007 -38.70 18.16 13.55
CA TYR B 1007 -38.34 18.04 14.98
C TYR B 1007 -37.18 19.02 15.26
N GLU B 1008 -36.91 19.25 16.56
CA GLU B 1008 -35.88 20.23 16.91
C GLU B 1008 -35.00 19.77 18.07
N LEU B 1009 -33.70 19.68 17.84
CA LEU B 1009 -32.72 19.45 18.92
C LEU B 1009 -32.48 20.77 19.65
N GLU B 1010 -32.48 20.71 20.98
CA GLU B 1010 -32.18 21.94 21.75
C GLU B 1010 -31.11 21.71 22.79
N HIS B 1011 -30.76 20.49 23.14
CA HIS B 1011 -29.67 20.35 24.15
C HIS B 1011 -28.67 19.22 23.85
N ILE B 1012 -27.39 19.55 24.06
CA ILE B 1012 -26.29 18.56 23.99
C ILE B 1012 -25.91 18.24 25.42
N LEU B 1013 -26.08 17.00 25.83
CA LEU B 1013 -25.88 16.58 27.23
C LEU B 1013 -24.43 16.80 27.65
N ILE B 1014 -24.25 16.59 28.91
CA ILE B 1014 -22.93 16.51 29.58
C ILE B 1014 -23.08 15.38 30.57
N GLU B 1015 -23.29 14.18 30.05
CA GLU B 1015 -23.54 13.01 30.93
C GLU B 1015 -22.24 12.57 31.59
N GLY B 1016 -22.30 12.27 32.88
CA GLY B 1016 -21.09 11.91 33.63
C GLY B 1016 -21.35 11.04 34.84
N HIS B 1017 -20.31 10.85 35.65
CA HIS B 1017 -20.39 9.98 36.85
C HIS B 1017 -19.41 10.48 37.91
N SER B 1018 -19.87 10.44 39.15
CA SER B 1018 -19.08 10.91 40.32
C SER B 1018 -18.47 9.75 41.11
N ARG B 1019 -17.26 9.93 41.66
CA ARG B 1019 -16.63 8.88 42.46
C ARG B 1019 -16.08 9.45 43.78
N GLU B 1020 -15.49 8.59 44.57
CA GLU B 1020 -15.00 8.98 45.89
C GLU B 1020 -13.62 8.35 46.13
N ILE B 1021 -12.83 8.96 46.96
CA ILE B 1021 -11.51 8.44 47.43
C ILE B 1021 -11.48 8.57 48.95
N PRO B 1022 -11.01 7.56 49.74
CA PRO B 1022 -10.42 6.27 49.29
C PRO B 1022 -11.31 5.26 48.54
N GLY B 1023 -12.35 4.77 49.21
CA GLY B 1023 -13.33 3.90 48.56
C GLY B 1023 -14.07 4.64 47.48
N ALA B 1024 -14.22 4.04 46.31
CA ALA B 1024 -14.86 4.71 45.17
C ALA B 1024 -16.38 4.68 45.29
N HIS B 1025 -16.87 4.89 46.52
CA HIS B 1025 -18.31 4.90 46.89
C HIS B 1025 -19.08 6.01 46.17
N ALA B 1026 -20.40 5.99 46.36
CA ALA B 1026 -21.33 6.82 45.58
C ALA B 1026 -21.61 8.14 46.30
N PRO B 1027 -21.23 9.30 45.72
CA PRO B 1027 -21.42 10.57 46.39
C PRO B 1027 -22.81 11.20 46.31
N ARG B 1028 -23.85 10.40 46.56
CA ARG B 1028 -25.25 10.81 46.34
C ARG B 1028 -25.78 11.73 47.44
N GLY B 1029 -26.58 12.69 47.00
CA GLY B 1029 -27.20 13.69 47.87
C GLY B 1029 -26.58 15.05 47.66
N VAL B 1030 -25.36 15.05 47.09
CA VAL B 1030 -24.58 16.27 46.80
C VAL B 1030 -25.32 17.11 45.76
N GLN B 1031 -25.40 18.40 46.05
CA GLN B 1031 -26.05 19.38 45.13
C GLN B 1031 -24.98 20.14 44.37
N LEU B 1032 -25.07 20.19 43.04
CA LEU B 1032 -24.03 20.84 42.23
C LEU B 1032 -24.68 21.84 41.28
N VAL B 1033 -24.20 23.07 41.26
CA VAL B 1033 -24.76 24.09 40.35
C VAL B 1033 -23.70 24.35 39.29
N LEU B 1034 -23.87 23.86 38.07
CA LEU B 1034 -22.92 24.12 36.96
C LEU B 1034 -23.06 25.58 36.59
N GLU B 1035 -21.95 26.29 36.47
CA GLU B 1035 -22.04 27.75 36.24
C GLU B 1035 -20.88 28.35 35.47
N THR B 1036 -21.18 29.42 34.72
CA THR B 1036 -20.24 30.21 33.94
C THR B 1036 -20.00 31.52 34.70
N GLU B 1037 -19.10 32.37 34.23
CA GLU B 1037 -18.92 33.74 34.82
C GLU B 1037 -20.17 34.58 34.54
N ASN B 1038 -20.74 34.43 33.34
CA ASN B 1038 -21.90 35.23 32.85
C ASN B 1038 -23.23 34.73 33.45
N ASN B 1039 -23.50 33.41 33.42
CA ASN B 1039 -24.75 32.78 33.95
C ASN B 1039 -24.58 32.04 35.30
N PRO B 1040 -24.87 32.72 36.44
CA PRO B 1040 -24.68 32.12 37.77
C PRO B 1040 -25.56 30.90 38.07
N HIS B 1041 -26.63 31.05 38.84
CA HIS B 1041 -27.55 29.93 39.10
C HIS B 1041 -28.25 29.51 37.82
N PHE B 1042 -27.71 28.45 37.24
CA PHE B 1042 -28.02 27.96 35.88
C PHE B 1042 -28.87 26.69 35.94
N ALA B 1043 -28.23 25.61 36.34
CA ALA B 1043 -28.89 24.31 36.49
C ALA B 1043 -28.25 23.49 37.59
N ASP B 1044 -29.02 22.58 38.16
CA ASP B 1044 -28.47 21.67 39.20
C ASP B 1044 -29.04 20.25 39.09
N THR B 1045 -28.17 19.27 38.94
CA THR B 1045 -28.60 17.87 38.82
C THR B 1045 -27.90 17.11 39.95
N ILE B 1046 -28.65 16.34 40.73
CA ILE B 1046 -28.11 15.74 41.96
C ILE B 1046 -27.33 14.47 41.58
N ILE B 1047 -26.42 14.11 42.46
CA ILE B 1047 -25.63 12.86 42.34
C ILE B 1047 -26.53 11.71 42.79
N MET B 1048 -26.55 10.60 42.04
CA MET B 1048 -27.41 9.45 42.41
C MET B 1048 -26.62 8.16 42.58
N ALA B 1049 -27.21 7.25 43.33
CA ALA B 1049 -26.64 5.99 43.83
C ALA B 1049 -25.94 5.17 42.78
N ASN B 1050 -26.37 5.24 41.53
CA ASN B 1050 -25.77 4.42 40.45
C ASN B 1050 -24.45 5.04 40.02
N LEU B 1051 -23.40 4.77 40.79
CA LEU B 1051 -22.03 5.26 40.56
C LEU B 1051 -22.02 6.79 40.40
N GLY B 1052 -22.75 7.47 41.29
CA GLY B 1052 -22.79 8.92 41.38
C GLY B 1052 -23.33 9.57 40.13
N TYR B 1053 -24.49 9.14 39.63
CA TYR B 1053 -24.99 9.66 38.34
C TYR B 1053 -25.41 11.14 38.40
N PHE B 1054 -25.04 11.85 37.34
CA PHE B 1054 -25.42 13.25 37.03
C PHE B 1054 -25.38 13.44 35.51
N GLN B 1055 -26.14 14.42 35.02
CA GLN B 1055 -26.15 14.78 33.58
C GLN B 1055 -26.67 16.20 33.40
N PHE B 1056 -25.77 17.14 33.18
CA PHE B 1056 -26.15 18.58 33.11
C PHE B 1056 -26.67 18.90 31.72
N LYS B 1057 -27.69 19.77 31.69
CA LYS B 1057 -28.41 20.10 30.44
C LYS B 1057 -27.80 21.39 29.90
N ALA B 1058 -27.11 21.36 28.77
CA ALA B 1058 -26.49 22.58 28.22
C ALA B 1058 -26.12 22.43 26.76
N ASN B 1059 -25.87 23.58 26.11
CA ASN B 1059 -25.49 23.66 24.68
C ASN B 1059 -24.04 24.16 24.55
N PRO B 1060 -23.38 24.05 23.36
CA PRO B 1060 -21.95 24.39 23.29
C PRO B 1060 -21.48 25.66 24.01
N GLY B 1061 -20.59 25.49 24.98
CA GLY B 1061 -20.13 26.59 25.83
C GLY B 1061 -19.08 26.20 26.84
N VAL B 1062 -18.48 27.20 27.50
CA VAL B 1062 -17.42 27.03 28.52
C VAL B 1062 -18.03 27.10 29.92
N TYR B 1063 -17.94 26.01 30.68
CA TYR B 1063 -18.53 25.95 32.04
C TYR B 1063 -17.52 25.54 33.10
N ASN B 1064 -17.93 25.76 34.38
CA ASN B 1064 -17.31 25.27 35.64
C ASN B 1064 -18.36 24.56 36.50
N ILE B 1065 -18.04 23.98 37.66
CA ILE B 1065 -19.10 23.26 38.45
C ILE B 1065 -18.99 23.48 39.95
N ARG B 1066 -19.93 24.25 40.49
CA ARG B 1066 -19.94 24.51 41.95
C ARG B 1066 -20.72 23.44 42.72
N LEU B 1067 -20.49 23.40 44.04
CA LEU B 1067 -21.34 22.68 45.00
C LEU B 1067 -22.14 23.70 45.79
N LYS B 1068 -23.46 23.55 45.87
CA LYS B 1068 -24.31 24.56 46.51
C LYS B 1068 -24.21 24.48 48.03
N GLU B 1069 -24.16 25.64 48.66
CA GLU B 1069 -24.00 25.77 50.14
C GLU B 1069 -25.21 25.24 50.90
N GLY B 1070 -25.13 23.99 51.28
CA GLY B 1070 -26.18 23.33 52.06
C GLY B 1070 -25.60 22.29 52.97
N ARG B 1071 -24.64 21.51 52.44
CA ARG B 1071 -24.01 20.38 53.13
C ARG B 1071 -22.69 20.00 52.46
N SER B 1072 -22.59 20.24 51.16
CA SER B 1072 -21.42 19.91 50.32
C SER B 1072 -20.11 20.54 50.78
N SER B 1073 -20.05 21.85 50.93
CA SER B 1073 -18.78 22.54 51.22
C SER B 1073 -18.47 22.48 52.72
N GLU B 1074 -18.89 21.40 53.38
CA GLU B 1074 -18.69 21.17 54.82
C GLU B 1074 -18.12 19.77 54.99
N ILE B 1075 -18.69 18.78 54.30
CA ILE B 1075 -18.27 17.36 54.44
C ILE B 1075 -17.74 16.81 53.13
N PHE B 1076 -18.10 17.40 52.01
CA PHE B 1076 -17.57 16.94 50.69
C PHE B 1076 -16.82 18.02 49.92
N THR B 1077 -15.79 17.63 49.19
CA THR B 1077 -14.95 18.59 48.48
C THR B 1077 -14.37 17.93 47.25
N LEU B 1078 -14.48 18.62 46.13
CA LEU B 1078 -14.03 18.06 44.83
C LEU B 1078 -12.61 18.55 44.58
N GLU B 1079 -11.68 17.62 44.57
CA GLU B 1079 -10.27 17.94 44.25
C GLU B 1079 -10.15 18.27 42.77
N SER B 1080 -10.80 17.45 41.94
CA SER B 1080 -10.78 17.67 40.49
C SER B 1080 -12.02 17.05 39.85
N VAL B 1081 -12.73 17.90 39.13
CA VAL B 1081 -13.84 17.46 38.27
C VAL B 1081 -13.17 16.80 37.09
N GLY B 1082 -13.10 15.47 37.09
CA GLY B 1082 -12.39 14.69 36.05
C GLY B 1082 -12.93 14.81 34.63
N ALA B 1083 -12.61 15.92 34.00
CA ALA B 1083 -12.86 16.12 32.57
C ALA B 1083 -11.93 15.30 31.69
N LYS B 1084 -10.83 14.83 32.28
CA LYS B 1084 -9.86 14.01 31.56
C LYS B 1084 -9.74 12.62 32.17
N GLY B 1085 -10.79 11.82 31.99
CA GLY B 1085 -10.79 10.39 32.29
C GLY B 1085 -10.97 10.06 33.77
N TRP B 1086 -11.07 8.77 34.03
CA TRP B 1086 -11.15 8.23 35.40
C TRP B 1086 -9.77 8.40 36.02
N GLY B 1087 -8.74 7.94 35.31
CA GLY B 1087 -7.33 8.21 35.64
C GLY B 1087 -6.99 7.94 37.11
N PRO B 1088 -6.50 8.94 37.89
CA PRO B 1088 -6.30 10.34 37.47
C PRO B 1088 -5.04 10.67 36.68
N ILE B 1089 -4.87 11.95 36.34
CA ILE B 1089 -3.72 12.48 35.54
C ILE B 1089 -3.23 13.77 36.19
N PRO B 1090 -1.89 14.00 36.27
CA PRO B 1090 -1.37 15.15 36.99
C PRO B 1090 -1.71 16.54 36.43
N GLY B 1091 -2.34 16.56 35.27
CA GLY B 1091 -2.73 17.80 34.60
C GLY B 1091 -4.20 17.88 34.31
N ASP B 1092 -5.03 17.55 35.30
CA ASP B 1092 -6.49 17.58 35.12
C ASP B 1092 -7.21 17.99 36.42
N ASP B 1093 -6.54 18.71 37.34
CA ASP B 1093 -7.20 19.29 38.53
C ASP B 1093 -8.26 20.34 38.16
N ASN B 1094 -8.48 20.50 36.86
CA ASN B 1094 -9.46 21.35 36.17
C ASN B 1094 -10.87 21.05 36.60
N THR B 1095 -11.42 21.95 37.39
CA THR B 1095 -12.83 21.89 37.78
C THR B 1095 -13.65 22.72 36.80
N GLU B 1096 -13.24 22.73 35.53
CA GLU B 1096 -13.88 23.44 34.39
C GLU B 1096 -14.20 22.41 33.31
N VAL B 1097 -15.44 22.40 32.85
CA VAL B 1097 -15.81 21.50 31.74
C VAL B 1097 -16.32 22.33 30.57
N VAL B 1098 -15.76 22.08 29.40
CA VAL B 1098 -16.18 22.82 28.18
C VAL B 1098 -16.81 21.84 27.22
N LEU B 1099 -17.97 22.20 26.65
CA LEU B 1099 -18.72 21.30 25.76
C LEU B 1099 -18.82 21.87 24.36
N MET B 1100 -18.55 21.02 23.37
CA MET B 1100 -18.66 21.41 21.95
C MET B 1100 -18.57 20.21 21.04
N ASP B 1101 -19.40 19.22 21.34
CA ASP B 1101 -19.51 17.98 20.55
C ASP B 1101 -20.97 17.52 20.48
N PHE B 1102 -21.23 16.21 20.42
CA PHE B 1102 -22.62 15.72 20.38
C PHE B 1102 -22.93 14.75 21.52
N GLN B 1103 -21.98 13.85 21.79
CA GLN B 1103 -22.07 12.80 22.81
C GLN B 1103 -21.96 13.34 24.24
N GLY B 1104 -21.88 14.67 24.41
CA GLY B 1104 -21.70 15.29 25.70
C GLY B 1104 -20.25 15.33 26.11
N THR B 1105 -20.04 15.69 27.36
CA THR B 1105 -18.70 15.59 27.98
C THR B 1105 -18.78 14.51 29.02
N THR B 1106 -18.18 13.37 28.76
CA THR B 1106 -18.16 12.27 29.73
C THR B 1106 -17.26 12.70 30.87
N LEU B 1107 -17.87 13.25 31.90
CA LEU B 1107 -17.13 13.76 33.06
C LEU B 1107 -17.07 12.68 34.13
N TYR B 1108 -15.84 12.38 34.57
CA TYR B 1108 -15.56 11.43 35.66
C TYR B 1108 -14.82 12.13 36.77
N PRO B 1109 -15.44 13.13 37.44
CA PRO B 1109 -14.81 13.77 38.58
C PRO B 1109 -14.45 12.82 39.71
N ARG B 1110 -13.53 13.27 40.57
CA ARG B 1110 -13.15 12.48 41.77
C ARG B 1110 -13.34 13.32 43.03
N LEU B 1111 -14.59 13.36 43.45
CA LEU B 1111 -15.02 14.01 44.70
C LEU B 1111 -14.39 13.29 45.88
N ARG B 1112 -13.81 14.03 46.78
CA ARG B 1112 -13.26 13.40 48.00
C ARG B 1112 -13.81 14.04 49.28
N ARG B 1113 -13.80 13.23 50.32
CA ARG B 1113 -14.26 13.63 51.65
C ARG B 1113 -13.30 14.66 52.26
N LYS B 1114 -13.84 15.52 53.08
CA LYS B 1114 -13.03 16.28 54.06
C LYS B 1114 -12.76 15.31 55.18
N PRO B 1115 -11.50 15.17 55.64
CA PRO B 1115 -11.21 14.23 56.71
C PRO B 1115 -11.96 14.49 58.04
N GLY B 1116 -12.73 13.50 58.46
CA GLY B 1116 -13.48 13.62 59.71
C GLY B 1116 -14.80 12.90 59.77
N MET B 1117 -15.76 13.30 58.92
CA MET B 1117 -17.19 12.99 59.17
C MET B 1117 -17.80 12.10 58.08
N GLU B 1118 -18.42 11.01 58.50
CA GLU B 1118 -19.12 10.11 57.58
C GLU B 1118 -20.43 10.75 57.13
N GLU B 1119 -21.15 11.25 58.14
CA GLU B 1119 -22.44 12.00 58.10
C GLU B 1119 -22.91 12.29 56.67
N GLU B 1120 -23.85 11.48 56.20
CA GLU B 1120 -24.31 11.43 54.81
C GLU B 1120 -24.94 12.76 54.39
N ASP B 1121 -24.62 13.20 53.18
CA ASP B 1121 -25.24 14.39 52.55
C ASP B 1121 -26.71 14.16 52.24
N VAL B 1122 -27.12 12.90 52.14
CA VAL B 1122 -28.53 12.58 51.83
C VAL B 1122 -29.42 12.88 53.04
N LEU B 1123 -28.88 12.96 54.26
CA LEU B 1123 -29.65 13.26 55.48
C LEU B 1123 -29.23 14.61 56.07
N GLU B 1124 -30.24 15.30 56.62
CA GLU B 1124 -30.18 16.68 57.23
C GLU B 1124 -29.24 16.76 58.45
N PRO B 1125 -28.72 17.96 58.81
CA PRO B 1125 -27.81 18.11 59.96
C PRO B 1125 -28.53 18.04 61.31
N HIS B 1170 -42.03 31.35 44.69
CA HIS B 1170 -43.02 31.76 43.66
C HIS B 1170 -44.45 31.51 44.16
N ALA B 1171 -44.69 30.32 44.71
CA ALA B 1171 -46.04 29.89 45.14
C ALA B 1171 -45.97 28.75 46.16
N GLU B 1172 -47.07 28.51 46.86
CA GLU B 1172 -47.08 27.44 47.88
C GLU B 1172 -47.68 26.16 47.30
N ILE B 1173 -48.38 26.23 46.20
CA ILE B 1173 -49.04 25.03 45.64
C ILE B 1173 -48.61 24.86 44.19
N ASN B 1174 -48.27 23.64 43.82
CA ASN B 1174 -47.76 23.37 42.46
C ASN B 1174 -48.27 22.05 41.91
N ILE B 1175 -48.23 21.85 40.58
CA ILE B 1175 -48.82 20.61 39.99
C ILE B 1175 -48.12 20.26 38.66
N PHE B 1176 -47.98 18.96 38.40
CA PHE B 1176 -47.38 18.47 37.13
C PHE B 1176 -48.32 17.44 36.51
N SER B 1177 -48.16 17.21 35.21
CA SER B 1177 -48.88 16.12 34.49
C SER B 1177 -48.23 15.72 33.16
N VAL B 1178 -48.32 14.43 32.80
CA VAL B 1178 -47.68 13.82 31.62
C VAL B 1178 -48.67 13.87 30.43
N ALA B 1179 -48.18 14.09 29.22
CA ALA B 1179 -49.06 14.19 28.03
C ALA B 1179 -48.37 13.75 26.75
N SER B 1180 -49.08 12.99 25.92
CA SER B 1180 -48.64 12.60 24.54
C SER B 1180 -49.82 12.41 23.59
N GLY B 1181 -49.97 13.38 22.67
CA GLY B 1181 -51.02 13.38 21.63
C GLY B 1181 -52.05 14.49 21.80
N HIS B 1182 -52.58 15.01 20.68
CA HIS B 1182 -53.51 16.16 20.66
C HIS B 1182 -54.73 15.89 21.50
N LEU B 1183 -55.16 14.63 21.56
CA LEU B 1183 -56.32 14.22 22.35
C LEU B 1183 -55.93 14.17 23.81
N TYR B 1184 -54.75 13.64 24.15
CA TYR B 1184 -54.22 13.60 25.51
C TYR B 1184 -54.02 15.00 26.08
N GLU B 1185 -53.65 15.94 25.20
CA GLU B 1185 -53.39 17.34 25.58
C GLU B 1185 -54.68 17.99 26.08
N ARG B 1186 -55.78 17.81 25.35
CA ARG B 1186 -57.05 18.50 25.63
C ARG B 1186 -57.66 17.92 26.91
N MET B 1187 -57.52 16.62 27.17
CA MET B 1187 -58.06 16.00 28.41
C MET B 1187 -57.22 16.42 29.62
N LEU B 1188 -55.99 16.84 29.43
CA LEU B 1188 -55.08 17.36 30.49
C LEU B 1188 -55.49 18.81 30.82
N ASN B 1189 -55.81 19.56 29.77
CA ASN B 1189 -56.12 21.02 29.81
C ASN B 1189 -57.27 21.32 30.76
N ILE B 1190 -58.40 20.63 30.63
CA ILE B 1190 -59.59 20.89 31.47
C ILE B 1190 -59.25 20.69 32.93
N MET B 1191 -58.29 19.82 33.25
CA MET B 1191 -57.83 19.64 34.65
C MET B 1191 -57.15 20.91 35.14
N MET B 1192 -56.39 21.60 34.31
CA MET B 1192 -55.69 22.84 34.67
C MET B 1192 -56.68 24.00 34.89
N ALA B 1193 -57.80 24.00 34.19
CA ALA B 1193 -58.84 25.04 34.30
C ALA B 1193 -59.67 24.75 35.55
N SER B 1194 -59.90 23.50 35.88
CA SER B 1194 -60.67 23.09 37.06
C SER B 1194 -59.70 22.84 38.21
N VAL B 1195 -58.61 23.61 38.28
CA VAL B 1195 -57.65 23.60 39.42
C VAL B 1195 -57.08 25.00 39.69
N MET B 1196 -57.32 26.00 38.85
CA MET B 1196 -56.94 27.39 39.18
C MET B 1196 -58.18 28.27 39.22
N HIS B 1197 -59.20 27.80 39.95
CA HIS B 1197 -60.48 28.53 40.08
C HIS B 1197 -61.22 28.10 41.35
N HIS B 1198 -61.06 26.84 41.71
CA HIS B 1198 -61.64 26.23 42.93
C HIS B 1198 -60.93 26.65 44.23
N THR B 1199 -59.62 26.82 44.14
CA THR B 1199 -58.77 27.17 45.29
C THR B 1199 -58.56 28.68 45.29
N ASN B 1200 -58.32 29.22 46.47
CA ASN B 1200 -58.11 30.69 46.63
C ASN B 1200 -56.62 31.03 46.67
N HIS B 1201 -55.72 30.24 46.07
CA HIS B 1201 -54.26 30.48 46.16
C HIS B 1201 -53.50 30.17 44.85
N THR B 1202 -52.18 30.32 44.91
CA THR B 1202 -51.27 30.38 43.74
C THR B 1202 -50.82 28.99 43.32
N VAL B 1203 -51.00 28.67 42.04
CA VAL B 1203 -50.62 27.34 41.46
C VAL B 1203 -49.75 27.46 40.20
N LYS B 1204 -48.54 26.89 40.24
CA LYS B 1204 -47.62 26.85 39.07
C LYS B 1204 -47.74 25.51 38.37
N PHE B 1205 -47.16 25.38 37.16
CA PHE B 1205 -47.26 24.09 36.43
C PHE B 1205 -45.92 23.47 35.97
N TRP B 1206 -45.82 22.13 35.83
CA TRP B 1206 -44.54 21.44 35.45
C TRP B 1206 -44.65 20.23 34.51
N PHE B 1207 -45.27 20.37 33.35
CA PHE B 1207 -45.34 19.26 32.36
C PHE B 1207 -44.02 19.03 31.61
N ILE B 1208 -44.04 18.05 30.72
CA ILE B 1208 -42.81 17.58 30.02
C ILE B 1208 -42.87 17.91 28.53
N GLU B 1209 -41.83 18.62 28.10
CA GLU B 1209 -41.64 19.23 26.76
C GLU B 1209 -41.84 18.27 25.58
N GLN B 1210 -40.80 17.51 25.20
CA GLN B 1210 -40.74 16.67 23.97
C GLN B 1210 -42.01 15.86 23.63
N PHE B 1211 -42.72 15.35 24.64
CA PHE B 1211 -43.91 14.50 24.41
C PHE B 1211 -45.00 15.39 23.82
N LEU B 1212 -45.20 16.56 24.43
CA LEU B 1212 -46.20 17.55 23.95
C LEU B 1212 -45.98 17.94 22.49
N SER B 1213 -47.06 18.16 21.74
CA SER B 1213 -46.94 18.57 20.32
C SER B 1213 -46.81 20.09 20.25
N PRO B 1214 -46.19 20.62 19.18
CA PRO B 1214 -46.07 22.07 18.99
C PRO B 1214 -47.43 22.77 19.04
N SER B 1215 -48.50 22.04 18.75
CA SER B 1215 -49.90 22.54 18.75
C SER B 1215 -50.21 23.00 20.17
N PHE B 1216 -49.82 22.18 21.16
CA PHE B 1216 -50.07 22.47 22.58
C PHE B 1216 -49.13 23.55 23.10
N LYS B 1217 -47.89 23.62 22.62
CA LYS B 1217 -46.89 24.58 23.13
C LYS B 1217 -47.35 26.00 22.86
N ASP B 1218 -48.04 26.26 21.74
CA ASP B 1218 -48.56 27.63 21.49
C ASP B 1218 -50.00 27.68 21.98
N PHE B 1219 -50.20 27.48 23.28
CA PHE B 1219 -51.54 27.38 23.89
C PHE B 1219 -51.47 27.71 25.40
N ILE B 1220 -50.45 27.23 26.11
CA ILE B 1220 -50.37 27.41 27.60
C ILE B 1220 -50.28 28.90 28.00
N PRO B 1221 -49.35 29.73 27.43
CA PRO B 1221 -49.23 31.14 27.83
C PRO B 1221 -50.57 31.87 27.72
N HIS B 1222 -51.40 31.45 26.77
CA HIS B 1222 -52.76 32.01 26.60
C HIS B 1222 -53.60 31.85 27.87
N MET B 1223 -53.71 30.63 28.37
CA MET B 1223 -54.54 30.32 29.58
C MET B 1223 -53.81 30.77 30.85
N ALA B 1224 -52.53 31.07 30.78
CA ALA B 1224 -51.68 31.53 31.89
C ALA B 1224 -51.86 32.99 32.21
N ALA B 1225 -52.51 33.78 31.34
CA ALA B 1225 -52.69 35.22 31.51
C ALA B 1225 -54.14 35.57 31.85
N GLU B 1226 -55.10 35.06 31.08
CA GLU B 1226 -56.55 35.33 31.30
C GLU B 1226 -56.98 34.62 32.59
N TYR B 1227 -56.54 33.39 32.79
CA TYR B 1227 -56.85 32.67 34.04
C TYR B 1227 -56.02 33.30 35.15
N GLY B 1228 -54.72 33.38 34.92
CA GLY B 1228 -53.73 34.02 35.81
C GLY B 1228 -52.83 33.06 36.54
N PHE B 1229 -52.27 32.06 35.86
CA PHE B 1229 -51.34 31.11 36.48
C PHE B 1229 -50.02 31.07 35.71
N LYS B 1230 -49.16 30.12 36.06
CA LYS B 1230 -47.77 30.12 35.52
C LYS B 1230 -47.34 28.81 34.90
N TYR B 1231 -46.77 28.91 33.70
CA TYR B 1231 -46.21 27.77 32.95
C TYR B 1231 -44.71 27.68 33.24
N GLU B 1232 -44.15 26.50 32.97
CA GLU B 1232 -42.72 26.23 32.90
C GLU B 1232 -42.56 24.77 32.53
N MET B 1233 -41.47 24.43 31.86
CA MET B 1233 -41.28 23.07 31.31
C MET B 1233 -39.96 22.43 31.75
N VAL B 1234 -40.04 21.17 32.11
CA VAL B 1234 -38.90 20.36 32.61
C VAL B 1234 -38.81 19.06 31.81
N THR B 1235 -37.57 18.55 31.67
CA THR B 1235 -37.27 17.29 30.96
C THR B 1235 -35.87 16.79 31.35
N TYR B 1236 -35.61 15.55 31.03
CA TYR B 1236 -34.36 14.86 31.42
C TYR B 1236 -34.01 13.79 30.38
N LYS B 1237 -33.12 12.83 30.74
CA LYS B 1237 -32.62 11.83 29.77
C LYS B 1237 -32.26 10.52 30.47
N TRP B 1238 -32.77 9.43 29.92
CA TRP B 1238 -32.46 8.06 30.36
C TRP B 1238 -31.00 7.82 30.02
N PRO B 1239 -30.15 7.48 31.02
CA PRO B 1239 -28.76 7.12 30.75
C PRO B 1239 -28.58 5.77 30.03
N HIS B 1240 -27.34 5.55 29.60
CA HIS B 1240 -26.90 4.37 28.82
C HIS B 1240 -26.74 3.14 29.69
N TRP B 1241 -27.06 3.22 30.98
CA TRP B 1241 -27.04 2.07 31.91
C TRP B 1241 -28.46 1.67 32.29
N LEU B 1242 -29.47 2.48 31.96
CA LEU B 1242 -30.84 2.25 32.44
C LEU B 1242 -31.75 1.79 31.29
N ARG B 1243 -32.60 0.84 31.64
CA ARG B 1243 -33.45 0.09 30.67
C ARG B 1243 -34.28 1.04 29.80
N GLN B 1244 -33.84 1.29 28.57
CA GLN B 1244 -34.65 2.00 27.56
C GLN B 1244 -35.87 1.17 27.19
N GLN B 1245 -36.87 1.77 26.51
CA GLN B 1245 -38.10 1.03 26.15
C GLN B 1245 -38.51 1.18 24.68
N LYS B 1246 -39.13 0.13 24.12
CA LYS B 1246 -39.52 -0.02 22.69
C LYS B 1246 -40.68 0.91 22.29
N GLU B 1247 -41.92 0.53 22.59
CA GLU B 1247 -43.09 1.39 22.31
C GLU B 1247 -43.01 2.55 23.29
N LYS B 1248 -43.35 3.76 22.85
CA LYS B 1248 -43.18 5.00 23.63
C LYS B 1248 -44.02 5.03 24.90
N GLN B 1249 -44.84 4.02 25.19
CA GLN B 1249 -45.69 4.03 26.40
C GLN B 1249 -44.92 3.61 27.66
N ARG B 1250 -44.16 2.53 27.60
CA ARG B 1250 -43.38 2.04 28.75
C ARG B 1250 -42.33 3.08 29.14
N GLU B 1251 -41.82 3.85 28.18
CA GLU B 1251 -40.84 4.95 28.38
C GLU B 1251 -41.42 5.94 29.37
N ILE B 1252 -42.65 6.39 29.10
CA ILE B 1252 -43.40 7.41 29.87
C ILE B 1252 -43.41 7.05 31.35
N TRP B 1253 -43.77 5.84 31.74
CA TRP B 1253 -43.85 5.47 33.17
C TRP B 1253 -42.47 5.39 33.80
N GLY B 1254 -41.41 5.20 33.04
CA GLY B 1254 -40.04 5.25 33.54
C GLY B 1254 -39.71 6.63 34.06
N TYR B 1255 -40.00 7.65 33.28
CA TYR B 1255 -39.68 9.04 33.62
C TYR B 1255 -40.62 9.61 34.68
N LYS B 1256 -41.77 8.96 34.85
CA LYS B 1256 -42.84 9.51 35.72
C LYS B 1256 -42.54 9.29 37.19
N ILE B 1257 -42.15 8.07 37.59
CA ILE B 1257 -41.97 7.78 39.03
C ILE B 1257 -40.49 7.65 39.43
N LEU B 1258 -39.60 7.20 38.55
CA LEU B 1258 -38.16 7.10 38.92
C LEU B 1258 -37.53 8.47 38.75
N PHE B 1259 -37.78 9.09 37.60
CA PHE B 1259 -37.31 10.46 37.26
C PHE B 1259 -38.42 11.40 37.75
N LEU B 1260 -38.31 11.81 39.02
CA LEU B 1260 -39.30 12.68 39.71
C LEU B 1260 -38.58 13.84 40.38
N ASP B 1261 -37.75 13.52 41.37
CA ASP B 1261 -37.05 14.47 42.26
C ASP B 1261 -35.93 15.24 41.53
N VAL B 1262 -35.39 14.66 40.48
CA VAL B 1262 -34.31 15.31 39.68
C VAL B 1262 -34.87 16.20 38.56
N LEU B 1263 -36.08 15.89 38.08
CA LEU B 1263 -36.76 16.67 37.01
C LEU B 1263 -36.90 18.13 37.44
N PHE B 1264 -37.45 18.35 38.63
CA PHE B 1264 -37.57 19.70 39.24
C PHE B 1264 -36.27 20.08 39.93
N PRO B 1265 -35.84 21.37 39.90
CA PRO B 1265 -34.63 21.78 40.59
C PRO B 1265 -34.79 21.78 42.12
N LEU B 1266 -33.76 22.27 42.78
CA LEU B 1266 -33.68 22.28 44.26
C LEU B 1266 -34.54 23.40 44.85
N SER B 1267 -34.74 24.48 44.09
CA SER B 1267 -35.57 25.62 44.51
C SER B 1267 -37.06 25.29 44.35
N LEU B 1268 -37.49 24.22 45.01
CA LEU B 1268 -38.88 23.70 45.03
C LEU B 1268 -39.05 22.66 46.13
N ASP B 1269 -40.31 22.45 46.50
CA ASP B 1269 -40.72 21.39 47.48
C ASP B 1269 -41.94 20.56 47.07
N LYS B 1270 -43.12 21.18 47.09
CA LYS B 1270 -44.38 20.39 46.91
C LYS B 1270 -44.97 20.40 45.50
N VAL B 1271 -45.32 19.22 44.99
CA VAL B 1271 -45.99 19.01 43.67
C VAL B 1271 -47.19 18.05 43.80
N ILE B 1272 -48.29 18.32 43.06
CA ILE B 1272 -49.54 17.53 43.16
C ILE B 1272 -49.96 17.06 41.74
N PHE B 1273 -49.25 16.07 41.23
CA PHE B 1273 -49.60 15.38 39.96
C PHE B 1273 -50.94 14.69 40.16
N VAL B 1274 -51.87 14.92 39.25
CA VAL B 1274 -53.17 14.22 39.20
C VAL B 1274 -53.33 13.80 37.75
N ASP B 1275 -53.88 12.64 37.51
CA ASP B 1275 -54.01 12.03 36.16
C ASP B 1275 -54.74 12.99 35.21
N ALA B 1276 -54.44 12.88 33.92
CA ALA B 1276 -54.95 13.84 32.89
C ALA B 1276 -56.40 13.55 32.51
N ASP B 1277 -57.30 13.57 33.50
CA ASP B 1277 -58.72 13.22 33.28
C ASP B 1277 -59.56 13.82 34.41
N GLN B 1278 -59.04 13.80 35.63
CA GLN B 1278 -59.80 14.25 36.81
C GLN B 1278 -59.96 15.77 36.86
N ILE B 1279 -60.86 16.18 37.74
CA ILE B 1279 -61.28 17.60 37.90
C ILE B 1279 -61.24 17.96 39.39
N VAL B 1280 -60.61 19.08 39.74
CA VAL B 1280 -60.40 19.39 41.18
C VAL B 1280 -61.43 20.43 41.64
N ARG B 1281 -62.49 19.99 42.30
CA ARG B 1281 -63.47 20.93 42.91
C ARG B 1281 -62.90 21.47 44.23
N THR B 1282 -61.98 20.72 44.82
CA THR B 1282 -61.42 21.00 46.17
C THR B 1282 -60.49 22.23 46.16
N ASP B 1283 -60.38 22.85 47.32
CA ASP B 1283 -59.42 23.93 47.58
C ASP B 1283 -58.11 23.17 47.71
N MET B 1284 -57.18 23.48 46.84
CA MET B 1284 -55.86 22.79 46.78
C MET B 1284 -54.93 23.09 47.95
N TYR B 1285 -55.43 23.58 49.07
CA TYR B 1285 -54.58 23.84 50.24
C TYR B 1285 -54.37 22.56 51.04
N ASP B 1286 -55.42 21.78 51.26
CA ASP B 1286 -55.30 20.57 52.08
C ASP B 1286 -54.74 19.41 51.24
N LEU B 1287 -53.79 19.73 50.39
CA LEU B 1287 -53.00 18.80 49.57
C LEU B 1287 -51.51 19.06 49.78
N VAL B 1288 -51.16 20.35 49.89
CA VAL B 1288 -49.80 20.81 50.25
C VAL B 1288 -49.73 20.74 51.78
N GLU B 1289 -50.70 21.31 52.47
CA GLU B 1289 -50.75 21.29 53.96
C GLU B 1289 -51.25 19.93 54.43
N HIS B 1290 -50.42 18.90 54.29
CA HIS B 1290 -50.78 17.53 54.73
C HIS B 1290 -49.56 16.86 55.33
N PRO B 1291 -49.68 16.37 56.58
CA PRO B 1291 -48.55 15.72 57.24
C PRO B 1291 -48.21 14.38 56.59
N LEU B 1292 -46.95 14.20 56.26
CA LEU B 1292 -46.49 12.90 55.70
C LEU B 1292 -45.66 12.09 56.68
N ASP B 1293 -44.62 12.71 57.27
CA ASP B 1293 -43.79 12.07 58.32
C ASP B 1293 -43.26 10.69 57.89
N GLY B 1294 -42.19 10.69 57.12
CA GLY B 1294 -41.59 9.44 56.61
C GLY B 1294 -42.12 9.03 55.24
N ALA B 1295 -43.33 9.47 54.90
CA ALA B 1295 -43.95 9.17 53.58
C ALA B 1295 -43.50 10.18 52.54
N PRO B 1296 -42.76 9.80 51.47
CA PRO B 1296 -42.39 10.76 50.42
C PRO B 1296 -43.57 11.19 49.54
N TYR B 1297 -44.32 10.20 49.03
CA TYR B 1297 -45.47 10.46 48.16
C TYR B 1297 -46.74 9.82 48.74
N LEU B 1334 -51.50 11.14 41.18
CA LEU B 1334 -52.11 10.76 42.48
C LEU B 1334 -50.99 10.52 43.50
N TYR B 1335 -50.44 11.64 44.03
CA TYR B 1335 -49.30 11.61 44.98
C TYR B 1335 -49.12 12.96 45.72
N VAL B 1336 -48.14 12.98 46.61
CA VAL B 1336 -47.74 14.18 47.40
C VAL B 1336 -46.23 14.34 47.36
N VAL B 1337 -45.72 15.04 46.35
CA VAL B 1337 -44.27 15.20 46.22
C VAL B 1337 -43.80 16.12 47.36
N ASP B 1338 -42.94 15.60 48.21
CA ASP B 1338 -42.31 16.38 49.31
C ASP B 1338 -40.82 16.30 49.06
N LEU B 1339 -40.30 17.27 48.31
CA LEU B 1339 -38.87 17.27 47.91
C LEU B 1339 -37.93 17.39 49.11
N GLN B 1340 -38.46 17.49 50.33
CA GLN B 1340 -37.62 17.47 51.54
C GLN B 1340 -37.40 16.03 52.01
N ARG B 1341 -38.46 15.22 52.04
CA ARG B 1341 -38.36 13.78 52.33
C ARG B 1341 -37.91 13.03 51.08
N PHE B 1342 -38.21 13.48 49.89
CA PHE B 1342 -37.76 12.86 48.63
C PHE B 1342 -36.26 12.99 48.43
N ARG B 1343 -35.60 13.96 49.05
CA ARG B 1343 -34.14 14.11 48.98
C ARG B 1343 -33.46 13.50 50.20
N GLU B 1344 -34.20 13.44 51.32
CA GLU B 1344 -33.69 12.90 52.61
C GLU B 1344 -33.36 11.42 52.53
N LEU B 1345 -34.33 10.62 52.11
CA LEU B 1345 -34.11 9.17 52.01
C LEU B 1345 -33.99 8.74 50.54
N ALA B 1346 -34.09 9.69 49.60
CA ALA B 1346 -33.90 9.50 48.14
C ALA B 1346 -34.69 8.32 47.58
N ALA B 1347 -36.01 8.41 47.71
CA ALA B 1347 -36.97 7.42 47.20
C ALA B 1347 -36.92 7.34 45.68
N GLY B 1348 -36.62 8.45 45.01
CA GLY B 1348 -36.45 8.44 43.53
C GLY B 1348 -35.22 7.63 43.13
N ASP B 1349 -34.12 7.82 43.85
CA ASP B 1349 -32.86 7.09 43.65
C ASP B 1349 -33.00 5.64 44.06
N ARG B 1350 -33.90 5.35 45.00
CA ARG B 1350 -34.22 3.99 45.43
C ARG B 1350 -35.02 3.27 44.34
N LEU B 1351 -36.00 3.96 43.78
CA LEU B 1351 -36.91 3.39 42.76
C LEU B 1351 -36.14 3.08 41.48
N ARG B 1352 -35.03 3.76 41.26
CA ARG B 1352 -34.08 3.50 40.17
C ARG B 1352 -33.60 2.03 40.24
N GLN B 1353 -32.99 1.65 41.35
CA GLN B 1353 -32.51 0.26 41.55
C GLN B 1353 -33.70 -0.68 41.81
N GLN B 1354 -34.84 -0.16 42.18
CA GLN B 1354 -36.09 -0.91 42.35
C GLN B 1354 -36.60 -1.35 40.97
N TYR B 1355 -36.47 -0.50 39.97
CA TYR B 1355 -36.89 -0.73 38.59
C TYR B 1355 -35.84 -1.57 37.89
N HIS B 1356 -34.58 -1.46 38.28
CA HIS B 1356 -33.45 -2.20 37.70
C HIS B 1356 -33.64 -3.69 37.97
N ALA B 1357 -34.16 -4.08 39.12
CA ALA B 1357 -34.42 -5.48 39.48
C ALA B 1357 -35.73 -6.00 38.91
N LEU B 1358 -36.71 -5.17 38.58
CA LEU B 1358 -38.01 -5.64 38.06
C LEU B 1358 -38.29 -5.15 36.64
N SER B 1359 -37.27 -5.04 35.81
CA SER B 1359 -37.41 -4.66 34.38
C SER B 1359 -36.71 -5.67 33.44
N ALA B 1360 -35.77 -6.45 33.96
CA ALA B 1360 -35.01 -7.45 33.17
C ALA B 1360 -35.99 -8.58 32.80
N ASP B 1361 -36.81 -8.97 33.78
CA ASP B 1361 -37.82 -10.03 33.61
C ASP B 1361 -39.19 -9.38 33.63
N PRO B 1362 -39.98 -9.39 32.53
CA PRO B 1362 -41.32 -8.80 32.56
C PRO B 1362 -42.37 -9.64 33.32
N ASN B 1363 -41.91 -10.39 34.32
CA ASN B 1363 -42.73 -11.32 35.12
C ASN B 1363 -43.11 -10.65 36.47
N SER B 1364 -43.20 -9.31 36.48
CA SER B 1364 -43.47 -8.55 37.72
C SER B 1364 -44.27 -7.26 37.52
N LEU B 1365 -44.43 -6.74 36.31
CA LEU B 1365 -45.10 -5.43 36.14
C LEU B 1365 -46.11 -5.49 35.01
N ALA B 1366 -47.40 -5.25 35.29
CA ALA B 1366 -48.40 -4.99 34.25
C ALA B 1366 -48.21 -3.57 33.74
N ASN B 1367 -48.02 -2.67 34.70
CA ASN B 1367 -47.68 -1.23 34.51
C ASN B 1367 -46.50 -0.89 35.41
N LEU B 1368 -45.85 0.25 35.21
CA LEU B 1368 -44.62 0.53 36.01
C LEU B 1368 -44.69 1.85 36.78
N ASP B 1369 -45.68 2.70 36.54
CA ASP B 1369 -45.84 3.95 37.32
C ASP B 1369 -46.81 3.82 38.48
N GLN B 1370 -47.44 2.66 38.64
CA GLN B 1370 -48.37 2.42 39.77
C GLN B 1370 -48.16 1.05 40.43
N ASP B 1371 -47.27 0.19 39.90
CA ASP B 1371 -46.98 -1.14 40.47
C ASP B 1371 -45.57 -1.20 41.05
N LEU B 1372 -44.68 -0.28 40.67
CA LEU B 1372 -43.33 -0.20 41.29
C LEU B 1372 -43.38 0.43 42.68
N PRO B 1373 -44.19 1.48 42.97
CA PRO B 1373 -44.28 2.05 44.31
C PRO B 1373 -45.13 1.25 45.31
N ASN B 1374 -46.05 0.44 44.81
CA ASN B 1374 -46.99 -0.36 45.65
C ASN B 1374 -46.36 -1.70 46.08
N HIS B 1375 -45.35 -2.18 45.37
CA HIS B 1375 -44.60 -3.40 45.74
C HIS B 1375 -43.75 -3.14 47.00
N MET B 1376 -43.17 -1.95 47.08
CA MET B 1376 -42.36 -1.51 48.24
C MET B 1376 -43.23 -0.53 49.02
N GLN B 1377 -44.43 -0.93 49.43
CA GLN B 1377 -45.34 -0.02 50.19
C GLN B 1377 -44.90 0.04 51.65
N PHE B 1378 -44.43 -1.08 52.22
CA PHE B 1378 -43.96 -1.17 53.62
C PHE B 1378 -42.61 -0.47 53.72
N THR B 1379 -41.74 -0.63 52.72
CA THR B 1379 -40.41 0.03 52.75
C THR B 1379 -40.46 1.51 52.30
N ILE B 1380 -40.95 1.74 51.10
CA ILE B 1380 -41.07 3.12 50.54
C ILE B 1380 -42.50 3.58 50.73
N PRO B 1381 -42.79 4.50 51.68
CA PRO B 1381 -44.18 4.82 51.97
C PRO B 1381 -44.96 5.65 50.93
N ILE B 1382 -46.26 5.79 51.18
CA ILE B 1382 -47.17 6.59 50.33
C ILE B 1382 -47.68 7.78 51.15
#